data_4K63
#
_entry.id   4K63
#
_cell.length_a   70.555
_cell.length_b   70.555
_cell.length_c   506.295
_cell.angle_alpha   90.00
_cell.angle_beta   90.00
_cell.angle_gamma   120.00
#
_symmetry.space_group_name_H-M   'P 3'
#
loop_
_entity.id
_entity.type
_entity.pdbx_description
1 polymer Hemagglutinin
2 polymer Hemagglutinin
3 branched 'N-acetyl-alpha-neuraminic acid-(2-3)-beta-D-galactopyranose-(1-4)-2-acetamido-2-deoxy-beta-D-glucopyranose'
4 branched 'N-acetyl-alpha-neuraminic acid-(2-3)-beta-D-galactopyranose'
5 non-polymer 2-acetamido-2-deoxy-beta-D-glucopyranose
#
loop_
_entity_poly.entity_id
_entity_poly.type
_entity_poly.pdbx_seq_one_letter_code
_entity_poly.pdbx_strand_id
1 'polypeptide(L)'
;QDQICIGYHANNSTEQVDTIMEKNVTVTHAQDILEKTHNGKLCDLDGVKPLILRDCSVAGWLLGNPMCDEFINVPEWSYI
VEKANPTNDLCYPGSFNDYEELKHLLSRINHFEKIQIIPKSSWSDHEASSGVSSACPYLGSPSFFRNVVWLIKKNSTYPT
IKKSYNNTNQEDLLVLWGIHHPNDAAEQTRLYQNPTTYISIGTSTLNQRLVPKIATRSKVNGQSGRMEFFWTILKPNDAI
NFESNGNFIAPEYAYKIVKKGDSAIMKSELEYGNCNTKCQTPMGAINSSMPFHNIHPLTIGECPKYVKSNRLVLATGLRN
S
;
A,C,E,G
2 'polypeptide(L)'
;GLFGAIAGFIEGGWQGMVDGWYGYHHSNEQGSGYAADKESTQKAIDGVTNKVNSIIDKMNTQFEAVGREFNNLERRIENL
NKKMEDGFLDVWTYNAELLVLMENERTLDFHDSNVKNLYDKVRLQLRDNAKELGNGCFEFYHKCDNECMESIRNGTYNYP
QYSE
;
B,D,F,H
#
# COMPACT_ATOMS: atom_id res chain seq x y z
N GLN A 1 -7.68 1.78 2.83
CA GLN A 1 -7.95 3.02 3.54
C GLN A 1 -8.09 4.20 2.59
N ASP A 2 -8.97 5.12 2.96
CA ASP A 2 -9.26 6.31 2.16
C ASP A 2 -8.06 7.27 2.13
N GLN A 3 -7.97 8.07 1.08
CA GLN A 3 -6.96 9.12 0.99
C GLN A 3 -7.41 10.27 0.09
N ILE A 4 -6.68 11.38 0.16
CA ILE A 4 -6.98 12.58 -0.62
C ILE A 4 -5.64 13.18 -1.04
N CYS A 5 -5.59 13.75 -2.24
CA CYS A 5 -4.32 14.24 -2.77
C CYS A 5 -4.42 15.64 -3.36
N ILE A 6 -3.33 16.38 -3.25
CA ILE A 6 -3.25 17.70 -3.84
C ILE A 6 -2.32 17.64 -5.06
N GLY A 7 -2.71 18.31 -6.14
CA GLY A 7 -1.91 18.34 -7.34
C GLY A 7 -2.26 19.53 -8.19
N TYR A 8 -1.73 19.57 -9.42
CA TYR A 8 -1.99 20.68 -10.32
C TYR A 8 -2.26 20.18 -11.74
N HIS A 9 -2.77 21.07 -12.59
CA HIS A 9 -3.14 20.71 -13.96
C HIS A 9 -1.95 20.48 -14.87
N ALA A 10 -2.04 19.45 -15.71
CA ALA A 10 -1.11 19.26 -16.80
C ALA A 10 -1.94 19.03 -18.06
N ASN A 11 -1.32 19.13 -19.23
CA ASN A 11 -2.03 18.88 -20.49
C ASN A 11 -1.12 18.54 -21.67
N ASN A 12 -1.68 18.57 -22.87
CA ASN A 12 -0.93 18.25 -24.08
C ASN A 12 -0.61 19.49 -24.92
N SER A 13 0.21 20.39 -24.38
CA SER A 13 0.63 21.59 -25.11
C SER A 13 2.15 21.68 -25.17
N THR A 14 2.66 22.29 -26.24
CA THR A 14 4.11 22.41 -26.43
C THR A 14 4.57 23.86 -26.44
N GLU A 15 3.65 24.78 -26.17
CA GLU A 15 3.96 26.21 -26.19
C GLU A 15 5.03 26.57 -25.16
N GLN A 16 6.14 27.11 -25.63
CA GLN A 16 7.24 27.51 -24.75
C GLN A 16 7.20 29.01 -24.46
N VAL A 17 7.75 29.39 -23.31
CA VAL A 17 7.96 30.80 -22.98
C VAL A 17 9.38 30.97 -22.47
N ASP A 18 9.78 32.22 -22.24
CA ASP A 18 11.10 32.50 -21.70
C ASP A 18 11.00 33.34 -20.43
N THR A 19 11.85 33.04 -19.46
CA THR A 19 11.93 33.84 -18.23
C THR A 19 13.35 34.40 -18.10
N ILE A 20 13.59 35.15 -17.02
CA ILE A 20 14.92 35.75 -16.79
C ILE A 20 15.98 34.69 -16.47
N MET A 21 15.59 33.64 -15.76
CA MET A 21 16.54 32.61 -15.32
C MET A 21 16.53 31.36 -16.19
N GLU A 22 15.44 31.17 -16.94
CA GLU A 22 15.28 29.92 -17.69
C GLU A 22 14.56 30.16 -19.01
N LYS A 23 15.15 29.67 -20.09
CA LYS A 23 14.62 29.88 -21.43
C LYS A 23 13.93 28.63 -21.95
N ASN A 24 13.03 28.84 -22.91
CA ASN A 24 12.30 27.75 -23.54
C ASN A 24 11.60 26.84 -22.53
N VAL A 25 10.88 27.45 -21.60
CA VAL A 25 10.15 26.73 -20.55
C VAL A 25 8.79 26.29 -21.09
N THR A 26 8.51 24.99 -21.02
CA THR A 26 7.26 24.45 -21.55
C THR A 26 6.12 24.67 -20.55
N VAL A 27 4.96 25.06 -21.06
CA VAL A 27 3.81 25.37 -20.20
C VAL A 27 2.51 24.80 -20.78
N THR A 28 1.47 24.76 -19.95
CA THR A 28 0.19 24.19 -20.34
C THR A 28 -0.57 25.17 -21.25
N HIS A 29 -0.50 26.44 -20.91
CA HIS A 29 -1.14 27.49 -21.70
C HIS A 29 -0.22 28.70 -21.88
N ALA A 30 -0.33 29.35 -23.02
CA ALA A 30 0.50 30.50 -23.33
C ALA A 30 -0.23 31.41 -24.31
N GLN A 31 0.15 32.68 -24.36
CA GLN A 31 -0.53 33.66 -25.19
C GLN A 31 0.46 34.51 -25.99
N ASP A 32 0.42 34.35 -27.31
CA ASP A 32 1.22 35.21 -28.17
C ASP A 32 0.55 36.57 -28.19
N ILE A 33 1.37 37.62 -28.07
CA ILE A 33 0.86 38.98 -28.07
C ILE A 33 1.62 39.76 -29.14
N LEU A 34 2.21 39.04 -30.09
CA LEU A 34 3.02 39.65 -31.13
C LEU A 34 2.52 39.29 -32.51
N GLU A 35 2.00 40.27 -33.25
CA GLU A 35 1.51 40.03 -34.60
C GLU A 35 2.66 40.07 -35.60
N LYS A 36 2.79 38.99 -36.35
CA LYS A 36 3.98 38.80 -37.19
C LYS A 36 3.62 38.56 -38.65
N THR A 37 2.39 38.92 -39.04
CA THR A 37 1.91 38.61 -40.39
C THR A 37 1.16 39.78 -41.04
N HIS A 38 1.45 40.06 -42.31
CA HIS A 38 0.77 41.12 -43.04
C HIS A 38 0.24 40.57 -44.36
N ASN A 39 -0.52 41.39 -45.08
CA ASN A 39 -1.16 40.94 -46.33
C ASN A 39 -0.36 41.25 -47.58
N GLY A 40 0.68 42.08 -47.43
CA GLY A 40 1.54 42.45 -48.55
C GLY A 40 0.88 43.40 -49.53
N LYS A 41 -0.27 43.97 -49.14
CA LYS A 41 -1.00 44.89 -50.00
C LYS A 41 -1.26 46.23 -49.32
N LEU A 42 -1.32 47.29 -50.13
CA LEU A 42 -1.73 48.61 -49.67
C LEU A 42 -3.24 48.72 -49.79
N CYS A 43 -3.93 48.82 -48.66
CA CYS A 43 -5.38 48.76 -48.64
C CYS A 43 -6.00 50.14 -48.41
N ASP A 44 -7.32 50.23 -48.55
CA ASP A 44 -8.04 51.43 -48.14
C ASP A 44 -7.82 51.64 -46.65
N LEU A 45 -7.83 52.88 -46.20
CA LEU A 45 -7.68 53.15 -44.77
C LEU A 45 -9.01 53.63 -44.21
N ASP A 46 -9.69 52.73 -43.49
CA ASP A 46 -11.04 52.99 -42.98
C ASP A 46 -12.02 53.36 -44.09
N GLY A 47 -11.95 52.64 -45.21
CA GLY A 47 -12.90 52.80 -46.29
C GLY A 47 -12.50 53.81 -47.34
N VAL A 48 -11.65 54.78 -46.98
CA VAL A 48 -11.18 55.79 -47.92
C VAL A 48 -9.80 55.45 -48.51
N LYS A 49 -9.73 55.42 -49.84
CA LYS A 49 -8.53 54.99 -50.56
C LYS A 49 -7.41 56.03 -50.55
N PRO A 50 -6.15 55.58 -50.39
CA PRO A 50 -5.00 56.47 -50.43
C PRO A 50 -4.66 56.92 -51.85
N LEU A 51 -4.04 58.08 -51.98
CA LEU A 51 -3.51 58.54 -53.26
C LEU A 51 -2.15 57.90 -53.47
N ILE A 52 -2.06 57.00 -54.44
CA ILE A 52 -0.79 56.35 -54.73
C ILE A 52 -0.19 56.90 -56.03
N LEU A 53 0.85 57.72 -55.89
CA LEU A 53 1.57 58.19 -57.06
C LEU A 53 2.37 56.99 -57.53
N ARG A 54 2.32 56.69 -58.81
CA ARG A 54 2.95 55.48 -59.33
C ARG A 54 4.46 55.69 -59.37
N ASP A 55 4.95 56.23 -60.47
CA ASP A 55 6.36 56.58 -60.57
C ASP A 55 6.47 58.09 -60.47
N CYS A 56 5.41 58.72 -59.98
CA CYS A 56 5.40 60.15 -59.74
C CYS A 56 5.81 60.55 -58.33
N SER A 57 6.54 61.65 -58.23
CA SER A 57 6.84 62.27 -56.94
C SER A 57 5.81 63.34 -56.65
N VAL A 58 5.90 63.96 -55.48
CA VAL A 58 5.03 65.06 -55.13
C VAL A 58 5.30 66.26 -56.02
N ALA A 59 6.57 66.51 -56.30
CA ALA A 59 6.97 67.59 -57.20
C ALA A 59 6.34 67.42 -58.58
N GLY A 60 6.52 66.23 -59.16
CA GLY A 60 6.00 65.93 -60.49
C GLY A 60 4.49 65.98 -60.53
N TRP A 61 3.86 65.48 -59.48
CA TRP A 61 2.42 65.50 -59.37
C TRP A 61 1.90 66.95 -59.37
N LEU A 62 2.29 67.69 -58.34
CA LEU A 62 1.76 69.03 -58.10
C LEU A 62 2.13 70.04 -59.18
N LEU A 63 3.29 69.87 -59.81
CA LEU A 63 3.68 70.82 -60.83
C LEU A 63 2.98 70.51 -62.14
N GLY A 64 2.39 69.32 -62.22
CA GLY A 64 1.71 68.91 -63.43
C GLY A 64 2.72 68.44 -64.45
N ASN A 65 3.52 67.46 -64.06
CA ASN A 65 4.33 66.69 -65.00
C ASN A 65 3.38 65.98 -65.95
N PRO A 66 3.60 66.12 -67.27
CA PRO A 66 2.76 65.46 -68.27
C PRO A 66 2.70 63.94 -68.08
N MET A 67 3.85 63.35 -67.78
CA MET A 67 3.93 61.92 -67.52
C MET A 67 3.15 61.55 -66.25
N CYS A 68 2.59 62.55 -65.57
CA CYS A 68 1.80 62.36 -64.37
C CYS A 68 0.34 62.78 -64.60
N ASP A 69 -0.09 62.78 -65.86
CA ASP A 69 -1.47 63.17 -66.17
C ASP A 69 -2.52 62.22 -65.58
N GLU A 70 -2.06 61.09 -65.06
CA GLU A 70 -2.88 60.17 -64.29
C GLU A 70 -3.47 60.84 -63.05
N PHE A 71 -2.82 61.89 -62.58
CA PHE A 71 -3.24 62.52 -61.33
C PHE A 71 -3.65 63.99 -61.49
N ILE A 72 -4.12 64.37 -62.68
CA ILE A 72 -4.55 65.75 -62.91
C ILE A 72 -5.64 66.16 -61.93
N ASN A 73 -6.53 65.22 -61.62
CA ASN A 73 -7.63 65.50 -60.71
C ASN A 73 -7.80 64.45 -59.63
N VAL A 74 -7.19 64.71 -58.48
CA VAL A 74 -7.11 63.73 -57.41
C VAL A 74 -8.19 63.97 -56.35
N PRO A 75 -8.98 62.93 -56.04
CA PRO A 75 -10.04 63.01 -55.03
C PRO A 75 -9.46 62.90 -53.62
N GLU A 76 -10.31 63.08 -52.62
CA GLU A 76 -9.93 62.90 -51.21
C GLU A 76 -9.27 61.55 -50.92
N TRP A 77 -8.12 61.60 -50.25
CA TRP A 77 -7.33 60.41 -49.95
C TRP A 77 -7.11 60.25 -48.45
N SER A 78 -6.67 59.06 -48.04
CA SER A 78 -6.40 58.78 -46.64
C SER A 78 -4.94 59.08 -46.34
N TYR A 79 -4.03 58.41 -47.05
CA TYR A 79 -2.59 58.67 -46.92
C TYR A 79 -1.98 58.76 -48.33
N ILE A 80 -0.69 59.09 -48.42
CA ILE A 80 -0.08 59.22 -49.73
C ILE A 80 1.10 58.25 -49.90
N VAL A 81 1.07 57.47 -50.98
CA VAL A 81 2.14 56.51 -51.25
C VAL A 81 3.01 56.98 -52.39
N GLU A 82 4.29 57.17 -52.08
CA GLU A 82 5.29 57.55 -53.06
C GLU A 82 6.32 56.44 -53.08
N LYS A 83 6.90 56.14 -54.24
CA LYS A 83 7.96 55.16 -54.30
C LYS A 83 9.23 55.76 -53.74
N ALA A 84 10.21 54.90 -53.46
CA ALA A 84 11.51 55.37 -52.98
C ALA A 84 12.15 56.27 -54.02
N ASN A 85 12.18 55.79 -55.26
CA ASN A 85 12.77 56.53 -56.36
C ASN A 85 11.81 56.69 -57.53
N PRO A 86 10.93 57.70 -57.46
CA PRO A 86 10.01 58.04 -58.55
C PRO A 86 10.79 58.41 -59.81
N THR A 87 10.46 57.80 -60.95
CA THR A 87 11.20 58.10 -62.17
C THR A 87 10.79 59.47 -62.70
N ASN A 88 9.52 59.80 -62.53
CA ASN A 88 8.98 61.08 -63.00
C ASN A 88 8.87 62.16 -61.90
N ASP A 89 9.82 63.07 -61.90
CA ASP A 89 9.93 64.12 -60.90
C ASP A 89 10.03 65.46 -61.61
N LEU A 90 11.22 66.04 -61.65
CA LEU A 90 11.41 67.30 -62.38
C LEU A 90 11.92 67.03 -63.78
N CYS A 91 11.00 66.69 -64.69
CA CYS A 91 11.32 66.42 -66.08
C CYS A 91 12.26 67.48 -66.67
N TYR A 92 12.02 68.75 -66.34
CA TYR A 92 12.98 69.80 -66.70
C TYR A 92 13.84 70.08 -65.46
N PRO A 93 15.16 70.01 -65.63
CA PRO A 93 16.09 70.04 -64.48
C PRO A 93 15.96 71.31 -63.63
N GLY A 94 16.32 71.19 -62.36
CA GLY A 94 16.27 72.32 -61.46
C GLY A 94 15.89 71.91 -60.05
N SER A 95 15.20 72.79 -59.33
CA SER A 95 14.93 72.56 -57.92
C SER A 95 13.52 72.97 -57.44
N PHE A 96 13.20 72.56 -56.22
CA PHE A 96 11.93 72.87 -55.56
C PHE A 96 12.24 73.34 -54.14
N ASN A 97 12.10 74.65 -53.91
CA ASN A 97 12.40 75.24 -52.61
C ASN A 97 11.51 74.73 -51.48
N ASP A 98 12.14 74.31 -50.37
CA ASP A 98 11.45 73.82 -49.17
C ASP A 98 10.52 72.67 -49.51
N TYR A 99 10.98 71.79 -50.40
CA TYR A 99 10.25 70.62 -50.87
C TYR A 99 9.83 69.74 -49.71
N GLU A 100 10.79 69.42 -48.86
CA GLU A 100 10.52 68.54 -47.72
C GLU A 100 9.49 69.20 -46.80
N GLU A 101 9.62 70.51 -46.61
CA GLU A 101 8.69 71.27 -45.78
C GLU A 101 7.27 71.26 -46.33
N LEU A 102 7.12 71.18 -47.65
CA LEU A 102 5.81 71.04 -48.27
C LEU A 102 5.24 69.64 -48.11
N LYS A 103 6.10 68.64 -48.34
CA LYS A 103 5.72 67.25 -48.11
C LYS A 103 5.19 67.10 -46.68
N HIS A 104 5.81 67.81 -45.75
CA HIS A 104 5.35 67.80 -44.37
C HIS A 104 3.95 68.39 -44.23
N LEU A 105 3.67 69.44 -45.01
CA LEU A 105 2.35 70.03 -45.05
C LEU A 105 1.32 69.04 -45.53
N LEU A 106 1.71 68.19 -46.48
CA LEU A 106 0.77 67.21 -47.03
C LEU A 106 0.25 66.24 -45.98
N SER A 107 1.02 66.06 -44.91
CA SER A 107 0.64 65.17 -43.82
C SER A 107 -0.57 65.66 -43.02
N ARG A 108 -0.98 66.90 -43.27
CA ARG A 108 -2.14 67.45 -42.57
C ARG A 108 -3.24 67.82 -43.56
N ILE A 109 -3.21 67.21 -44.75
CA ILE A 109 -4.17 67.55 -45.80
C ILE A 109 -4.72 66.28 -46.45
N ASN A 110 -6.04 66.24 -46.66
CA ASN A 110 -6.69 65.06 -47.24
C ASN A 110 -7.24 65.33 -48.65
N HIS A 111 -7.34 66.60 -49.03
CA HIS A 111 -7.90 66.93 -50.35
C HIS A 111 -7.57 68.34 -50.86
N PHE A 112 -6.91 68.39 -52.01
CA PHE A 112 -6.79 69.62 -52.78
C PHE A 112 -7.88 69.61 -53.84
N GLU A 113 -8.37 70.77 -54.23
CA GLU A 113 -9.11 70.85 -55.49
C GLU A 113 -8.48 71.92 -56.38
N LYS A 114 -7.97 71.46 -57.52
CA LYS A 114 -7.28 72.32 -58.46
C LYS A 114 -8.26 73.28 -59.09
N ILE A 115 -7.88 74.56 -59.16
CA ILE A 115 -8.69 75.56 -59.83
C ILE A 115 -7.78 76.51 -60.61
N GLN A 116 -8.25 76.91 -61.79
CA GLN A 116 -7.54 77.84 -62.64
C GLN A 116 -7.67 79.22 -62.03
N ILE A 117 -6.55 79.78 -61.58
CA ILE A 117 -6.56 81.11 -60.98
C ILE A 117 -6.04 82.14 -61.98
N ILE A 118 -5.31 81.66 -62.98
CA ILE A 118 -4.82 82.48 -64.09
C ILE A 118 -4.94 81.69 -65.39
N PRO A 119 -5.97 82.02 -66.18
CA PRO A 119 -6.17 81.42 -67.51
C PRO A 119 -5.03 81.70 -68.49
N LYS A 120 -4.62 80.68 -69.23
CA LYS A 120 -3.55 80.79 -70.19
C LYS A 120 -3.87 81.80 -71.29
N SER A 121 -5.17 82.04 -71.51
CA SER A 121 -5.63 82.93 -72.56
C SER A 121 -5.43 84.40 -72.22
N SER A 122 -5.12 84.68 -70.96
CA SER A 122 -5.10 86.06 -70.48
C SER A 122 -3.82 86.84 -70.81
N TRP A 123 -2.82 86.16 -71.35
CA TRP A 123 -1.53 86.78 -71.64
C TRP A 123 -1.45 87.45 -73.02
N SER A 124 -2.27 88.47 -73.22
CA SER A 124 -2.36 89.21 -74.48
C SER A 124 -1.02 89.70 -75.02
N ASP A 125 -0.15 90.16 -74.14
CA ASP A 125 1.06 90.85 -74.55
C ASP A 125 2.29 89.95 -74.45
N HIS A 126 2.07 88.65 -74.32
CA HIS A 126 3.18 87.69 -74.25
C HIS A 126 2.81 86.37 -74.93
N GLU A 127 3.80 85.50 -75.10
CA GLU A 127 3.55 84.13 -75.56
C GLU A 127 3.46 83.15 -74.40
N ALA A 128 2.32 82.46 -74.31
CA ALA A 128 2.10 81.49 -73.26
C ALA A 128 1.87 80.11 -73.86
N SER A 129 2.02 80.03 -75.18
CA SER A 129 1.74 78.81 -75.91
C SER A 129 2.99 78.21 -76.55
N SER A 130 4.15 78.78 -76.20
CA SER A 130 5.42 78.32 -76.73
C SER A 130 6.37 77.94 -75.60
N GLY A 131 5.82 77.81 -74.40
CA GLY A 131 6.65 77.44 -73.26
C GLY A 131 6.79 75.95 -73.15
N VAL A 132 7.55 75.37 -74.07
CA VAL A 132 7.75 73.93 -74.12
C VAL A 132 9.22 73.55 -74.13
N SER A 133 9.49 72.27 -73.86
CA SER A 133 10.84 71.71 -73.91
C SER A 133 10.77 70.23 -74.24
N SER A 134 11.85 69.73 -74.82
CA SER A 134 12.00 68.31 -75.10
C SER A 134 12.41 67.53 -73.84
N ALA A 135 12.63 68.25 -72.75
CA ALA A 135 13.01 67.61 -71.51
C ALA A 135 11.75 67.08 -70.86
N CYS A 136 10.62 67.64 -71.27
CA CYS A 136 9.33 67.15 -70.80
C CYS A 136 8.48 66.75 -72.00
N PRO A 137 8.83 65.63 -72.64
CA PRO A 137 7.99 65.23 -73.77
C PRO A 137 6.69 64.60 -73.28
N TYR A 138 5.57 65.04 -73.85
CA TYR A 138 4.31 64.32 -73.72
C TYR A 138 3.94 63.76 -75.07
N LEU A 139 3.76 62.44 -75.13
CA LEU A 139 3.45 61.72 -76.38
C LEU A 139 4.39 62.12 -77.53
N GLY A 140 5.68 62.13 -77.24
CA GLY A 140 6.69 62.30 -78.28
C GLY A 140 6.78 63.69 -78.87
N SER A 141 6.24 64.68 -78.18
CA SER A 141 6.36 66.07 -78.60
C SER A 141 6.71 66.95 -77.41
N PRO A 142 7.61 67.94 -77.62
CA PRO A 142 8.08 68.77 -76.51
C PRO A 142 6.94 69.42 -75.76
N SER A 143 6.89 69.23 -74.45
CA SER A 143 5.80 69.78 -73.64
C SER A 143 6.36 70.43 -72.38
N PHE A 144 5.55 70.56 -71.35
CA PHE A 144 6.01 71.20 -70.12
C PHE A 144 5.05 70.94 -68.97
N PHE A 145 5.37 71.47 -67.80
CA PHE A 145 4.49 71.41 -66.64
C PHE A 145 3.15 72.12 -66.88
N ARG A 146 2.05 71.44 -66.55
CA ARG A 146 0.71 71.91 -66.89
C ARG A 146 0.20 73.01 -65.97
N ASN A 147 0.50 72.88 -64.68
CA ASN A 147 0.00 73.81 -63.67
C ASN A 147 0.61 75.20 -63.76
N VAL A 148 1.73 75.31 -64.47
CA VAL A 148 2.38 76.61 -64.63
C VAL A 148 2.60 76.89 -66.11
N VAL A 149 2.91 78.14 -66.44
CA VAL A 149 3.07 78.52 -67.85
C VAL A 149 4.37 79.28 -68.06
N TRP A 150 5.14 78.83 -69.04
CA TRP A 150 6.45 79.38 -69.34
C TRP A 150 6.33 80.49 -70.38
N LEU A 151 6.19 81.71 -69.91
CA LEU A 151 6.02 82.85 -70.80
C LEU A 151 7.32 83.19 -71.51
N ILE A 152 7.22 83.58 -72.77
CA ILE A 152 8.36 84.11 -73.50
C ILE A 152 7.92 85.31 -74.30
N LYS A 153 8.89 86.02 -74.87
CA LYS A 153 8.63 87.31 -75.52
C LYS A 153 7.68 87.19 -76.71
N LYS A 154 7.02 88.29 -77.04
CA LYS A 154 6.10 88.36 -78.17
C LYS A 154 6.45 89.57 -79.03
N ASN A 155 6.68 89.33 -80.32
CA ASN A 155 7.09 90.38 -81.25
C ASN A 155 8.37 91.07 -80.78
N SER A 156 9.39 90.27 -80.45
CA SER A 156 10.69 90.76 -80.02
C SER A 156 10.64 91.77 -78.87
N THR A 157 9.78 91.51 -77.87
CA THR A 157 9.62 92.43 -76.74
C THR A 157 8.93 91.75 -75.55
N TYR A 158 9.55 91.81 -74.38
CA TYR A 158 8.99 91.24 -73.16
C TYR A 158 8.69 92.34 -72.15
N PRO A 159 7.48 92.90 -72.21
CA PRO A 159 7.04 93.99 -71.33
C PRO A 159 6.96 93.54 -69.89
N THR A 160 7.06 94.48 -68.94
CA THR A 160 6.99 94.13 -67.53
C THR A 160 5.56 93.70 -67.18
N ILE A 161 5.47 92.66 -66.35
CA ILE A 161 4.18 92.06 -65.99
C ILE A 161 3.81 92.46 -64.57
N LYS A 162 2.54 92.84 -64.38
CA LYS A 162 2.03 93.18 -63.06
C LYS A 162 0.74 92.41 -62.86
N LYS A 163 0.89 91.13 -62.50
CA LYS A 163 -0.28 90.26 -62.36
C LYS A 163 -0.51 89.94 -60.90
N SER A 164 -1.76 89.96 -60.46
CA SER A 164 -2.07 89.70 -59.07
C SER A 164 -3.29 88.80 -58.91
N TYR A 165 -3.40 88.14 -57.76
CA TYR A 165 -4.57 87.32 -57.50
C TYR A 165 -5.02 87.43 -56.05
N ASN A 166 -6.28 87.84 -55.86
CA ASN A 166 -6.90 87.95 -54.54
C ASN A 166 -7.65 86.67 -54.23
N ASN A 167 -7.20 85.95 -53.21
CA ASN A 167 -7.89 84.73 -52.78
C ASN A 167 -9.23 85.08 -52.18
N THR A 168 -10.27 85.08 -53.01
CA THR A 168 -11.61 85.43 -52.55
C THR A 168 -12.29 84.23 -51.89
N ASN A 169 -11.72 83.05 -52.11
CA ASN A 169 -12.21 81.81 -51.52
C ASN A 169 -12.11 81.82 -50.00
N GLN A 170 -12.78 80.86 -49.36
CA GLN A 170 -12.69 80.71 -47.91
C GLN A 170 -11.66 79.65 -47.55
N GLU A 171 -10.97 79.15 -48.56
CA GLU A 171 -9.95 78.12 -48.35
C GLU A 171 -8.53 78.64 -48.54
N ASP A 172 -7.58 77.97 -47.90
CA ASP A 172 -6.16 78.23 -48.10
C ASP A 172 -5.75 77.78 -49.51
N LEU A 173 -4.82 78.51 -50.11
CA LEU A 173 -4.39 78.23 -51.48
C LEU A 173 -2.91 77.90 -51.54
N LEU A 174 -2.57 76.73 -52.05
CA LEU A 174 -1.18 76.42 -52.36
C LEU A 174 -0.87 77.00 -53.74
N VAL A 175 -0.02 78.02 -53.77
CA VAL A 175 0.33 78.66 -55.03
C VAL A 175 1.80 78.39 -55.37
N LEU A 176 2.02 77.99 -56.62
CA LEU A 176 3.34 77.59 -57.10
C LEU A 176 3.74 78.46 -58.28
N TRP A 177 5.02 78.79 -58.36
CA TRP A 177 5.54 79.53 -59.52
C TRP A 177 7.00 79.17 -59.69
N GLY A 178 7.70 79.80 -60.63
CA GLY A 178 9.08 79.48 -60.84
C GLY A 178 9.88 80.51 -61.58
N ILE A 179 11.18 80.24 -61.72
CA ILE A 179 12.08 81.12 -62.44
C ILE A 179 12.92 80.23 -63.35
N HIS A 180 13.21 80.73 -64.53
CA HIS A 180 14.05 80.02 -65.46
C HIS A 180 15.46 80.59 -65.46
N HIS A 181 16.42 79.74 -65.10
CA HIS A 181 17.82 80.09 -65.20
C HIS A 181 18.37 79.58 -66.53
N PRO A 182 18.68 80.52 -67.44
CA PRO A 182 19.27 80.16 -68.75
C PRO A 182 20.75 79.85 -68.61
N ASN A 183 21.40 79.42 -69.70
CA ASN A 183 22.79 78.99 -69.62
C ASN A 183 23.74 79.93 -70.33
N ASP A 184 23.19 80.87 -71.09
CA ASP A 184 23.94 82.01 -71.62
C ASP A 184 23.08 83.25 -71.85
N ALA A 185 23.73 84.41 -71.90
CA ALA A 185 23.05 85.69 -72.08
C ALA A 185 22.26 85.76 -73.39
N ALA A 186 22.79 85.13 -74.43
CA ALA A 186 22.13 85.11 -75.73
C ALA A 186 20.75 84.47 -75.62
N GLU A 187 20.67 83.37 -74.87
CA GLU A 187 19.40 82.69 -74.58
C GLU A 187 18.44 83.55 -73.76
N GLN A 188 18.98 84.20 -72.73
CA GLN A 188 18.21 85.13 -71.92
C GLN A 188 17.52 86.19 -72.76
N THR A 189 18.30 86.80 -73.66
CA THR A 189 17.76 87.79 -74.59
C THR A 189 16.76 87.17 -75.57
N ARG A 190 17.09 85.98 -76.05
CA ARG A 190 16.28 85.27 -77.04
C ARG A 190 14.87 85.01 -76.55
N LEU A 191 14.76 84.62 -75.28
CA LEU A 191 13.46 84.25 -74.72
C LEU A 191 12.73 85.47 -74.14
N TYR A 192 13.48 86.34 -73.45
CA TYR A 192 12.89 87.50 -72.77
C TYR A 192 13.77 88.73 -72.97
N GLN A 193 13.61 89.40 -74.12
CA GLN A 193 14.43 90.55 -74.55
C GLN A 193 15.28 91.27 -73.50
N ASN A 194 14.66 91.55 -72.36
CA ASN A 194 15.35 92.23 -71.26
C ASN A 194 16.52 91.42 -70.70
N PRO A 195 17.71 92.02 -70.71
CA PRO A 195 18.94 91.35 -70.27
C PRO A 195 19.00 91.16 -68.75
N THR A 196 18.48 92.13 -68.02
CA THR A 196 18.55 92.09 -66.56
C THR A 196 17.14 91.94 -66.02
N THR A 197 16.75 90.71 -65.67
CA THR A 197 15.37 90.46 -65.26
C THR A 197 15.23 90.06 -63.80
N TYR A 198 13.98 89.95 -63.35
CA TYR A 198 13.66 89.66 -61.96
C TYR A 198 12.21 89.23 -61.86
N ILE A 199 11.81 88.69 -60.71
CA ILE A 199 10.42 88.44 -60.40
C ILE A 199 10.18 88.78 -58.93
N SER A 200 9.41 89.84 -58.68
CA SER A 200 9.04 90.23 -57.32
C SER A 200 7.69 89.62 -56.97
N ILE A 201 7.58 89.10 -55.75
CA ILE A 201 6.38 88.46 -55.27
C ILE A 201 6.05 88.93 -53.86
N GLY A 202 4.84 89.43 -53.66
CA GLY A 202 4.44 89.90 -52.34
C GLY A 202 3.06 89.45 -51.89
N THR A 203 2.95 89.16 -50.59
CA THR A 203 1.65 88.91 -49.94
C THR A 203 1.63 89.72 -48.66
N SER A 204 0.92 89.22 -47.64
CA SER A 204 0.87 89.88 -46.34
C SER A 204 2.16 89.68 -45.58
N THR A 205 2.76 88.53 -45.82
CA THR A 205 3.92 88.08 -45.08
C THR A 205 5.07 87.82 -46.04
N LEU A 206 4.76 87.70 -47.33
CA LEU A 206 5.78 87.33 -48.31
C LEU A 206 6.31 88.56 -49.00
N ASN A 207 7.63 88.61 -49.16
CA ASN A 207 8.31 89.77 -49.72
C ASN A 207 9.61 89.32 -50.35
N GLN A 208 9.55 88.74 -51.55
CA GLN A 208 10.77 88.21 -52.15
C GLN A 208 11.01 88.69 -53.58
N ARG A 209 12.27 88.68 -53.97
CA ARG A 209 12.65 89.24 -55.26
C ARG A 209 13.68 88.32 -55.91
N LEU A 210 13.21 87.44 -56.80
CA LEU A 210 14.10 86.49 -57.43
C LEU A 210 14.79 87.16 -58.60
N VAL A 211 16.04 86.77 -58.84
CA VAL A 211 16.74 87.16 -60.06
C VAL A 211 17.35 85.91 -60.68
N PRO A 212 17.35 85.82 -62.02
CA PRO A 212 17.89 84.59 -62.62
C PRO A 212 19.40 84.47 -62.47
N LYS A 213 19.87 83.23 -62.42
CA LYS A 213 21.29 82.95 -62.27
C LYS A 213 21.80 82.31 -63.55
N ILE A 214 22.35 83.14 -64.44
CA ILE A 214 22.97 82.64 -65.65
C ILE A 214 24.31 82.02 -65.28
N ALA A 215 24.53 80.80 -65.75
CA ALA A 215 25.69 80.00 -65.35
C ALA A 215 25.85 78.81 -66.29
N THR A 216 27.07 78.32 -66.47
CA THR A 216 27.31 77.17 -67.33
C THR A 216 27.19 75.89 -66.51
N ARG A 217 26.24 75.04 -66.87
CA ARG A 217 25.96 73.79 -66.15
C ARG A 217 25.87 72.63 -67.13
N SER A 218 25.96 71.41 -66.62
CA SER A 218 25.88 70.23 -67.47
C SER A 218 24.44 69.90 -67.87
N LYS A 219 24.30 68.96 -68.80
CA LYS A 219 23.00 68.59 -69.31
C LYS A 219 22.31 67.54 -68.45
N VAL A 220 21.09 67.87 -68.03
CA VAL A 220 20.18 66.91 -67.44
C VAL A 220 18.98 66.86 -68.37
N ASN A 221 18.60 65.64 -68.77
CA ASN A 221 17.60 65.43 -69.81
C ASN A 221 17.77 66.31 -71.05
N GLY A 222 19.03 66.46 -71.48
CA GLY A 222 19.34 67.17 -72.71
C GLY A 222 19.31 68.70 -72.64
N GLN A 223 19.18 69.25 -71.44
CA GLN A 223 19.13 70.70 -71.29
C GLN A 223 20.14 71.19 -70.24
N SER A 224 20.85 72.26 -70.55
CA SER A 224 21.75 72.89 -69.59
C SER A 224 21.07 74.00 -68.80
N GLY A 225 19.82 74.32 -69.16
CA GLY A 225 19.02 75.29 -68.42
C GLY A 225 18.38 74.69 -67.18
N ARG A 226 17.94 75.54 -66.26
CA ARG A 226 17.33 75.05 -65.01
C ARG A 226 16.03 75.76 -64.67
N MET A 227 15.11 75.05 -64.00
CA MET A 227 13.91 75.68 -63.47
C MET A 227 13.91 75.60 -61.95
N GLU A 228 13.69 76.72 -61.29
CA GLU A 228 13.59 76.69 -59.84
C GLU A 228 12.19 77.11 -59.41
N PHE A 229 11.52 76.23 -58.69
CA PHE A 229 10.13 76.47 -58.31
C PHE A 229 9.97 76.90 -56.87
N PHE A 230 9.05 77.83 -56.63
CA PHE A 230 8.80 78.32 -55.28
C PHE A 230 7.32 78.17 -55.00
N TRP A 231 6.97 78.17 -53.72
CA TRP A 231 5.58 78.02 -53.33
C TRP A 231 5.23 78.87 -52.12
N THR A 232 3.93 78.96 -51.84
CA THR A 232 3.47 79.64 -50.65
C THR A 232 2.03 79.22 -50.38
N ILE A 233 1.56 79.47 -49.17
CA ILE A 233 0.17 79.18 -48.83
C ILE A 233 -0.61 80.48 -48.63
N LEU A 234 -1.41 80.83 -49.63
CA LEU A 234 -2.24 82.03 -49.59
C LEU A 234 -3.44 81.88 -48.67
N LYS A 235 -3.55 82.78 -47.70
CA LYS A 235 -4.70 82.81 -46.82
C LYS A 235 -5.94 83.31 -47.57
N PRO A 236 -7.13 82.95 -47.08
CA PRO A 236 -8.35 83.53 -47.66
C PRO A 236 -8.36 85.05 -47.47
N ASN A 237 -8.72 85.77 -48.53
CA ASN A 237 -8.76 87.24 -48.57
C ASN A 237 -7.40 87.91 -48.73
N ASP A 238 -6.34 87.10 -48.64
CA ASP A 238 -5.00 87.57 -48.93
C ASP A 238 -4.77 87.55 -50.43
N ALA A 239 -3.82 88.36 -50.91
CA ALA A 239 -3.54 88.42 -52.34
C ALA A 239 -2.06 88.27 -52.62
N ILE A 240 -1.74 87.73 -53.80
CA ILE A 240 -0.36 87.53 -54.21
C ILE A 240 -0.05 88.44 -55.41
N ASN A 241 1.13 89.04 -55.40
CA ASN A 241 1.48 90.04 -56.40
C ASN A 241 2.79 89.76 -57.10
N PHE A 242 2.71 89.62 -58.42
CA PHE A 242 3.84 89.31 -59.27
C PHE A 242 4.19 90.51 -60.13
N GLU A 243 5.47 90.89 -60.12
CA GLU A 243 5.97 91.86 -61.08
C GLU A 243 7.26 91.31 -61.70
N SER A 244 7.29 91.19 -63.03
CA SER A 244 8.47 90.62 -63.66
C SER A 244 8.76 91.07 -65.08
N ASN A 245 10.04 91.25 -65.40
CA ASN A 245 10.43 91.60 -66.75
C ASN A 245 11.17 90.46 -67.46
N GLY A 246 11.02 89.23 -66.95
CA GLY A 246 11.60 88.07 -67.59
C GLY A 246 11.70 86.78 -66.76
N ASN A 247 12.16 85.71 -67.41
CA ASN A 247 12.44 84.42 -66.77
C ASN A 247 11.34 83.92 -65.82
N PHE A 248 10.11 84.35 -66.05
CA PHE A 248 9.02 84.07 -65.11
C PHE A 248 8.16 82.92 -65.55
N ILE A 249 8.16 81.85 -64.76
CA ILE A 249 7.34 80.69 -64.99
C ILE A 249 6.09 80.88 -64.12
N ALA A 250 5.02 81.40 -64.71
CA ALA A 250 3.85 81.88 -63.95
C ALA A 250 2.92 80.77 -63.46
N PRO A 251 2.20 81.03 -62.36
CA PRO A 251 1.18 80.06 -61.95
C PRO A 251 0.01 80.06 -62.93
N GLU A 252 -0.77 78.99 -62.94
CA GLU A 252 -1.97 78.93 -63.76
C GLU A 252 -3.06 78.22 -62.96
N TYR A 253 -2.70 77.06 -62.41
CA TYR A 253 -3.59 76.30 -61.55
C TYR A 253 -3.07 76.27 -60.12
N ALA A 254 -3.95 76.43 -59.15
CA ALA A 254 -3.55 76.40 -57.77
C ALA A 254 -4.46 75.42 -57.06
N TYR A 255 -4.10 75.04 -55.85
CA TYR A 255 -4.80 73.96 -55.15
C TYR A 255 -5.51 74.47 -53.91
N LYS A 256 -6.82 74.26 -53.83
CA LYS A 256 -7.57 74.64 -52.64
C LYS A 256 -7.49 73.53 -51.60
N ILE A 257 -6.92 73.83 -50.43
CA ILE A 257 -6.89 72.87 -49.33
C ILE A 257 -8.27 72.85 -48.72
N VAL A 258 -9.12 71.92 -49.17
CA VAL A 258 -10.52 71.92 -48.76
C VAL A 258 -10.80 70.90 -47.68
N LYS A 259 -9.81 70.09 -47.34
CA LYS A 259 -9.97 69.08 -46.31
C LYS A 259 -8.66 68.77 -45.61
N LYS A 260 -8.52 69.34 -44.41
CA LYS A 260 -7.34 69.13 -43.59
C LYS A 260 -7.53 67.87 -42.73
N GLY A 261 -6.51 67.50 -41.98
CA GLY A 261 -6.65 66.41 -41.04
C GLY A 261 -5.44 65.51 -40.99
N ASP A 262 -5.44 64.57 -40.05
CA ASP A 262 -4.33 63.65 -39.90
C ASP A 262 -4.23 62.72 -41.11
N SER A 263 -3.20 62.94 -41.91
CA SER A 263 -2.88 62.11 -43.05
C SER A 263 -1.43 61.63 -42.89
N ALA A 264 -0.79 61.21 -43.98
CA ALA A 264 0.61 60.85 -43.93
C ALA A 264 1.17 60.65 -45.34
N ILE A 265 2.49 60.56 -45.45
CA ILE A 265 3.12 60.20 -46.72
C ILE A 265 3.97 58.95 -46.53
N MET A 266 3.56 57.88 -47.21
CA MET A 266 4.28 56.63 -47.15
C MET A 266 5.28 56.47 -48.29
N LYS A 267 6.42 55.89 -47.96
CA LYS A 267 7.34 55.43 -48.98
C LYS A 267 7.15 53.94 -49.13
N SER A 268 6.80 53.50 -50.34
CA SER A 268 6.57 52.07 -50.60
C SER A 268 6.59 51.75 -52.08
N GLU A 269 7.20 50.62 -52.41
CA GLU A 269 7.26 50.15 -53.78
C GLU A 269 5.99 49.39 -54.14
N LEU A 270 5.21 49.05 -53.11
CA LEU A 270 3.98 48.29 -53.29
C LEU A 270 2.94 49.10 -54.04
N GLU A 271 2.04 48.41 -54.75
CA GLU A 271 0.94 49.10 -55.40
C GLU A 271 -0.38 48.73 -54.74
N TYR A 272 -1.45 49.37 -55.19
CA TYR A 272 -2.77 49.19 -54.58
C TYR A 272 -3.35 47.81 -54.79
N GLY A 273 -3.54 47.08 -53.70
CA GLY A 273 -4.38 45.89 -53.73
C GLY A 273 -5.79 46.41 -53.50
N ASN A 274 -6.80 45.61 -53.83
CA ASN A 274 -8.18 46.04 -53.59
C ASN A 274 -8.70 45.56 -52.24
N CYS A 275 -8.22 46.20 -51.18
CA CYS A 275 -8.56 45.78 -49.82
C CYS A 275 -8.96 46.95 -48.94
N ASN A 276 -9.15 46.67 -47.65
CA ASN A 276 -9.51 47.68 -46.67
C ASN A 276 -8.94 47.31 -45.30
N THR A 277 -8.39 48.29 -44.59
CA THR A 277 -7.78 48.01 -43.29
C THR A 277 -7.99 49.14 -42.31
N LYS A 278 -7.69 48.88 -41.04
CA LYS A 278 -7.70 49.92 -40.01
C LYS A 278 -6.26 50.26 -39.64
N CYS A 279 -5.32 49.50 -40.21
CA CYS A 279 -3.90 49.67 -39.94
C CYS A 279 -3.08 49.31 -41.17
N GLN A 280 -2.18 50.21 -41.55
CA GLN A 280 -1.41 50.06 -42.78
C GLN A 280 0.07 50.33 -42.55
N THR A 281 0.91 49.44 -43.07
CA THR A 281 2.36 49.61 -43.05
C THR A 281 2.82 49.74 -44.50
N PRO A 282 4.07 50.19 -44.73
CA PRO A 282 4.50 50.34 -46.12
C PRO A 282 4.70 49.01 -46.82
N MET A 283 4.77 47.92 -46.05
CA MET A 283 5.00 46.60 -46.61
C MET A 283 3.80 45.66 -46.47
N GLY A 284 2.69 46.16 -45.93
CA GLY A 284 1.47 45.38 -45.83
C GLY A 284 0.53 45.90 -44.76
N ALA A 285 -0.75 45.52 -44.85
CA ALA A 285 -1.73 45.99 -43.88
C ALA A 285 -1.85 44.97 -42.76
N ILE A 286 -2.45 45.36 -41.64
CA ILE A 286 -2.57 44.47 -40.50
C ILE A 286 -4.02 44.32 -40.03
N ASN A 287 -4.43 43.08 -39.80
CA ASN A 287 -5.73 42.79 -39.19
C ASN A 287 -5.50 41.85 -38.02
N SER A 288 -5.43 42.43 -36.83
CA SER A 288 -5.08 41.69 -35.62
C SER A 288 -5.62 42.35 -34.37
N SER A 289 -5.84 41.56 -33.33
CA SER A 289 -6.24 42.08 -32.04
C SER A 289 -4.99 42.14 -31.15
N MET A 290 -3.91 41.56 -31.68
CA MET A 290 -2.59 41.56 -31.04
C MET A 290 -2.17 42.98 -30.67
N PRO A 291 -1.55 43.16 -29.49
CA PRO A 291 -1.13 44.49 -29.04
C PRO A 291 0.22 44.92 -29.63
N PHE A 292 0.98 43.96 -30.14
CA PHE A 292 2.30 44.25 -30.69
C PHE A 292 2.46 43.71 -32.11
N HIS A 293 3.49 44.18 -32.79
CA HIS A 293 3.86 43.66 -34.09
C HIS A 293 5.32 44.00 -34.39
N ASN A 294 5.88 43.35 -35.40
CA ASN A 294 7.29 43.55 -35.75
C ASN A 294 7.46 43.68 -37.25
N ILE A 295 6.52 44.38 -37.88
CA ILE A 295 6.49 44.52 -39.33
C ILE A 295 7.23 45.77 -39.83
N HIS A 296 6.82 46.93 -39.35
CA HIS A 296 7.44 48.18 -39.79
C HIS A 296 7.17 49.27 -38.76
N PRO A 297 8.17 50.15 -38.55
CA PRO A 297 8.00 51.28 -37.62
C PRO A 297 6.93 52.23 -38.12
N LEU A 298 7.13 52.73 -39.34
CA LEU A 298 6.23 53.71 -39.93
C LEU A 298 4.86 53.07 -40.13
N THR A 299 3.95 53.31 -39.19
CA THR A 299 2.64 52.69 -39.23
C THR A 299 1.56 53.79 -39.24
N ILE A 300 0.46 53.53 -39.94
CA ILE A 300 -0.66 54.49 -39.97
C ILE A 300 -1.99 53.81 -39.68
N GLY A 301 -2.87 54.49 -38.94
CA GLY A 301 -4.19 53.96 -38.68
C GLY A 301 -4.41 53.56 -37.23
N GLU A 302 -5.37 52.67 -37.03
CA GLU A 302 -5.68 52.14 -35.72
C GLU A 302 -4.82 50.88 -35.57
N CYS A 303 -3.62 51.04 -35.02
CA CYS A 303 -2.62 49.96 -35.07
C CYS A 303 -2.05 49.51 -33.74
N PRO A 304 -1.59 48.25 -33.68
CA PRO A 304 -0.74 47.72 -32.60
C PRO A 304 0.60 48.45 -32.53
N LYS A 305 1.32 48.26 -31.44
CA LYS A 305 2.59 48.95 -31.23
C LYS A 305 3.76 48.15 -31.81
N TYR A 306 4.60 48.81 -32.62
CA TYR A 306 5.73 48.13 -33.26
C TYR A 306 6.84 47.84 -32.26
N VAL A 307 7.48 46.68 -32.42
CA VAL A 307 8.55 46.23 -31.53
C VAL A 307 9.55 45.41 -32.32
N LYS A 308 10.83 45.51 -31.99
CA LYS A 308 11.89 44.88 -32.77
C LYS A 308 11.97 43.36 -32.62
N SER A 309 11.38 42.83 -31.56
CA SER A 309 11.47 41.41 -31.24
C SER A 309 11.04 40.47 -32.36
N ASN A 310 11.63 39.28 -32.36
CA ASN A 310 11.23 38.24 -33.30
C ASN A 310 10.17 37.35 -32.65
N ARG A 311 10.17 37.33 -31.32
CA ARG A 311 9.26 36.47 -30.58
C ARG A 311 8.92 37.02 -29.19
N LEU A 312 7.63 37.22 -28.94
CA LEU A 312 7.12 37.62 -27.63
C LEU A 312 5.93 36.77 -27.24
N VAL A 313 6.13 35.88 -26.26
CA VAL A 313 5.04 35.03 -25.77
C VAL A 313 4.90 35.21 -24.27
N LEU A 314 3.67 35.42 -23.82
CA LEU A 314 3.41 35.65 -22.40
C LEU A 314 2.84 34.37 -21.79
N ALA A 315 3.32 34.00 -20.60
CA ALA A 315 2.92 32.76 -19.97
C ALA A 315 1.59 32.87 -19.23
N THR A 316 0.57 32.16 -19.73
CA THR A 316 -0.74 32.12 -19.08
C THR A 316 -0.88 30.88 -18.21
N GLY A 317 -0.46 29.74 -18.74
CA GLY A 317 -0.57 28.47 -18.02
C GLY A 317 0.61 28.24 -17.09
N LEU A 318 0.63 27.08 -16.43
CA LEU A 318 1.70 26.75 -15.51
C LEU A 318 2.70 25.77 -16.10
N ARG A 319 3.65 25.32 -15.29
CA ARG A 319 4.75 24.47 -15.78
C ARG A 319 4.22 23.07 -16.12
N ASN A 320 4.53 22.59 -17.32
CA ASN A 320 4.05 21.28 -17.76
C ASN A 320 5.18 20.30 -18.02
N SER A 321 4.83 19.02 -18.18
CA SER A 321 5.80 17.97 -18.47
C SER A 321 5.13 16.76 -19.12
N GLY B 1 11.32 25.62 -9.65
CA GLY B 1 10.21 25.95 -8.77
C GLY B 1 10.66 26.67 -7.52
N LEU B 2 10.20 27.90 -7.34
CA LEU B 2 10.59 28.72 -6.20
C LEU B 2 10.13 28.15 -4.85
N PHE B 3 8.93 27.60 -4.82
CA PHE B 3 8.35 27.15 -3.55
C PHE B 3 8.43 25.64 -3.37
N GLY B 4 8.99 24.94 -4.36
CA GLY B 4 9.21 23.52 -4.23
C GLY B 4 8.00 22.70 -4.65
N ALA B 5 6.87 23.37 -4.80
CA ALA B 5 5.62 22.68 -5.15
C ALA B 5 5.67 22.09 -6.56
N ILE B 6 5.37 22.90 -7.57
CA ILE B 6 5.36 22.44 -8.95
C ILE B 6 6.72 21.91 -9.38
N ALA B 7 6.73 20.68 -9.91
CA ALA B 7 7.94 20.01 -10.34
C ALA B 7 9.01 19.93 -9.25
N GLY B 8 8.57 19.79 -8.00
CA GLY B 8 9.46 19.65 -6.86
C GLY B 8 9.06 18.46 -6.01
N PHE B 9 8.47 18.71 -4.84
CA PHE B 9 7.98 17.62 -3.99
C PHE B 9 6.67 17.03 -4.53
N ILE B 10 5.91 17.83 -5.27
CA ILE B 10 4.83 17.31 -6.09
C ILE B 10 5.41 17.10 -7.49
N GLU B 11 5.80 15.86 -7.78
CA GLU B 11 6.61 15.55 -8.96
C GLU B 11 5.95 15.78 -10.32
N GLY B 12 4.62 15.83 -10.36
CA GLY B 12 3.95 15.99 -11.64
C GLY B 12 2.56 16.62 -11.61
N GLY B 13 2.04 16.88 -12.80
CA GLY B 13 0.73 17.49 -12.95
C GLY B 13 -0.31 16.45 -13.33
N TRP B 14 -1.57 16.81 -13.15
CA TRP B 14 -2.68 15.90 -13.43
C TRP B 14 -3.32 16.18 -14.79
N GLN B 15 -3.14 15.24 -15.71
CA GLN B 15 -3.76 15.31 -17.03
C GLN B 15 -5.27 15.14 -16.85
N GLY B 16 -5.64 14.44 -15.78
CA GLY B 16 -7.03 14.09 -15.51
C GLY B 16 -7.82 15.21 -14.84
N MET B 17 -7.12 16.24 -14.40
CA MET B 17 -7.78 17.41 -13.83
C MET B 17 -7.99 18.42 -14.94
N VAL B 18 -9.21 18.49 -15.47
CA VAL B 18 -9.50 19.29 -16.65
C VAL B 18 -10.52 20.39 -16.36
N ASP B 19 -10.95 20.47 -15.10
CA ASP B 19 -12.00 21.40 -14.72
C ASP B 19 -11.43 22.66 -14.09
N GLY B 20 -10.20 23.00 -14.44
CA GLY B 20 -9.52 24.13 -13.82
C GLY B 20 -8.03 23.89 -13.72
N TRP B 21 -7.35 24.72 -12.92
CA TRP B 21 -5.90 24.62 -12.78
C TRP B 21 -5.52 23.81 -11.55
N TYR B 22 -6.15 24.12 -10.42
CA TYR B 22 -5.85 23.44 -9.18
C TYR B 22 -7.02 22.57 -8.74
N GLY B 23 -6.76 21.66 -7.82
CA GLY B 23 -7.81 20.81 -7.29
C GLY B 23 -7.28 19.67 -6.43
N TYR B 24 -8.08 18.62 -6.32
CA TYR B 24 -7.77 17.50 -5.44
C TYR B 24 -8.07 16.19 -6.16
N HIS B 25 -7.41 15.12 -5.74
CA HIS B 25 -7.77 13.79 -6.22
C HIS B 25 -8.17 12.94 -5.02
N HIS B 26 -9.43 12.50 -5.00
CA HIS B 26 -9.91 11.67 -3.91
C HIS B 26 -10.09 10.21 -4.33
N SER B 27 -9.92 9.32 -3.37
CA SER B 27 -10.01 7.88 -3.61
C SER B 27 -10.55 7.20 -2.36
N ASN B 28 -11.88 7.13 -2.27
CA ASN B 28 -12.53 6.56 -1.10
C ASN B 28 -13.47 5.42 -1.46
N GLU B 29 -14.38 5.11 -0.54
CA GLU B 29 -15.30 4.00 -0.72
C GLU B 29 -16.45 4.29 -1.68
N GLN B 30 -16.57 5.54 -2.12
CA GLN B 30 -17.63 5.93 -3.05
C GLN B 30 -17.08 6.30 -4.42
N GLY B 31 -15.88 5.81 -4.74
CA GLY B 31 -15.27 6.03 -6.04
C GLY B 31 -14.01 6.88 -5.97
N SER B 32 -13.37 7.07 -7.12
CA SER B 32 -12.16 7.87 -7.21
C SER B 32 -12.27 8.91 -8.31
N GLY B 33 -11.81 10.13 -8.04
CA GLY B 33 -11.95 11.19 -9.02
C GLY B 33 -11.18 12.47 -8.75
N TYR B 34 -11.12 13.32 -9.78
CA TYR B 34 -10.47 14.63 -9.69
C TYR B 34 -11.53 15.72 -9.55
N ALA B 35 -11.32 16.61 -8.59
CA ALA B 35 -12.19 17.77 -8.43
C ALA B 35 -11.32 19.01 -8.56
N ALA B 36 -11.91 20.13 -9.00
CA ALA B 36 -11.14 21.35 -9.18
C ALA B 36 -11.52 22.41 -8.14
N ASP B 37 -10.50 22.95 -7.47
CA ASP B 37 -10.74 23.95 -6.42
C ASP B 37 -11.17 25.27 -7.05
N LYS B 38 -12.43 25.63 -6.83
CA LYS B 38 -13.05 26.77 -7.51
C LYS B 38 -12.41 28.13 -7.22
N GLU B 39 -12.49 28.57 -5.96
CA GLU B 39 -12.14 29.95 -5.63
C GLU B 39 -10.65 30.29 -5.78
N SER B 40 -9.79 29.35 -5.47
CA SER B 40 -8.35 29.58 -5.62
C SER B 40 -8.00 29.72 -7.11
N THR B 41 -8.42 28.74 -7.90
CA THR B 41 -8.28 28.79 -9.35
C THR B 41 -8.79 30.11 -9.92
N GLN B 42 -10.00 30.48 -9.52
CA GLN B 42 -10.60 31.74 -9.97
C GLN B 42 -9.72 32.93 -9.62
N LYS B 43 -9.27 33.01 -8.37
CA LYS B 43 -8.43 34.12 -7.95
C LYS B 43 -7.12 34.16 -8.73
N ALA B 44 -6.62 32.99 -9.12
CA ALA B 44 -5.43 32.91 -9.95
C ALA B 44 -5.70 33.46 -11.36
N ILE B 45 -6.76 32.96 -11.99
CA ILE B 45 -7.18 33.45 -13.31
C ILE B 45 -7.35 34.97 -13.29
N ASP B 46 -7.98 35.46 -12.23
CA ASP B 46 -8.13 36.90 -12.03
C ASP B 46 -6.77 37.55 -12.03
N GLY B 47 -5.85 37.00 -11.23
CA GLY B 47 -4.50 37.51 -11.14
C GLY B 47 -3.78 37.64 -12.48
N VAL B 48 -3.80 36.56 -13.25
CA VAL B 48 -3.05 36.53 -14.52
C VAL B 48 -3.72 37.27 -15.67
N THR B 49 -5.05 37.26 -15.72
CA THR B 49 -5.78 37.99 -16.75
C THR B 49 -5.63 39.48 -16.49
N ASN B 50 -5.85 39.87 -15.23
CA ASN B 50 -5.65 41.25 -14.82
C ASN B 50 -4.20 41.66 -15.05
N LYS B 51 -3.29 40.70 -14.94
CA LYS B 51 -1.87 40.94 -15.23
C LYS B 51 -1.62 41.25 -16.71
N VAL B 52 -2.18 40.42 -17.60
CA VAL B 52 -2.04 40.62 -19.03
C VAL B 52 -2.60 41.97 -19.43
N ASN B 53 -3.86 42.20 -19.06
CA ASN B 53 -4.51 43.48 -19.34
C ASN B 53 -3.76 44.66 -18.72
N SER B 54 -3.11 44.44 -17.57
CA SER B 54 -2.31 45.48 -16.95
C SER B 54 -1.11 45.82 -17.82
N ILE B 55 -0.43 44.78 -18.30
CA ILE B 55 0.73 44.95 -19.17
C ILE B 55 0.36 45.69 -20.45
N ILE B 56 -0.75 45.28 -21.07
CA ILE B 56 -1.26 45.96 -22.26
C ILE B 56 -1.56 47.43 -21.96
N ASP B 57 -2.34 47.67 -20.90
CA ASP B 57 -2.73 49.03 -20.51
C ASP B 57 -1.51 49.89 -20.19
N LYS B 58 -0.41 49.26 -19.82
CA LYS B 58 0.83 50.00 -19.54
C LYS B 58 1.61 50.37 -20.79
N MET B 59 1.09 50.01 -21.96
CA MET B 59 1.79 50.25 -23.21
C MET B 59 0.85 50.71 -24.31
N ASN B 60 -0.10 51.56 -23.93
CA ASN B 60 -0.98 52.20 -24.90
C ASN B 60 -0.42 53.57 -25.29
N THR B 61 0.42 54.13 -24.42
CA THR B 61 1.15 55.36 -24.72
C THR B 61 2.61 55.04 -25.04
N GLN B 62 2.86 54.46 -26.21
CA GLN B 62 4.23 54.07 -26.56
C GLN B 62 4.88 55.21 -27.37
N PHE B 63 5.53 54.85 -28.47
CA PHE B 63 6.15 55.83 -29.34
C PHE B 63 5.68 55.56 -30.75
N GLU B 64 5.30 56.63 -31.45
CA GLU B 64 4.85 56.51 -32.83
C GLU B 64 6.08 56.44 -33.73
N ALA B 65 5.89 56.67 -35.01
CA ALA B 65 7.01 56.64 -35.94
C ALA B 65 6.66 57.39 -37.21
N VAL B 66 6.64 58.72 -37.13
CA VAL B 66 6.39 59.53 -38.32
C VAL B 66 7.68 59.63 -39.14
N GLY B 67 7.52 59.67 -40.46
CA GLY B 67 8.65 59.73 -41.36
C GLY B 67 8.96 61.16 -41.73
N ARG B 68 10.25 61.46 -41.87
CA ARG B 68 10.66 62.81 -42.19
C ARG B 68 11.70 62.82 -43.29
N GLU B 69 11.63 63.83 -44.15
CA GLU B 69 12.54 63.95 -45.29
C GLU B 69 13.57 65.04 -45.02
N PHE B 70 14.77 64.85 -45.54
CA PHE B 70 15.84 65.83 -45.38
C PHE B 70 16.68 65.83 -46.66
N ASN B 71 17.16 67.00 -47.07
CA ASN B 71 17.91 67.10 -48.32
C ASN B 71 19.37 66.66 -48.28
N ASN B 72 20.09 66.98 -49.34
CA ASN B 72 21.47 66.56 -49.52
C ASN B 72 22.43 67.29 -48.60
N LEU B 73 21.99 68.45 -48.11
CA LEU B 73 22.77 69.23 -47.16
C LEU B 73 22.10 69.35 -45.79
N GLU B 74 21.26 68.37 -45.46
CA GLU B 74 20.66 68.25 -44.14
C GLU B 74 20.92 66.85 -43.57
N ARG B 75 22.14 66.38 -43.78
CA ARG B 75 22.53 65.03 -43.39
C ARG B 75 22.54 64.87 -41.87
N ARG B 76 22.81 65.96 -41.17
CA ARG B 76 22.99 65.95 -39.73
C ARG B 76 21.69 65.72 -38.97
N ILE B 77 20.68 66.54 -39.23
CA ILE B 77 19.40 66.39 -38.55
C ILE B 77 18.65 65.16 -39.07
N GLU B 78 18.99 64.72 -40.27
CA GLU B 78 18.47 63.47 -40.80
C GLU B 78 19.01 62.32 -39.95
N ASN B 79 20.34 62.32 -39.76
CA ASN B 79 20.99 61.37 -38.89
C ASN B 79 20.42 61.43 -37.47
N LEU B 80 20.12 62.63 -36.99
CA LEU B 80 19.57 62.81 -35.65
C LEU B 80 18.19 62.17 -35.55
N ASN B 81 17.34 62.46 -36.53
CA ASN B 81 15.99 61.91 -36.56
C ASN B 81 16.03 60.39 -36.57
N LYS B 82 16.87 59.85 -37.44
CA LYS B 82 17.05 58.41 -37.54
C LYS B 82 17.51 57.83 -36.21
N LYS B 83 18.63 58.34 -35.71
CA LYS B 83 19.22 57.88 -34.46
C LYS B 83 18.24 57.95 -33.28
N MET B 84 17.35 58.93 -33.29
CA MET B 84 16.43 59.15 -32.17
C MET B 84 15.19 58.26 -32.24
N GLU B 85 14.63 58.06 -33.43
CA GLU B 85 13.50 57.15 -33.56
C GLU B 85 13.95 55.70 -33.37
N ASP B 86 15.14 55.40 -33.89
CA ASP B 86 15.76 54.09 -33.70
C ASP B 86 16.02 53.90 -32.20
N GLY B 87 16.46 54.97 -31.55
CA GLY B 87 16.67 54.96 -30.11
C GLY B 87 15.44 54.57 -29.33
N PHE B 88 14.35 55.34 -29.52
CA PHE B 88 13.09 55.04 -28.86
C PHE B 88 12.60 53.63 -29.16
N LEU B 89 12.80 53.20 -30.41
CA LEU B 89 12.43 51.85 -30.83
C LEU B 89 13.13 50.82 -29.93
N ASP B 90 14.44 51.02 -29.77
CA ASP B 90 15.25 50.16 -28.92
C ASP B 90 14.72 50.15 -27.48
N VAL B 91 14.47 51.34 -26.93
CA VAL B 91 14.02 51.41 -25.52
C VAL B 91 12.64 50.79 -25.24
N TRP B 92 11.70 50.97 -26.15
CA TRP B 92 10.36 50.39 -25.96
C TRP B 92 10.35 48.88 -26.22
N THR B 93 11.16 48.44 -27.18
CA THR B 93 11.33 47.01 -27.42
C THR B 93 11.93 46.35 -26.17
N TYR B 94 12.99 46.97 -25.66
CA TYR B 94 13.61 46.55 -24.39
C TYR B 94 12.57 46.44 -23.30
N ASN B 95 11.79 47.51 -23.12
CA ASN B 95 10.79 47.55 -22.07
C ASN B 95 9.80 46.40 -22.16
N ALA B 96 9.30 46.16 -23.37
CA ALA B 96 8.32 45.11 -23.57
C ALA B 96 8.90 43.73 -23.27
N GLU B 97 10.04 43.41 -23.90
CA GLU B 97 10.70 42.14 -23.67
C GLU B 97 10.99 41.88 -22.18
N LEU B 98 11.67 42.84 -21.55
CA LEU B 98 12.09 42.71 -20.16
C LEU B 98 10.88 42.53 -19.23
N LEU B 99 9.87 43.38 -19.41
CA LEU B 99 8.64 43.26 -18.64
C LEU B 99 8.03 41.87 -18.80
N VAL B 100 7.97 41.39 -20.05
CA VAL B 100 7.44 40.06 -20.34
C VAL B 100 8.18 38.94 -19.60
N LEU B 101 9.51 38.94 -19.68
CA LEU B 101 10.33 37.94 -18.97
C LEU B 101 10.03 37.96 -17.47
N MET B 102 10.16 39.15 -16.89
CA MET B 102 9.95 39.32 -15.45
C MET B 102 8.60 38.77 -15.03
N GLU B 103 7.56 39.17 -15.73
CA GLU B 103 6.20 38.76 -15.36
C GLU B 103 5.91 37.29 -15.66
N ASN B 104 6.67 36.70 -16.58
CA ASN B 104 6.61 35.27 -16.78
C ASN B 104 7.10 34.56 -15.53
N GLU B 105 8.25 35.00 -15.03
CA GLU B 105 8.77 34.44 -13.77
C GLU B 105 7.78 34.62 -12.63
N ARG B 106 7.32 35.86 -12.47
CA ARG B 106 6.36 36.20 -11.42
C ARG B 106 5.12 35.30 -11.52
N THR B 107 4.72 34.99 -12.75
CA THR B 107 3.56 34.13 -13.01
C THR B 107 3.81 32.70 -12.55
N LEU B 108 4.95 32.13 -12.94
CA LEU B 108 5.25 30.75 -12.57
C LEU B 108 5.36 30.60 -11.04
N ASP B 109 6.09 31.52 -10.42
CA ASP B 109 6.20 31.49 -8.96
C ASP B 109 4.84 31.77 -8.31
N PHE B 110 3.95 32.43 -9.05
CA PHE B 110 2.60 32.72 -8.56
C PHE B 110 1.77 31.44 -8.50
N HIS B 111 1.83 30.64 -9.58
CA HIS B 111 1.15 29.35 -9.59
C HIS B 111 1.73 28.42 -8.51
N ASP B 112 3.05 28.39 -8.42
CA ASP B 112 3.75 27.59 -7.42
C ASP B 112 3.23 27.94 -6.03
N SER B 113 3.18 29.24 -5.77
CA SER B 113 2.70 29.77 -4.50
C SER B 113 1.25 29.36 -4.22
N ASN B 114 0.41 29.38 -5.25
CA ASN B 114 -0.99 28.99 -5.07
C ASN B 114 -1.10 27.51 -4.69
N VAL B 115 -0.31 26.66 -5.33
CA VAL B 115 -0.28 25.23 -5.01
C VAL B 115 0.16 25.02 -3.55
N LYS B 116 1.29 25.61 -3.19
CA LYS B 116 1.75 25.61 -1.80
C LYS B 116 0.63 25.99 -0.81
N ASN B 117 -0.01 27.12 -1.08
CA ASN B 117 -1.05 27.64 -0.20
C ASN B 117 -2.27 26.73 -0.06
N LEU B 118 -2.66 26.08 -1.17
CA LEU B 118 -3.72 25.09 -1.12
C LEU B 118 -3.33 23.90 -0.24
N TYR B 119 -2.13 23.37 -0.50
CA TYR B 119 -1.59 22.26 0.27
C TYR B 119 -1.60 22.56 1.77
N ASP B 120 -1.31 23.81 2.13
CA ASP B 120 -1.37 24.20 3.53
C ASP B 120 -2.80 24.40 4.04
N LYS B 121 -3.70 24.85 3.16
CA LYS B 121 -5.11 24.98 3.53
C LYS B 121 -5.66 23.62 3.95
N VAL B 122 -5.30 22.58 3.20
CA VAL B 122 -5.78 21.24 3.55
C VAL B 122 -5.00 20.64 4.73
N ARG B 123 -3.69 20.83 4.73
CA ARG B 123 -2.83 20.31 5.81
C ARG B 123 -3.24 20.84 7.19
N LEU B 124 -3.60 22.12 7.26
CA LEU B 124 -4.02 22.72 8.53
C LEU B 124 -5.43 22.30 8.95
N GLN B 125 -6.19 21.73 8.01
CA GLN B 125 -7.51 21.18 8.31
C GLN B 125 -7.40 19.78 8.93
N LEU B 126 -6.49 18.98 8.37
CA LEU B 126 -6.30 17.59 8.77
C LEU B 126 -5.03 17.42 9.62
N ARG B 127 -5.02 17.97 10.83
CA ARG B 127 -3.84 17.93 11.70
C ARG B 127 -3.29 16.51 11.92
N ASP B 128 -3.90 15.79 12.84
CA ASP B 128 -3.49 14.42 13.14
C ASP B 128 -4.27 13.40 12.31
N ASN B 129 -5.48 13.77 11.90
CA ASN B 129 -6.41 12.85 11.24
C ASN B 129 -6.00 12.40 9.83
N ALA B 130 -4.75 12.66 9.46
CA ALA B 130 -4.23 12.28 8.16
C ALA B 130 -2.71 12.30 8.17
N LYS B 131 -2.11 11.48 7.31
CA LYS B 131 -0.66 11.42 7.24
C LYS B 131 -0.09 11.97 5.94
N GLU B 132 1.05 12.64 6.05
CA GLU B 132 1.77 13.12 4.90
C GLU B 132 2.45 11.95 4.21
N LEU B 133 1.99 11.60 3.01
CA LEU B 133 2.65 10.56 2.25
C LEU B 133 3.98 11.10 1.72
N GLY B 134 4.03 12.41 1.54
CA GLY B 134 5.24 13.10 1.08
C GLY B 134 5.15 13.63 -0.34
N ASN B 135 4.41 12.93 -1.19
CA ASN B 135 4.29 13.29 -2.60
C ASN B 135 3.13 14.23 -2.91
N GLY B 136 2.59 14.88 -1.88
CA GLY B 136 1.51 15.83 -2.06
C GLY B 136 0.13 15.26 -1.76
N CYS B 137 0.09 14.10 -1.12
CA CYS B 137 -1.17 13.47 -0.76
C CYS B 137 -1.33 13.38 0.75
N PHE B 138 -2.57 13.34 1.21
CA PHE B 138 -2.85 13.14 2.61
C PHE B 138 -3.64 11.84 2.73
N GLU B 139 -3.14 10.89 3.51
CA GLU B 139 -3.85 9.63 3.67
C GLU B 139 -4.73 9.65 4.91
N PHE B 140 -5.94 9.12 4.80
CA PHE B 140 -6.90 9.19 5.89
C PHE B 140 -6.66 8.06 6.88
N TYR B 141 -6.75 8.40 8.17
CA TYR B 141 -6.70 7.42 9.24
C TYR B 141 -8.09 6.84 9.50
N HIS B 142 -9.10 7.58 9.07
CA HIS B 142 -10.48 7.12 9.17
C HIS B 142 -11.04 6.96 7.76
N LYS B 143 -12.24 6.41 7.67
CA LYS B 143 -12.87 6.26 6.36
C LYS B 143 -13.60 7.56 6.07
N CYS B 144 -13.38 8.12 4.88
CA CYS B 144 -13.90 9.44 4.57
C CYS B 144 -14.75 9.44 3.31
N ASP B 145 -16.06 9.57 3.50
CA ASP B 145 -17.02 9.60 2.40
C ASP B 145 -16.86 10.85 1.55
N ASN B 146 -17.64 10.93 0.47
CA ASN B 146 -17.53 12.04 -0.48
C ASN B 146 -17.87 13.38 0.16
N GLU B 147 -18.62 13.33 1.26
CA GLU B 147 -19.04 14.53 1.98
C GLU B 147 -17.93 15.12 2.86
N CYS B 148 -17.07 14.26 3.38
CA CYS B 148 -15.90 14.72 4.10
C CYS B 148 -14.92 15.34 3.10
N MET B 149 -14.80 14.66 1.95
CA MET B 149 -14.00 15.16 0.83
C MET B 149 -14.44 16.56 0.43
N GLU B 150 -15.75 16.73 0.25
CA GLU B 150 -16.32 18.04 -0.08
C GLU B 150 -16.11 19.07 1.03
N SER B 151 -16.25 18.61 2.28
CA SER B 151 -16.06 19.51 3.42
C SER B 151 -14.62 20.04 3.44
N ILE B 152 -13.69 19.20 2.99
CA ILE B 152 -12.30 19.61 2.86
C ILE B 152 -12.12 20.52 1.64
N ARG B 153 -12.87 20.26 0.58
CA ARG B 153 -12.81 21.07 -0.63
C ARG B 153 -13.30 22.49 -0.36
N ASN B 154 -14.51 22.61 0.17
CA ASN B 154 -15.11 23.92 0.45
C ASN B 154 -14.65 24.52 1.79
N GLY B 155 -13.81 23.78 2.50
CA GLY B 155 -13.20 24.28 3.73
C GLY B 155 -13.99 24.00 5.00
N THR B 156 -15.14 23.34 4.84
CA THR B 156 -16.03 23.07 5.98
C THR B 156 -15.76 21.72 6.63
N TYR B 157 -14.50 21.32 6.70
CA TYR B 157 -14.13 20.03 7.28
C TYR B 157 -14.34 19.92 8.79
N ASN B 158 -15.34 19.14 9.18
CA ASN B 158 -15.59 18.83 10.59
C ASN B 158 -14.49 17.95 11.19
N TYR B 159 -13.52 18.58 11.86
CA TYR B 159 -12.42 17.86 12.51
C TYR B 159 -12.75 16.82 13.60
N PRO B 160 -13.72 17.10 14.50
CA PRO B 160 -14.07 16.15 15.57
C PRO B 160 -14.17 14.68 15.17
N GLN B 161 -13.01 14.01 15.06
CA GLN B 161 -12.95 12.58 14.77
C GLN B 161 -11.75 11.92 15.44
N TYR B 162 -11.87 10.61 15.69
CA TYR B 162 -10.77 9.77 16.20
C TYR B 162 -9.66 9.60 15.16
N SER B 163 -8.65 8.79 15.49
CA SER B 163 -7.65 8.40 14.50
C SER B 163 -6.91 7.11 14.87
N GLU B 164 -7.21 6.57 16.06
CA GLU B 164 -6.74 5.24 16.44
C GLU B 164 -7.68 4.58 17.45
N GLN C 1 -24.40 -103.05 76.78
CA GLN C 1 -23.21 -102.31 77.18
C GLN C 1 -22.98 -101.07 76.32
N ASP C 2 -22.51 -100.00 76.96
CA ASP C 2 -22.21 -98.76 76.27
C ASP C 2 -20.99 -98.93 75.36
N GLN C 3 -20.94 -98.16 74.28
CA GLN C 3 -19.75 -98.09 73.43
C GLN C 3 -19.71 -96.75 72.71
N ILE C 4 -18.56 -96.41 72.14
CA ILE C 4 -18.36 -95.06 71.58
C ILE C 4 -17.56 -95.04 70.27
N CYS C 5 -17.90 -94.09 69.41
CA CYS C 5 -17.23 -93.93 68.13
C CYS C 5 -16.90 -92.45 67.85
N ILE C 6 -15.78 -92.21 67.19
CA ILE C 6 -15.39 -90.85 66.79
C ILE C 6 -15.52 -90.73 65.26
N GLY C 7 -15.97 -89.56 64.78
CA GLY C 7 -16.11 -89.37 63.35
C GLY C 7 -16.11 -87.92 62.89
N TYR C 8 -16.41 -87.71 61.61
CA TYR C 8 -16.39 -86.37 61.04
C TYR C 8 -17.58 -86.10 60.11
N HIS C 9 -17.78 -84.84 59.76
CA HIS C 9 -18.90 -84.42 58.91
C HIS C 9 -18.68 -84.79 57.45
N ALA C 10 -19.73 -85.32 56.82
CA ALA C 10 -19.79 -85.51 55.38
C ALA C 10 -21.14 -85.00 54.93
N ASN C 11 -21.35 -84.90 53.61
CA ASN C 11 -22.66 -84.45 53.10
C ASN C 11 -22.99 -84.93 51.69
N ASN C 12 -24.02 -84.33 51.10
CA ASN C 12 -24.46 -84.65 49.74
C ASN C 12 -24.05 -83.54 48.80
N SER C 13 -22.74 -83.38 48.60
CA SER C 13 -22.20 -82.32 47.76
C SER C 13 -21.36 -82.88 46.62
N THR C 14 -21.31 -82.12 45.52
CA THR C 14 -20.58 -82.52 44.33
C THR C 14 -19.42 -81.58 44.06
N GLU C 15 -19.18 -80.66 44.99
CA GLU C 15 -18.14 -79.65 44.83
C GLU C 15 -16.74 -80.26 44.70
N GLN C 16 -16.11 -80.06 43.55
CA GLN C 16 -14.76 -80.58 43.30
C GLN C 16 -13.63 -79.56 43.43
N VAL C 17 -12.46 -80.06 43.80
CA VAL C 17 -11.23 -79.27 43.81
C VAL C 17 -10.10 -80.06 43.14
N ASP C 18 -8.93 -79.44 43.00
CA ASP C 18 -7.76 -80.12 42.49
C ASP C 18 -6.61 -80.02 43.49
N THR C 19 -5.85 -81.11 43.63
CA THR C 19 -4.64 -81.10 44.45
C THR C 19 -3.47 -81.42 43.54
N ILE C 20 -2.26 -81.43 44.09
CA ILE C 20 -1.08 -81.74 43.30
C ILE C 20 -1.11 -83.22 42.91
N MET C 21 -1.68 -84.04 43.78
CA MET C 21 -1.72 -85.49 43.59
C MET C 21 -3.06 -86.03 43.08
N GLU C 22 -4.12 -85.25 43.20
CA GLU C 22 -5.46 -85.76 42.93
C GLU C 22 -6.38 -84.72 42.28
N LYS C 23 -7.03 -85.10 41.19
CA LYS C 23 -7.86 -84.19 40.42
C LYS C 23 -9.34 -84.42 40.68
N ASN C 24 -10.14 -83.37 40.52
CA ASN C 24 -11.60 -83.47 40.65
C ASN C 24 -12.04 -84.16 41.94
N VAL C 25 -11.45 -83.73 43.06
CA VAL C 25 -11.77 -84.32 44.35
C VAL C 25 -13.02 -83.68 44.95
N THR C 26 -14.02 -84.49 45.24
CA THR C 26 -15.28 -83.96 45.76
C THR C 26 -15.11 -83.69 47.24
N VAL C 27 -15.64 -82.55 47.70
CA VAL C 27 -15.51 -82.15 49.10
C VAL C 27 -16.82 -81.61 49.64
N THR C 28 -16.91 -81.54 50.96
CA THR C 28 -18.14 -81.13 51.65
C THR C 28 -18.33 -79.62 51.55
N HIS C 29 -17.22 -78.89 51.63
CA HIS C 29 -17.26 -77.44 51.55
C HIS C 29 -16.17 -76.91 50.63
N ALA C 30 -16.49 -75.85 49.89
CA ALA C 30 -15.55 -75.25 48.95
C ALA C 30 -15.91 -73.79 48.71
N GLN C 31 -14.93 -73.02 48.24
CA GLN C 31 -15.11 -71.59 48.01
C GLN C 31 -14.57 -71.21 46.63
N ASP C 32 -15.47 -70.82 45.74
CA ASP C 32 -15.07 -70.32 44.43
C ASP C 32 -14.48 -68.92 44.63
N ILE C 33 -13.34 -68.67 44.00
CA ILE C 33 -12.66 -67.38 44.14
C ILE C 33 -12.33 -66.75 42.79
N LEU C 34 -12.98 -67.21 41.72
CA LEU C 34 -12.71 -66.70 40.38
C LEU C 34 -14.00 -66.22 39.74
N GLU C 35 -14.17 -64.92 39.57
CA GLU C 35 -15.39 -64.40 38.96
C GLU C 35 -15.30 -64.41 37.44
N LYS C 36 -16.30 -65.01 36.81
CA LYS C 36 -16.27 -65.24 35.38
C LYS C 36 -17.49 -64.65 34.69
N THR C 37 -18.16 -63.71 35.35
CA THR C 37 -19.42 -63.17 34.81
C THR C 37 -19.47 -61.65 34.92
N HIS C 38 -19.85 -61.02 33.80
CA HIS C 38 -19.99 -59.57 33.71
C HIS C 38 -21.33 -59.21 33.09
N ASN C 39 -21.63 -57.93 32.98
CA ASN C 39 -22.92 -57.48 32.46
C ASN C 39 -22.92 -57.23 30.95
N GLY C 40 -21.73 -57.24 30.34
CA GLY C 40 -21.61 -57.06 28.91
C GLY C 40 -21.90 -55.64 28.46
N LYS C 41 -21.93 -54.73 29.43
CA LYS C 41 -22.31 -53.35 29.20
C LYS C 41 -21.20 -52.39 29.62
N LEU C 42 -21.07 -51.26 28.93
CA LEU C 42 -20.15 -50.23 29.39
C LEU C 42 -20.93 -49.29 30.31
N CYS C 43 -20.58 -49.32 31.59
CA CYS C 43 -21.36 -48.59 32.60
C CYS C 43 -20.65 -47.34 33.09
N ASP C 44 -21.37 -46.52 33.85
CA ASP C 44 -20.72 -45.44 34.58
C ASP C 44 -19.71 -46.02 35.55
N LEU C 45 -18.65 -45.27 35.82
CA LEU C 45 -17.67 -45.71 36.79
C LEU C 45 -17.76 -44.83 38.02
N ASP C 46 -18.38 -45.35 39.08
CA ASP C 46 -18.62 -44.60 40.30
C ASP C 46 -19.38 -43.29 40.06
N GLY C 47 -20.41 -43.35 39.22
CA GLY C 47 -21.28 -42.21 39.02
C GLY C 47 -20.88 -41.27 37.90
N VAL C 48 -19.61 -41.26 37.53
CA VAL C 48 -19.16 -40.40 36.44
C VAL C 48 -19.13 -41.16 35.12
N LYS C 49 -19.84 -40.62 34.13
CA LYS C 49 -19.99 -41.26 32.83
C LYS C 49 -18.71 -41.14 32.03
N PRO C 50 -18.34 -42.22 31.31
CA PRO C 50 -17.16 -42.17 30.45
C PRO C 50 -17.42 -41.39 29.17
N LEU C 51 -16.36 -40.85 28.58
CA LEU C 51 -16.44 -40.27 27.25
C LEU C 51 -16.42 -41.42 26.27
N ILE C 52 -17.52 -41.65 25.57
CA ILE C 52 -17.58 -42.71 24.59
C ILE C 52 -17.55 -42.16 23.17
N LEU C 53 -16.39 -42.34 22.51
CA LEU C 53 -16.29 -41.99 21.10
C LEU C 53 -17.01 -43.08 20.34
N ARG C 54 -17.88 -42.67 19.41
CA ARG C 54 -18.66 -43.65 18.68
C ARG C 54 -17.78 -44.28 17.63
N ASP C 55 -17.81 -43.73 16.42
CA ASP C 55 -16.93 -44.19 15.37
C ASP C 55 -15.84 -43.16 15.19
N CYS C 56 -15.72 -42.27 16.17
CA CYS C 56 -14.65 -41.26 16.17
C CYS C 56 -13.39 -41.72 16.87
N SER C 57 -12.26 -41.28 16.33
CA SER C 57 -10.98 -41.45 17.00
C SER C 57 -10.67 -40.22 17.82
N VAL C 58 -9.57 -40.25 18.56
CA VAL C 58 -9.13 -39.12 19.33
C VAL C 58 -8.72 -37.96 18.44
N ALA C 59 -8.08 -38.28 17.32
CA ALA C 59 -7.70 -37.25 16.36
C ALA C 59 -8.93 -36.45 15.91
N GLY C 60 -9.97 -37.16 15.47
CA GLY C 60 -11.18 -36.53 14.97
C GLY C 60 -11.86 -35.67 16.03
N TRP C 61 -11.88 -36.19 17.26
CA TRP C 61 -12.45 -35.45 18.38
C TRP C 61 -11.69 -34.16 18.63
N LEU C 62 -10.41 -34.28 18.96
CA LEU C 62 -9.63 -33.11 19.36
C LEU C 62 -9.44 -32.07 18.24
N LEU C 63 -9.36 -32.53 17.00
CA LEU C 63 -9.16 -31.62 15.87
C LEU C 63 -10.48 -31.04 15.38
N GLY C 64 -11.58 -31.70 15.71
CA GLY C 64 -12.88 -31.26 15.25
C GLY C 64 -13.22 -31.68 13.83
N ASN C 65 -13.17 -32.97 13.57
CA ASN C 65 -13.75 -33.55 12.36
C ASN C 65 -15.24 -33.26 12.44
N PRO C 66 -15.82 -32.75 11.34
CA PRO C 66 -17.26 -32.43 11.34
C PRO C 66 -18.12 -33.62 11.75
N MET C 67 -17.78 -34.81 11.29
CA MET C 67 -18.49 -36.03 11.68
C MET C 67 -18.41 -36.31 13.19
N CYS C 68 -17.66 -35.47 13.90
CA CYS C 68 -17.48 -35.63 15.33
C CYS C 68 -18.06 -34.46 16.09
N ASP C 69 -19.01 -33.76 15.47
CA ASP C 69 -19.63 -32.61 16.12
C ASP C 69 -20.42 -33.03 17.36
N GLU C 70 -20.62 -34.34 17.47
CA GLU C 70 -21.23 -34.96 18.64
C GLU C 70 -20.40 -34.65 19.89
N PHE C 71 -19.13 -34.35 19.68
CA PHE C 71 -18.19 -34.17 20.77
C PHE C 71 -17.57 -32.76 20.78
N ILE C 72 -18.30 -31.76 20.30
CA ILE C 72 -17.80 -30.38 20.33
C ILE C 72 -17.54 -29.92 21.76
N ASN C 73 -18.41 -30.29 22.68
CA ASN C 73 -18.20 -29.92 24.08
C ASN C 73 -18.45 -31.06 25.05
N VAL C 74 -17.37 -31.71 25.45
CA VAL C 74 -17.41 -32.93 26.24
C VAL C 74 -17.28 -32.63 27.72
N PRO C 75 -18.21 -33.15 28.54
CA PRO C 75 -18.16 -32.91 29.99
C PRO C 75 -17.09 -33.77 30.64
N GLU C 76 -16.86 -33.58 31.93
CA GLU C 76 -15.92 -34.39 32.70
C GLU C 76 -16.17 -35.90 32.52
N TRP C 77 -15.10 -36.63 32.21
CA TRP C 77 -15.25 -38.06 31.96
C TRP C 77 -14.40 -38.90 32.91
N SER C 78 -14.74 -40.18 33.01
CA SER C 78 -14.00 -41.12 33.84
C SER C 78 -12.96 -41.85 33.01
N TYR C 79 -13.41 -42.56 31.99
CA TYR C 79 -12.52 -43.25 31.07
C TYR C 79 -12.93 -42.97 29.63
N ILE C 80 -12.13 -43.42 28.68
CA ILE C 80 -12.41 -43.16 27.28
C ILE C 80 -12.55 -44.44 26.45
N VAL C 81 -13.67 -44.54 25.73
CA VAL C 81 -13.91 -45.69 24.87
C VAL C 81 -13.75 -45.30 23.41
N GLU C 82 -12.77 -45.93 22.77
CA GLU C 82 -12.51 -45.75 21.35
C GLU C 82 -12.67 -47.13 20.73
N LYS C 83 -13.18 -47.19 19.52
CA LYS C 83 -13.30 -48.48 18.84
C LYS C 83 -11.94 -48.96 18.40
N ALA C 84 -11.85 -50.23 18.01
CA ALA C 84 -10.59 -50.80 17.55
C ALA C 84 -10.08 -50.03 16.34
N ASN C 85 -10.95 -49.86 15.34
CA ASN C 85 -10.62 -49.09 14.15
C ASN C 85 -11.70 -48.04 13.84
N PRO C 86 -11.65 -46.89 14.51
CA PRO C 86 -12.63 -45.81 14.29
C PRO C 86 -12.64 -45.27 12.87
N THR C 87 -13.83 -45.22 12.27
CA THR C 87 -13.99 -44.77 10.89
C THR C 87 -13.82 -43.26 10.74
N ASN C 88 -14.23 -42.51 11.76
CA ASN C 88 -14.15 -41.05 11.71
C ASN C 88 -12.86 -40.54 12.36
N ASP C 89 -11.87 -40.26 11.52
CA ASP C 89 -10.53 -39.91 11.99
C ASP C 89 -10.00 -38.64 11.32
N LEU C 90 -9.04 -38.80 10.43
CA LEU C 90 -8.47 -37.67 9.70
C LEU C 90 -9.14 -37.54 8.34
N CYS C 91 -10.31 -36.91 8.32
CA CYS C 91 -11.08 -36.73 7.08
C CYS C 91 -10.23 -36.24 5.91
N TYR C 92 -9.33 -35.31 6.17
CA TYR C 92 -8.36 -34.92 5.17
C TYR C 92 -7.06 -35.64 5.49
N PRO C 93 -6.52 -36.38 4.51
CA PRO C 93 -5.40 -37.30 4.71
C PRO C 93 -4.15 -36.61 5.20
N GLY C 94 -3.32 -37.37 5.91
CA GLY C 94 -2.08 -36.85 6.45
C GLY C 94 -1.69 -37.57 7.73
N SER C 95 -1.07 -36.83 8.65
CA SER C 95 -0.48 -37.43 9.84
C SER C 95 -0.69 -36.59 11.10
N PHE C 96 -0.39 -37.17 12.26
CA PHE C 96 -0.53 -36.51 13.56
C PHE C 96 0.71 -36.84 14.41
N ASN C 97 1.61 -35.86 14.58
CA ASN C 97 2.86 -36.06 15.32
C ASN C 97 2.65 -36.46 16.78
N ASP C 98 3.31 -37.55 17.19
CA ASP C 98 3.29 -38.06 18.57
C ASP C 98 1.88 -38.28 19.11
N TYR C 99 1.03 -38.84 18.26
CA TYR C 99 -0.37 -39.14 18.58
C TYR C 99 -0.50 -39.98 19.85
N GLU C 100 0.27 -41.06 19.89
CA GLU C 100 0.24 -41.97 21.02
C GLU C 100 0.69 -41.32 22.33
N GLU C 101 1.69 -40.44 22.25
CA GLU C 101 2.14 -39.72 23.44
C GLU C 101 1.01 -38.85 23.99
N LEU C 102 0.18 -38.34 23.08
CA LEU C 102 -0.97 -37.52 23.44
C LEU C 102 -2.06 -38.35 24.10
N LYS C 103 -2.34 -39.52 23.53
CA LYS C 103 -3.27 -40.45 24.17
C LYS C 103 -2.81 -40.82 25.59
N HIS C 104 -1.50 -41.00 25.73
CA HIS C 104 -0.94 -41.34 27.02
C HIS C 104 -1.17 -40.18 27.98
N LEU C 105 -1.04 -38.96 27.49
CA LEU C 105 -1.39 -37.79 28.29
C LEU C 105 -2.86 -37.81 28.68
N LEU C 106 -3.70 -38.25 27.75
CA LEU C 106 -5.14 -38.34 27.98
C LEU C 106 -5.46 -39.34 29.09
N SER C 107 -4.57 -40.31 29.30
CA SER C 107 -4.78 -41.25 30.39
C SER C 107 -4.74 -40.59 31.76
N ARG C 108 -4.31 -39.33 31.80
CA ARG C 108 -4.22 -38.59 33.06
C ARG C 108 -5.06 -37.31 33.05
N ILE C 109 -6.08 -37.29 32.21
CA ILE C 109 -6.95 -36.13 32.07
C ILE C 109 -8.41 -36.57 32.06
N ASN C 110 -9.26 -35.88 32.83
CA ASN C 110 -10.67 -36.24 32.94
C ASN C 110 -11.59 -35.18 32.33
N HIS C 111 -11.03 -34.02 32.04
CA HIS C 111 -11.80 -32.92 31.46
C HIS C 111 -10.96 -31.84 30.80
N PHE C 112 -11.18 -31.64 29.51
CA PHE C 112 -10.68 -30.46 28.85
C PHE C 112 -11.83 -29.48 28.81
N GLU C 113 -11.54 -28.19 28.79
CA GLU C 113 -12.57 -27.27 28.33
C GLU C 113 -12.02 -26.42 27.19
N LYS C 114 -12.69 -26.56 26.06
CA LYS C 114 -12.30 -25.91 24.82
C LYS C 114 -12.49 -24.41 24.92
N ILE C 115 -11.52 -23.65 24.44
CA ILE C 115 -11.60 -22.20 24.40
C ILE C 115 -11.05 -21.66 23.09
N GLN C 116 -11.67 -20.61 22.57
CA GLN C 116 -11.22 -19.98 21.34
C GLN C 116 -9.99 -19.13 21.62
N ILE C 117 -8.85 -19.52 21.06
CA ILE C 117 -7.60 -18.78 21.26
C ILE C 117 -7.25 -17.86 20.10
N ILE C 118 -7.82 -18.14 18.93
CA ILE C 118 -7.68 -17.28 17.77
C ILE C 118 -9.01 -17.26 17.05
N PRO C 119 -9.80 -16.17 17.25
CA PRO C 119 -11.08 -16.05 16.54
C PRO C 119 -10.83 -15.99 15.04
N LYS C 120 -11.65 -16.67 14.24
CA LYS C 120 -11.48 -16.69 12.79
C LYS C 120 -11.56 -15.28 12.22
N SER C 121 -12.18 -14.38 12.98
CA SER C 121 -12.37 -13.00 12.59
C SER C 121 -11.07 -12.20 12.66
N SER C 122 -10.05 -12.78 13.30
CA SER C 122 -8.82 -12.07 13.51
C SER C 122 -7.93 -12.07 12.27
N TRP C 123 -8.27 -12.89 11.30
CA TRP C 123 -7.47 -13.03 10.09
C TRP C 123 -7.87 -12.01 9.02
N SER C 124 -7.67 -10.74 9.33
CA SER C 124 -7.99 -9.64 8.42
C SER C 124 -7.33 -9.75 7.04
N ASP C 125 -6.07 -10.16 7.01
CA ASP C 125 -5.27 -10.04 5.80
C ASP C 125 -5.09 -11.35 5.03
N HIS C 126 -5.91 -12.33 5.36
CA HIS C 126 -5.93 -13.61 4.64
C HIS C 126 -7.36 -14.09 4.56
N GLU C 127 -7.63 -15.11 3.75
CA GLU C 127 -8.97 -15.69 3.73
C GLU C 127 -9.04 -16.96 4.57
N ALA C 128 -9.96 -16.99 5.51
CA ALA C 128 -10.08 -18.09 6.44
C ALA C 128 -11.40 -18.84 6.32
N SER C 129 -12.21 -18.45 5.34
CA SER C 129 -13.53 -19.04 5.18
C SER C 129 -13.64 -19.83 3.87
N SER C 130 -12.52 -20.00 3.19
CA SER C 130 -12.51 -20.72 1.92
C SER C 130 -11.58 -21.93 1.98
N GLY C 131 -11.09 -22.23 3.18
CA GLY C 131 -10.23 -23.38 3.38
C GLY C 131 -11.02 -24.62 3.71
N VAL C 132 -11.73 -25.15 2.71
CA VAL C 132 -12.57 -26.34 2.93
C VAL C 132 -12.18 -27.42 1.93
N SER C 133 -12.66 -28.64 2.14
CA SER C 133 -12.42 -29.73 1.22
C SER C 133 -13.54 -30.74 1.20
N SER C 134 -13.64 -31.47 0.08
CA SER C 134 -14.60 -32.54 -0.07
C SER C 134 -14.14 -33.81 0.64
N ALA C 135 -12.96 -33.74 1.24
CA ALA C 135 -12.40 -34.84 1.99
C ALA C 135 -12.96 -34.80 3.39
N CYS C 136 -13.46 -33.63 3.78
CA CYS C 136 -14.11 -33.44 5.06
C CYS C 136 -15.53 -32.95 4.82
N PRO C 137 -16.41 -33.85 4.36
CA PRO C 137 -17.78 -33.40 4.07
C PRO C 137 -18.61 -33.19 5.34
N TYR C 138 -19.23 -32.02 5.49
CA TYR C 138 -20.26 -31.84 6.49
C TYR C 138 -21.59 -31.60 5.78
N LEU C 139 -22.57 -32.46 6.04
CA LEU C 139 -23.88 -32.40 5.39
C LEU C 139 -23.76 -32.21 3.87
N GLY C 140 -22.89 -33.00 3.25
CA GLY C 140 -22.78 -33.03 1.79
C GLY C 140 -22.19 -31.79 1.16
N SER C 141 -21.54 -30.96 1.97
CA SER C 141 -20.83 -29.78 1.46
C SER C 141 -19.45 -29.68 2.11
N PRO C 142 -18.44 -29.31 1.31
CA PRO C 142 -17.02 -29.33 1.73
C PRO C 142 -16.75 -28.58 3.02
N SER C 143 -16.08 -29.24 3.95
CA SER C 143 -15.80 -28.60 5.24
C SER C 143 -14.36 -28.88 5.65
N PHE C 144 -14.06 -28.76 6.94
CA PHE C 144 -12.72 -29.03 7.44
C PHE C 144 -12.76 -29.20 8.94
N PHE C 145 -11.61 -29.52 9.54
CA PHE C 145 -11.52 -29.63 11.00
C PHE C 145 -11.95 -28.30 11.62
N ARG C 146 -12.82 -28.35 12.63
CA ARG C 146 -13.40 -27.11 13.14
C ARG C 146 -12.44 -26.36 14.04
N ASN C 147 -11.72 -27.11 14.87
CA ASN C 147 -10.85 -26.51 15.87
C ASN C 147 -9.65 -25.79 15.24
N VAL C 148 -9.45 -25.99 13.94
CA VAL C 148 -8.38 -25.32 13.23
C VAL C 148 -8.96 -24.59 12.03
N VAL C 149 -8.18 -23.68 11.46
CA VAL C 149 -8.63 -22.88 10.32
C VAL C 149 -7.58 -22.90 9.21
N TRP C 150 -8.04 -23.22 8.00
CA TRP C 150 -7.14 -23.37 6.86
C TRP C 150 -7.01 -22.06 6.09
N LEU C 151 -6.01 -21.26 6.45
CA LEU C 151 -5.79 -19.98 5.79
C LEU C 151 -5.17 -20.20 4.42
N ILE C 152 -5.62 -19.44 3.44
CA ILE C 152 -5.01 -19.40 2.13
C ILE C 152 -4.93 -17.95 1.68
N LYS C 153 -4.27 -17.70 0.55
CA LYS C 153 -3.93 -16.35 0.12
C LYS C 153 -5.16 -15.48 -0.08
N LYS C 154 -4.97 -14.17 0.02
CA LYS C 154 -6.06 -13.21 -0.17
C LYS C 154 -5.64 -12.13 -1.16
N ASN C 155 -6.41 -12.00 -2.24
CA ASN C 155 -6.12 -11.03 -3.30
C ASN C 155 -4.70 -11.21 -3.84
N SER C 156 -4.39 -12.46 -4.19
CA SER C 156 -3.09 -12.85 -4.77
C SER C 156 -1.89 -12.40 -3.95
N THR C 157 -2.01 -12.52 -2.62
CA THR C 157 -0.95 -12.09 -1.71
C THR C 157 -1.10 -12.74 -0.35
N TYR C 158 -0.07 -13.45 0.08
CA TYR C 158 -0.05 -14.07 1.41
C TYR C 158 1.07 -13.43 2.20
N PRO C 159 0.78 -12.30 2.87
CA PRO C 159 1.79 -11.60 3.66
C PRO C 159 2.27 -12.50 4.80
N THR C 160 3.46 -12.22 5.33
CA THR C 160 3.98 -13.04 6.43
C THR C 160 3.12 -12.85 7.68
N ILE C 161 2.88 -13.96 8.38
CA ILE C 161 2.03 -13.97 9.56
C ILE C 161 2.92 -14.06 10.79
N LYS C 162 2.63 -13.21 11.78
CA LYS C 162 3.37 -13.20 13.04
C LYS C 162 2.35 -13.16 14.16
N LYS C 163 1.86 -14.33 14.55
CA LYS C 163 0.81 -14.41 15.56
C LYS C 163 1.37 -14.98 16.86
N SER C 164 0.93 -14.43 17.99
CA SER C 164 1.37 -14.95 19.28
C SER C 164 0.20 -15.01 20.26
N TYR C 165 0.30 -15.89 21.26
CA TYR C 165 -0.73 -16.02 22.29
C TYR C 165 -0.12 -16.26 23.68
N ASN C 166 -0.43 -15.38 24.63
CA ASN C 166 0.08 -15.51 26.00
C ASN C 166 -0.95 -16.27 26.84
N ASN C 167 -0.57 -17.45 27.30
CA ASN C 167 -1.46 -18.28 28.12
C ASN C 167 -1.72 -17.60 29.45
N THR C 168 -2.81 -16.84 29.50
CA THR C 168 -3.17 -16.09 30.71
C THR C 168 -3.90 -16.95 31.73
N ASN C 169 -4.36 -18.13 31.31
CA ASN C 169 -5.05 -19.05 32.21
C ASN C 169 -4.15 -19.54 33.32
N GLN C 170 -4.76 -20.16 34.33
CA GLN C 170 -4.00 -20.85 35.38
C GLN C 170 -3.93 -22.35 35.11
N GLU C 171 -4.43 -22.76 33.94
CA GLU C 171 -4.40 -24.16 33.52
C GLU C 171 -3.43 -24.42 32.36
N ASP C 172 -2.97 -25.67 32.25
CA ASP C 172 -2.18 -26.08 31.10
C ASP C 172 -3.05 -26.07 29.82
N LEU C 173 -2.43 -25.76 28.69
CA LEU C 173 -3.14 -25.67 27.42
C LEU C 173 -2.65 -26.64 26.35
N LEU C 174 -3.53 -27.51 25.89
CA LEU C 174 -3.25 -28.34 24.73
C LEU C 174 -3.53 -27.52 23.47
N VAL C 175 -2.46 -27.21 22.73
CA VAL C 175 -2.59 -26.43 21.49
C VAL C 175 -2.23 -27.29 20.27
N LEU C 176 -3.11 -27.27 19.27
CA LEU C 176 -2.94 -28.11 18.07
C LEU C 176 -2.85 -27.20 16.86
N TRP C 177 -2.02 -27.56 15.89
CA TRP C 177 -1.96 -26.82 14.63
C TRP C 177 -1.45 -27.71 13.54
N GLY C 178 -1.26 -27.19 12.33
CA GLY C 178 -0.84 -28.05 11.24
C GLY C 178 -0.19 -27.36 10.08
N ILE C 179 0.24 -28.18 9.11
CA ILE C 179 0.88 -27.68 7.91
C ILE C 179 0.24 -28.42 6.75
N HIS C 180 0.08 -27.75 5.62
CA HIS C 180 -0.42 -28.41 4.43
C HIS C 180 0.69 -28.73 3.45
N HIS C 181 0.87 -30.02 3.17
CA HIS C 181 1.78 -30.43 2.12
C HIS C 181 0.96 -30.61 0.83
N PRO C 182 1.15 -29.70 -0.14
CA PRO C 182 0.47 -29.78 -1.44
C PRO C 182 1.07 -30.83 -2.37
N ASN C 183 0.52 -30.99 -3.57
CA ASN C 183 0.97 -32.05 -4.48
C ASN C 183 1.72 -31.58 -5.75
N ASP C 184 1.73 -30.27 -6.00
CA ASP C 184 2.67 -29.69 -6.97
C ASP C 184 3.01 -28.22 -6.64
N ALA C 185 4.11 -27.72 -7.21
CA ALA C 185 4.54 -26.34 -6.97
C ALA C 185 3.52 -25.31 -7.45
N ALA C 186 2.87 -25.62 -8.57
CA ALA C 186 1.83 -24.77 -9.14
C ALA C 186 0.67 -24.61 -8.16
N GLU C 187 0.31 -25.70 -7.50
CA GLU C 187 -0.73 -25.68 -6.48
C GLU C 187 -0.33 -24.82 -5.29
N GLN C 188 0.92 -24.99 -4.86
CA GLN C 188 1.50 -24.19 -3.79
C GLN C 188 1.35 -22.71 -4.11
N THR C 189 1.65 -22.33 -5.35
CA THR C 189 1.45 -20.95 -5.75
C THR C 189 -0.04 -20.57 -5.71
N ARG C 190 -0.89 -21.48 -6.18
CA ARG C 190 -2.33 -21.24 -6.27
C ARG C 190 -2.98 -20.91 -4.93
N LEU C 191 -2.59 -21.64 -3.88
CA LEU C 191 -3.22 -21.48 -2.57
C LEU C 191 -2.55 -20.39 -1.74
N TYR C 192 -1.23 -20.35 -1.79
CA TYR C 192 -0.47 -19.41 -0.97
C TYR C 192 0.65 -18.79 -1.81
N GLN C 193 0.32 -17.74 -2.59
CA GLN C 193 1.25 -17.08 -3.53
C GLN C 193 2.74 -17.29 -3.29
N ASN C 194 3.15 -17.19 -2.04
CA ASN C 194 4.54 -17.36 -1.65
C ASN C 194 5.09 -18.75 -2.01
N PRO C 195 6.11 -18.78 -2.88
CA PRO C 195 6.70 -20.03 -3.40
C PRO C 195 7.53 -20.76 -2.35
N THR C 196 8.22 -20.01 -1.51
CA THR C 196 9.12 -20.58 -0.52
C THR C 196 8.55 -20.33 0.86
N THR C 197 7.89 -21.33 1.43
CA THR C 197 7.22 -21.12 2.71
C THR C 197 7.83 -21.87 3.89
N TYR C 198 7.36 -21.55 5.09
CA TYR C 198 7.90 -22.09 6.33
C TYR C 198 6.91 -21.82 7.45
N ILE C 199 7.10 -22.47 8.59
CA ILE C 199 6.34 -22.13 9.79
C ILE C 199 7.27 -22.29 10.98
N SER C 200 7.64 -21.16 11.60
CA SER C 200 8.44 -21.21 12.81
C SER C 200 7.49 -21.15 14.00
N ILE C 201 7.75 -22.01 14.99
CA ILE C 201 6.91 -22.11 16.18
C ILE C 201 7.78 -22.13 17.41
N GLY C 202 7.56 -21.17 18.30
CA GLY C 202 8.38 -21.10 19.50
C GLY C 202 7.59 -20.92 20.76
N THR C 203 8.08 -21.54 21.83
CA THR C 203 7.57 -21.28 23.17
C THR C 203 8.79 -21.08 24.05
N SER C 204 8.68 -21.47 25.31
CA SER C 204 9.84 -21.44 26.19
C SER C 204 10.73 -22.65 25.92
N THR C 205 10.09 -23.74 25.52
CA THR C 205 10.76 -25.02 25.41
C THR C 205 10.66 -25.59 23.99
N LEU C 206 9.72 -25.07 23.21
CA LEU C 206 9.49 -25.56 21.87
C LEU C 206 10.06 -24.56 20.87
N ASN C 207 10.74 -25.07 19.86
CA ASN C 207 11.41 -24.24 18.85
C ASN C 207 11.55 -25.05 17.57
N GLN C 208 10.51 -25.09 16.74
CA GLN C 208 10.57 -25.93 15.55
C GLN C 208 10.26 -25.19 14.26
N ARG C 209 10.71 -25.75 13.15
CA ARG C 209 10.61 -25.07 11.87
C ARG C 209 10.14 -25.99 10.76
N LEU C 210 8.84 -25.95 10.48
CA LEU C 210 8.27 -26.81 9.45
C LEU C 210 8.41 -26.18 8.07
N VAL C 211 8.59 -27.01 7.04
CA VAL C 211 8.48 -26.56 5.66
C VAL C 211 7.60 -27.55 4.90
N PRO C 212 6.77 -27.06 3.97
CA PRO C 212 5.89 -28.02 3.31
C PRO C 212 6.66 -28.96 2.40
N LYS C 213 6.12 -30.15 2.22
CA LYS C 213 6.78 -31.17 1.44
C LYS C 213 5.95 -31.43 0.19
N ILE C 214 6.33 -30.79 -0.91
CA ILE C 214 5.68 -31.03 -2.18
C ILE C 214 6.13 -32.40 -2.70
N ALA C 215 5.17 -33.22 -3.14
CA ALA C 215 5.42 -34.61 -3.48
C ALA C 215 4.24 -35.22 -4.24
N THR C 216 4.52 -36.21 -5.09
CA THR C 216 3.46 -36.89 -5.82
C THR C 216 2.95 -38.07 -5.00
N ARG C 217 1.68 -38.02 -4.59
CA ARG C 217 1.12 -39.08 -3.76
C ARG C 217 -0.21 -39.56 -4.34
N SER C 218 -0.65 -40.72 -3.90
CA SER C 218 -1.90 -41.29 -4.36
C SER C 218 -3.11 -40.60 -3.70
N LYS C 219 -4.31 -40.88 -4.17
CA LYS C 219 -5.48 -40.24 -3.62
C LYS C 219 -5.98 -40.98 -2.40
N VAL C 220 -6.02 -40.28 -1.27
CA VAL C 220 -6.67 -40.81 -0.07
C VAL C 220 -7.82 -39.87 0.31
N ASN C 221 -9.00 -40.43 0.52
CA ASN C 221 -10.21 -39.63 0.68
C ASN C 221 -10.34 -38.56 -0.39
N GLY C 222 -9.96 -38.93 -1.61
CA GLY C 222 -10.08 -38.08 -2.78
C GLY C 222 -9.07 -36.96 -2.93
N GLN C 223 -8.06 -36.92 -2.06
CA GLN C 223 -7.04 -35.88 -2.13
C GLN C 223 -5.62 -36.41 -2.04
N SER C 224 -4.75 -35.94 -2.92
CA SER C 224 -3.33 -36.32 -2.87
C SER C 224 -2.53 -35.37 -1.99
N GLY C 225 -3.17 -34.30 -1.53
CA GLY C 225 -2.52 -33.39 -0.60
C GLY C 225 -2.56 -33.98 0.79
N ARG C 226 -1.75 -33.45 1.71
CA ARG C 226 -1.70 -33.96 3.07
C ARG C 226 -1.77 -32.85 4.11
N MET C 227 -2.28 -33.19 5.29
CA MET C 227 -2.21 -32.30 6.44
C MET C 227 -1.35 -32.98 7.51
N GLU C 228 -0.35 -32.29 8.04
CA GLU C 228 0.43 -32.86 9.14
C GLU C 228 0.16 -32.02 10.37
N PHE C 229 -0.33 -32.65 11.43
CA PHE C 229 -0.70 -31.92 12.64
C PHE C 229 0.31 -32.08 13.79
N PHE C 230 0.54 -30.99 14.51
CA PHE C 230 1.43 -30.99 15.66
C PHE C 230 0.67 -30.48 16.86
N TRP C 231 1.20 -30.75 18.05
CA TRP C 231 0.58 -30.31 19.29
C TRP C 231 1.64 -29.89 20.29
N THR C 232 1.20 -29.23 21.36
CA THR C 232 2.11 -28.83 22.43
C THR C 232 1.33 -28.48 23.68
N ILE C 233 2.00 -28.47 24.82
CA ILE C 233 1.37 -28.08 26.08
C ILE C 233 1.95 -26.78 26.60
N LEU C 234 1.20 -25.68 26.40
CA LEU C 234 1.59 -24.36 26.89
C LEU C 234 1.34 -24.26 28.39
N LYS C 235 2.38 -23.93 29.14
CA LYS C 235 2.24 -23.63 30.56
C LYS C 235 1.60 -22.25 30.74
N PRO C 236 0.99 -22.03 31.92
CA PRO C 236 0.56 -20.67 32.30
C PRO C 236 1.76 -19.72 32.34
N ASN C 237 1.56 -18.49 31.88
CA ASN C 237 2.59 -17.45 31.78
C ASN C 237 3.48 -17.63 30.54
N ASP C 238 3.35 -18.78 29.90
CA ASP C 238 4.08 -19.05 28.66
C ASP C 238 3.31 -18.51 27.45
N ALA C 239 4.02 -18.25 26.36
CA ALA C 239 3.38 -17.76 25.14
C ALA C 239 3.78 -18.59 23.94
N ILE C 240 2.90 -18.68 22.95
CA ILE C 240 3.18 -19.43 21.74
C ILE C 240 3.32 -18.48 20.56
N ASN C 241 4.31 -18.73 19.72
CA ASN C 241 4.62 -17.83 18.64
C ASN C 241 4.69 -18.56 17.30
N PHE C 242 3.83 -18.14 16.37
CA PHE C 242 3.77 -18.70 15.04
C PHE C 242 4.23 -17.64 14.06
N GLU C 243 5.14 -17.98 13.16
CA GLU C 243 5.43 -17.09 12.03
C GLU C 243 5.45 -17.91 10.74
N SER C 244 4.61 -17.54 9.77
CA SER C 244 4.56 -18.31 8.54
C SER C 244 4.13 -17.48 7.34
N ASN C 245 4.73 -17.75 6.19
CA ASN C 245 4.38 -17.07 4.96
C ASN C 245 3.62 -17.99 4.02
N GLY C 246 3.06 -19.06 4.58
CA GLY C 246 2.23 -19.97 3.81
C GLY C 246 1.97 -21.32 4.45
N ASN C 247 1.12 -22.12 3.79
CA ASN C 247 0.79 -23.49 4.21
C ASN C 247 0.46 -23.68 5.69
N PHE C 248 -0.02 -22.64 6.35
CA PHE C 248 -0.22 -22.68 7.79
C PHE C 248 -1.67 -22.98 8.17
N ILE C 249 -1.88 -24.07 8.90
CA ILE C 249 -3.20 -24.44 9.38
C ILE C 249 -3.32 -23.93 10.80
N ALA C 250 -3.95 -22.77 10.97
CA ALA C 250 -3.89 -22.06 12.25
C ALA C 250 -4.79 -22.68 13.31
N PRO C 251 -4.38 -22.59 14.58
CA PRO C 251 -5.30 -23.03 15.63
C PRO C 251 -6.44 -22.03 15.81
N GLU C 252 -7.53 -22.48 16.42
CA GLU C 252 -8.65 -21.60 16.74
C GLU C 252 -9.18 -21.96 18.12
N TYR C 253 -9.36 -23.25 18.38
CA TYR C 253 -9.73 -23.71 19.70
C TYR C 253 -8.61 -24.56 20.30
N ALA C 254 -8.36 -24.38 21.60
CA ALA C 254 -7.35 -25.14 22.32
C ALA C 254 -8.02 -25.66 23.56
N TYR C 255 -7.41 -26.64 24.23
CA TYR C 255 -8.09 -27.31 25.35
C TYR C 255 -7.42 -27.03 26.69
N LYS C 256 -8.18 -26.48 27.64
CA LYS C 256 -7.64 -26.25 28.98
C LYS C 256 -7.75 -27.54 29.79
N ILE C 257 -6.62 -28.07 30.23
CA ILE C 257 -6.65 -29.26 31.07
C ILE C 257 -7.06 -28.83 32.47
N VAL C 258 -8.36 -28.90 32.74
CA VAL C 258 -8.92 -28.36 33.97
C VAL C 258 -9.19 -29.44 35.00
N LYS C 259 -8.98 -30.69 34.61
CA LYS C 259 -9.20 -31.79 35.53
C LYS C 259 -8.29 -32.97 35.17
N LYS C 260 -7.24 -33.14 35.95
CA LYS C 260 -6.29 -34.23 35.76
C LYS C 260 -6.84 -35.43 36.53
N GLY C 261 -6.15 -36.57 36.50
CA GLY C 261 -6.59 -37.68 37.33
C GLY C 261 -6.49 -39.06 36.71
N ASP C 262 -6.84 -40.08 37.49
CA ASP C 262 -6.84 -41.45 37.02
C ASP C 262 -7.86 -41.63 35.91
N SER C 263 -7.35 -41.82 34.69
CA SER C 263 -8.19 -42.19 33.58
C SER C 263 -7.57 -43.45 32.97
N ALA C 264 -7.97 -43.75 31.74
CA ALA C 264 -7.41 -44.82 30.95
C ALA C 264 -8.03 -44.68 29.58
N ILE C 265 -7.53 -45.42 28.59
CA ILE C 265 -8.22 -45.45 27.31
C ILE C 265 -8.58 -46.89 26.97
N MET C 266 -9.88 -47.14 26.90
CA MET C 266 -10.39 -48.46 26.59
C MET C 266 -10.61 -48.63 25.09
N LYS C 267 -10.28 -49.81 24.60
CA LYS C 267 -10.63 -50.21 23.26
C LYS C 267 -11.85 -51.12 23.38
N SER C 268 -12.97 -50.71 22.81
CA SER C 268 -14.19 -51.49 22.91
C SER C 268 -15.21 -51.07 21.85
N GLU C 269 -15.86 -52.05 21.25
CA GLU C 269 -16.90 -51.79 20.27
C GLU C 269 -18.25 -51.58 20.96
N LEU C 270 -18.30 -51.91 22.25
CA LEU C 270 -19.53 -51.81 23.02
C LEU C 270 -19.96 -50.37 23.18
N GLU C 271 -21.26 -50.17 23.36
CA GLU C 271 -21.81 -48.83 23.61
C GLU C 271 -22.34 -48.68 25.02
N TYR C 272 -22.77 -47.47 25.33
CA TYR C 272 -23.20 -47.13 26.68
C TYR C 272 -24.48 -47.85 27.08
N GLY C 273 -24.37 -48.73 28.07
CA GLY C 273 -25.55 -49.22 28.76
C GLY C 273 -25.80 -48.20 29.84
N ASN C 274 -27.03 -48.14 30.36
CA ASN C 274 -27.30 -47.17 31.42
C ASN C 274 -27.20 -47.79 32.79
N CYS C 275 -25.97 -48.09 33.20
CA CYS C 275 -25.70 -48.78 34.45
C CYS C 275 -24.57 -48.10 35.21
N ASN C 276 -24.13 -48.73 36.29
CA ASN C 276 -23.05 -48.19 37.12
C ASN C 276 -22.25 -49.31 37.77
N THR C 277 -20.93 -49.16 37.76
CA THR C 277 -20.05 -50.17 38.30
C THR C 277 -18.84 -49.53 38.99
N LYS C 278 -18.10 -50.33 39.74
CA LYS C 278 -16.87 -49.89 40.37
C LYS C 278 -15.67 -50.48 39.64
N CYS C 279 -15.95 -51.34 38.66
CA CYS C 279 -14.92 -52.03 37.91
C CYS C 279 -15.37 -52.30 36.49
N GLN C 280 -14.52 -51.96 35.52
CA GLN C 280 -14.89 -52.04 34.11
C GLN C 280 -13.84 -52.75 33.25
N THR C 281 -14.33 -53.63 32.38
CA THR C 281 -13.51 -54.30 31.36
C THR C 281 -14.02 -53.80 30.00
N PRO C 282 -13.25 -54.02 28.93
CA PRO C 282 -13.73 -53.51 27.63
C PRO C 282 -14.95 -54.25 27.11
N MET C 283 -15.24 -55.42 27.66
CA MET C 283 -16.36 -56.23 27.19
C MET C 283 -17.51 -56.33 28.19
N GLY C 284 -17.41 -55.63 29.31
CA GLY C 284 -18.48 -55.59 30.29
C GLY C 284 -18.02 -55.17 31.68
N ALA C 285 -18.98 -54.75 32.51
CA ALA C 285 -18.66 -54.27 33.85
C ALA C 285 -18.77 -55.40 34.86
N ILE C 286 -18.19 -55.21 36.05
CA ILE C 286 -18.19 -56.26 37.07
C ILE C 286 -18.74 -55.77 38.42
N ASN C 287 -19.60 -56.58 39.02
CA ASN C 287 -20.07 -56.38 40.39
C ASN C 287 -19.87 -57.67 41.15
N SER C 288 -18.73 -57.80 41.83
CA SER C 288 -18.38 -59.05 42.49
C SER C 288 -17.41 -58.82 43.65
N SER C 289 -17.46 -59.71 44.62
CA SER C 289 -16.56 -59.68 45.78
C SER C 289 -15.42 -60.66 45.60
N MET C 290 -15.52 -61.48 44.56
CA MET C 290 -14.49 -62.45 44.21
C MET C 290 -13.12 -61.76 44.09
N PRO C 291 -12.06 -62.45 44.55
CA PRO C 291 -10.73 -61.84 44.51
C PRO C 291 -10.07 -61.98 43.14
N PHE C 292 -10.56 -62.88 42.31
CA PHE C 292 -9.98 -63.10 41.00
C PHE C 292 -11.02 -63.05 39.87
N HIS C 293 -10.55 -62.91 38.64
CA HIS C 293 -11.41 -62.97 37.47
C HIS C 293 -10.60 -63.33 36.22
N ASN C 294 -11.31 -63.72 35.16
CA ASN C 294 -10.66 -64.12 33.92
C ASN C 294 -11.37 -63.56 32.69
N ILE C 295 -11.80 -62.31 32.80
CA ILE C 295 -12.59 -61.69 31.74
C ILE C 295 -11.70 -60.99 30.71
N HIS C 296 -10.87 -60.08 31.17
CA HIS C 296 -10.02 -59.32 30.26
C HIS C 296 -8.85 -58.70 31.00
N PRO C 297 -7.69 -58.56 30.33
CA PRO C 297 -6.54 -57.91 30.95
C PRO C 297 -6.79 -56.44 31.27
N LEU C 298 -7.15 -55.64 30.27
CA LEU C 298 -7.34 -54.21 30.46
C LEU C 298 -8.51 -53.91 31.41
N THR C 299 -8.19 -53.59 32.66
CA THR C 299 -9.21 -53.36 33.69
C THR C 299 -9.08 -51.95 34.27
N ILE C 300 -10.21 -51.36 34.65
CA ILE C 300 -10.17 -50.06 35.33
C ILE C 300 -11.04 -50.04 36.59
N GLY C 301 -10.53 -49.42 37.66
CA GLY C 301 -11.28 -49.28 38.88
C GLY C 301 -10.77 -50.17 40.00
N GLU C 302 -11.65 -50.45 40.97
CA GLU C 302 -11.32 -51.39 42.04
C GLU C 302 -11.74 -52.77 41.58
N CYS C 303 -10.79 -53.52 41.03
CA CYS C 303 -11.10 -54.76 40.36
C CYS C 303 -10.37 -55.95 40.92
N PRO C 304 -10.97 -57.14 40.77
CA PRO C 304 -10.28 -58.40 41.05
C PRO C 304 -9.07 -58.55 40.12
N LYS C 305 -8.18 -59.46 40.46
CA LYS C 305 -6.94 -59.62 39.71
C LYS C 305 -7.12 -60.62 38.58
N TYR C 306 -6.77 -60.21 37.35
CA TYR C 306 -7.00 -61.06 36.18
C TYR C 306 -6.01 -62.22 36.11
N VAL C 307 -6.52 -63.37 35.67
CA VAL C 307 -5.70 -64.58 35.54
C VAL C 307 -6.26 -65.38 34.36
N LYS C 308 -5.39 -66.03 33.59
CA LYS C 308 -5.81 -66.71 32.36
C LYS C 308 -6.58 -68.01 32.59
N SER C 309 -6.49 -68.56 33.81
CA SER C 309 -7.14 -69.83 34.15
C SER C 309 -8.64 -69.79 33.89
N ASN C 310 -9.21 -70.97 33.66
CA ASN C 310 -10.65 -71.06 33.41
C ASN C 310 -11.46 -71.30 34.68
N ARG C 311 -10.85 -71.92 35.69
CA ARG C 311 -11.58 -72.26 36.91
C ARG C 311 -10.65 -72.41 38.13
N LEU C 312 -10.96 -71.67 39.19
CA LEU C 312 -10.20 -71.75 40.44
C LEU C 312 -11.12 -71.92 41.65
N VAL C 313 -11.06 -73.08 42.28
CA VAL C 313 -11.87 -73.37 43.47
C VAL C 313 -10.99 -73.79 44.65
N LEU C 314 -11.25 -73.21 45.81
CA LEU C 314 -10.44 -73.48 47.00
C LEU C 314 -11.15 -74.45 47.95
N ALA C 315 -10.41 -75.42 48.47
CA ALA C 315 -10.97 -76.44 49.35
C ALA C 315 -11.03 -75.96 50.81
N THR C 316 -12.25 -75.77 51.32
CA THR C 316 -12.45 -75.41 52.71
C THR C 316 -12.79 -76.64 53.53
N GLY C 317 -13.68 -77.47 53.01
CA GLY C 317 -14.11 -78.69 53.68
C GLY C 317 -13.22 -79.89 53.40
N LEU C 318 -13.61 -81.03 53.94
CA LEU C 318 -12.87 -82.28 53.75
C LEU C 318 -13.53 -83.20 52.73
N ARG C 319 -13.00 -84.42 52.58
CA ARG C 319 -13.47 -85.35 51.56
C ARG C 319 -14.88 -85.86 51.85
N ASN C 320 -15.66 -86.04 50.78
CA ASN C 320 -17.05 -86.47 50.93
C ASN C 320 -17.25 -87.92 50.50
N SER C 321 -18.40 -88.48 50.83
CA SER C 321 -18.71 -89.87 50.50
C SER C 321 -20.22 -90.12 50.50
N GLY D 1 -5.23 -90.26 52.43
CA GLY D 1 -5.11 -89.65 53.75
C GLY D 1 -3.69 -89.67 54.29
N LEU D 2 -3.14 -88.48 54.54
CA LEU D 2 -1.78 -88.35 55.03
C LEU D 2 -1.60 -88.94 56.43
N PHE D 3 -2.62 -88.75 57.27
CA PHE D 3 -2.56 -89.17 58.67
C PHE D 3 -3.32 -90.48 58.89
N GLY D 4 -3.88 -91.02 57.82
CA GLY D 4 -4.49 -92.34 57.87
C GLY D 4 -5.93 -92.33 58.32
N ALA D 5 -6.37 -91.21 58.89
CA ALA D 5 -7.72 -91.10 59.43
C ALA D 5 -8.81 -91.15 58.36
N ILE D 6 -9.08 -90.01 57.73
CA ILE D 6 -10.12 -89.91 56.71
C ILE D 6 -9.86 -90.90 55.56
N ALA D 7 -10.88 -91.68 55.24
CA ALA D 7 -10.78 -92.75 54.23
C ALA D 7 -9.66 -93.74 54.53
N GLY D 8 -9.45 -94.00 55.81
CA GLY D 8 -8.43 -94.95 56.27
C GLY D 8 -8.98 -95.97 57.25
N PHE D 9 -8.66 -95.82 58.53
CA PHE D 9 -9.20 -96.74 59.53
C PHE D 9 -10.67 -96.40 59.77
N ILE D 10 -11.00 -95.13 59.54
CA ILE D 10 -12.39 -94.69 59.44
C ILE D 10 -12.77 -94.68 57.96
N GLU D 11 -13.44 -95.75 57.52
CA GLU D 11 -13.70 -95.99 56.10
C GLU D 11 -14.64 -94.97 55.45
N GLY D 12 -15.42 -94.27 56.28
CA GLY D 12 -16.36 -93.30 55.75
C GLY D 12 -16.72 -92.19 56.71
N GLY D 13 -17.47 -91.22 56.22
CA GLY D 13 -17.86 -90.07 57.00
C GLY D 13 -19.29 -90.18 57.51
N TRP D 14 -19.63 -89.37 58.50
CA TRP D 14 -20.97 -89.41 59.09
C TRP D 14 -21.82 -88.32 58.47
N GLN D 15 -22.81 -88.74 57.69
CA GLN D 15 -23.75 -87.82 57.08
C GLN D 15 -24.64 -87.18 58.15
N GLY D 16 -24.81 -87.90 59.27
CA GLY D 16 -25.73 -87.48 60.31
C GLY D 16 -25.19 -86.45 61.28
N MET D 17 -23.89 -86.18 61.21
CA MET D 17 -23.31 -85.10 62.01
C MET D 17 -23.30 -83.83 61.17
N VAL D 18 -24.27 -82.96 61.41
CA VAL D 18 -24.48 -81.78 60.59
C VAL D 18 -24.31 -80.49 61.39
N ASP D 19 -24.01 -80.64 62.68
CA ASP D 19 -23.90 -79.51 63.59
C ASP D 19 -22.44 -79.13 63.83
N GLY D 20 -21.62 -79.35 62.81
CA GLY D 20 -20.19 -79.10 62.88
C GLY D 20 -19.42 -80.09 62.03
N TRP D 21 -18.10 -80.08 62.13
CA TRP D 21 -17.27 -80.96 61.30
C TRP D 21 -16.79 -82.20 62.03
N TYR D 22 -16.28 -82.03 63.25
CA TYR D 22 -15.82 -83.17 64.04
C TYR D 22 -16.73 -83.36 65.23
N GLY D 23 -16.66 -84.53 65.84
CA GLY D 23 -17.44 -84.80 67.03
C GLY D 23 -17.39 -86.26 67.45
N TYR D 24 -18.40 -86.67 68.20
CA TYR D 24 -18.43 -87.98 68.83
C TYR D 24 -19.79 -88.61 68.60
N HIS D 25 -19.85 -89.94 68.68
CA HIS D 25 -21.13 -90.63 68.72
C HIS D 25 -21.22 -91.46 69.99
N HIS D 26 -22.22 -91.18 70.81
CA HIS D 26 -22.39 -91.93 72.04
C HIS D 26 -23.50 -92.97 71.89
N SER D 27 -23.36 -94.07 72.61
CA SER D 27 -24.32 -95.16 72.57
C SER D 27 -24.32 -95.84 73.93
N ASN D 28 -25.14 -95.30 74.83
CA ASN D 28 -25.18 -95.76 76.21
C ASN D 28 -26.55 -96.22 76.66
N GLU D 29 -26.74 -96.20 77.98
CA GLU D 29 -27.99 -96.58 78.61
C GLU D 29 -29.02 -95.47 78.42
N GLN D 30 -28.57 -94.33 77.89
CA GLN D 30 -29.43 -93.17 77.69
C GLN D 30 -29.65 -92.84 76.21
N GLY D 31 -29.42 -93.80 75.32
CA GLY D 31 -29.68 -93.56 73.91
C GLY D 31 -28.43 -93.50 73.05
N SER D 32 -28.62 -93.28 71.75
CA SER D 32 -27.51 -93.17 70.82
C SER D 32 -27.63 -91.87 70.02
N GLY D 33 -26.51 -91.16 69.85
CA GLY D 33 -26.55 -89.87 69.17
C GLY D 33 -25.22 -89.23 68.77
N TYR D 34 -25.32 -88.20 67.93
CA TYR D 34 -24.18 -87.45 67.42
C TYR D 34 -23.99 -86.10 68.12
N ALA D 35 -22.77 -85.83 68.56
CA ALA D 35 -22.40 -84.54 69.14
C ALA D 35 -21.23 -83.95 68.36
N ALA D 36 -21.07 -82.63 68.38
CA ALA D 36 -19.99 -81.96 67.65
C ALA D 36 -18.91 -81.38 68.57
N ASP D 37 -17.66 -81.72 68.29
CA ASP D 37 -16.52 -81.27 69.11
C ASP D 37 -16.18 -79.79 68.87
N LYS D 38 -16.44 -78.96 69.87
CA LYS D 38 -16.31 -77.50 69.73
C LYS D 38 -14.92 -76.95 69.43
N GLU D 39 -13.97 -77.18 70.34
CA GLU D 39 -12.68 -76.48 70.27
C GLU D 39 -11.81 -76.85 69.07
N SER D 40 -11.83 -78.12 68.69
CA SER D 40 -11.08 -78.58 67.53
C SER D 40 -11.64 -77.96 66.26
N THR D 41 -12.95 -78.10 66.10
CA THR D 41 -13.69 -77.45 65.02
C THR D 41 -13.34 -75.97 64.93
N GLN D 42 -13.37 -75.29 66.07
CA GLN D 42 -13.07 -73.86 66.14
C GLN D 42 -11.66 -73.52 65.65
N LYS D 43 -10.65 -74.18 66.20
CA LYS D 43 -9.27 -73.90 65.78
C LYS D 43 -9.03 -74.26 64.32
N ALA D 44 -9.73 -75.28 63.83
CA ALA D 44 -9.65 -75.68 62.44
C ALA D 44 -10.23 -74.61 61.52
N ILE D 45 -11.46 -74.19 61.79
CA ILE D 45 -12.12 -73.12 61.06
C ILE D 45 -11.26 -71.85 61.06
N ASP D 46 -10.68 -71.53 62.22
CA ASP D 46 -9.75 -70.41 62.34
C ASP D 46 -8.60 -70.60 61.35
N GLY D 47 -7.99 -71.78 61.36
CA GLY D 47 -6.91 -72.11 60.46
C GLY D 47 -7.23 -71.90 58.99
N VAL D 48 -8.35 -72.45 58.54
CA VAL D 48 -8.68 -72.41 57.12
C VAL D 48 -9.20 -71.05 56.65
N THR D 49 -9.91 -70.33 57.54
CA THR D 49 -10.38 -68.99 57.21
C THR D 49 -9.20 -68.02 57.14
N ASN D 50 -8.33 -68.11 58.15
CA ASN D 50 -7.12 -67.31 58.16
C ASN D 50 -6.27 -67.64 56.93
N LYS D 51 -6.34 -68.89 56.50
CA LYS D 51 -5.64 -69.33 55.30
C LYS D 51 -6.21 -68.67 54.03
N VAL D 52 -7.53 -68.69 53.90
CA VAL D 52 -8.17 -68.08 52.74
C VAL D 52 -7.88 -66.58 52.67
N ASN D 53 -8.20 -65.87 53.75
CA ASN D 53 -7.94 -64.43 53.81
C ASN D 53 -6.45 -64.08 53.64
N SER D 54 -5.57 -64.98 54.08
CA SER D 54 -4.14 -64.81 53.86
C SER D 54 -3.81 -64.91 52.39
N ILE D 55 -4.39 -65.92 51.72
CA ILE D 55 -4.18 -66.13 50.30
C ILE D 55 -4.62 -64.91 49.50
N ILE D 56 -5.80 -64.39 49.84
CA ILE D 56 -6.30 -63.16 49.22
C ILE D 56 -5.36 -61.97 49.47
N ASP D 57 -5.05 -61.73 50.74
CA ASP D 57 -4.20 -60.60 51.14
C ASP D 57 -2.79 -60.66 50.55
N LYS D 58 -2.34 -61.86 50.21
CA LYS D 58 -1.03 -62.03 49.59
C LYS D 58 -1.08 -61.71 48.10
N MET D 59 -2.26 -61.37 47.61
CA MET D 59 -2.44 -61.17 46.18
C MET D 59 -3.33 -59.98 45.86
N ASN D 60 -3.26 -58.94 46.68
CA ASN D 60 -3.93 -57.68 46.38
C ASN D 60 -2.90 -56.78 45.72
N THR D 61 -1.64 -57.13 45.96
CA THR D 61 -0.51 -56.44 45.33
C THR D 61 0.00 -57.28 44.17
N GLN D 62 -0.80 -57.35 43.11
CA GLN D 62 -0.45 -58.16 41.93
C GLN D 62 0.21 -57.27 40.86
N PHE D 63 -0.29 -57.38 39.63
CA PHE D 63 0.22 -56.61 38.51
C PHE D 63 -0.92 -55.87 37.81
N GLU D 64 -0.65 -54.64 37.40
CA GLU D 64 -1.67 -53.83 36.73
C GLU D 64 -1.81 -54.30 35.28
N ALA D 65 -2.48 -53.48 34.46
CA ALA D 65 -2.64 -53.79 33.04
C ALA D 65 -3.05 -52.55 32.26
N VAL D 66 -2.09 -51.64 32.09
CA VAL D 66 -2.34 -50.43 31.30
C VAL D 66 -2.25 -50.76 29.81
N GLY D 67 -3.04 -50.09 28.99
CA GLY D 67 -3.00 -50.31 27.57
C GLY D 67 -2.06 -49.30 26.93
N ARG D 68 -1.31 -49.72 25.92
CA ARG D 68 -0.38 -48.83 25.24
C ARG D 68 -0.46 -48.93 23.72
N GLU D 69 -0.32 -47.79 23.05
CA GLU D 69 -0.41 -47.74 21.60
C GLU D 69 0.97 -47.53 20.98
N PHE D 70 1.19 -48.14 19.82
CA PHE D 70 2.46 -47.98 19.10
C PHE D 70 2.17 -48.03 17.61
N ASN D 71 2.87 -47.21 16.81
CA ASN D 71 2.61 -47.17 15.37
C ASN D 71 3.26 -48.33 14.62
N ASN D 72 3.19 -48.37 13.29
CA ASN D 72 3.72 -49.51 12.55
C ASN D 72 5.24 -49.51 12.53
N LEU D 73 5.83 -48.37 12.92
CA LEU D 73 7.27 -48.27 13.02
C LEU D 73 7.72 -48.25 14.49
N GLU D 74 6.87 -48.82 15.34
CA GLU D 74 7.21 -49.11 16.73
C GLU D 74 6.86 -50.57 17.06
N ARG D 75 7.11 -51.47 16.11
CA ARG D 75 6.74 -52.88 16.28
C ARG D 75 7.56 -53.61 17.34
N ARG D 76 8.80 -53.16 17.53
CA ARG D 76 9.72 -53.81 18.45
C ARG D 76 9.29 -53.60 19.92
N ILE D 77 9.09 -52.34 20.30
CA ILE D 77 8.70 -52.02 21.68
C ILE D 77 7.24 -52.41 21.93
N GLU D 78 6.48 -52.51 20.85
CA GLU D 78 5.11 -52.99 20.91
C GLU D 78 5.13 -54.48 21.27
N ASN D 79 5.92 -55.25 20.52
CA ASN D 79 6.12 -56.65 20.83
C ASN D 79 6.68 -56.84 22.23
N LEU D 80 7.60 -55.96 22.63
CA LEU D 80 8.20 -56.02 23.96
C LEU D 80 7.14 -55.85 25.04
N ASN D 81 6.34 -54.79 24.90
CA ASN D 81 5.30 -54.48 25.87
C ASN D 81 4.31 -55.63 25.99
N LYS D 82 3.86 -56.12 24.84
CA LYS D 82 2.92 -57.24 24.81
C LYS D 82 3.53 -58.44 25.53
N LYS D 83 4.73 -58.83 25.10
CA LYS D 83 5.47 -59.95 25.65
C LYS D 83 5.64 -59.86 27.17
N MET D 84 5.76 -58.63 27.67
CA MET D 84 6.01 -58.42 29.08
C MET D 84 4.73 -58.47 29.92
N GLU D 85 3.64 -57.91 29.38
CA GLU D 85 2.36 -57.99 30.08
C GLU D 85 1.88 -59.44 30.08
N ASP D 86 2.13 -60.12 28.96
CA ASP D 86 1.85 -61.55 28.82
C ASP D 86 2.66 -62.33 29.82
N GLY D 87 3.93 -61.96 29.97
CA GLY D 87 4.82 -62.60 30.92
C GLY D 87 4.32 -62.54 32.35
N PHE D 88 4.09 -61.32 32.83
CA PHE D 88 3.56 -61.13 34.18
C PHE D 88 2.25 -61.88 34.37
N LEU D 89 1.41 -61.81 33.34
CA LEU D 89 0.11 -62.47 33.36
C LEU D 89 0.29 -63.98 33.61
N ASP D 90 1.20 -64.57 32.84
CA ASP D 90 1.51 -66.00 32.97
C ASP D 90 2.03 -66.34 34.36
N VAL D 91 2.99 -65.56 34.87
CA VAL D 91 3.54 -65.86 36.19
C VAL D 91 2.52 -65.74 37.32
N TRP D 92 1.62 -64.78 37.23
CA TRP D 92 0.60 -64.62 38.25
C TRP D 92 -0.48 -65.70 38.17
N THR D 93 -0.82 -66.11 36.96
CA THR D 93 -1.75 -67.21 36.77
C THR D 93 -1.16 -68.47 37.41
N TYR D 94 0.11 -68.73 37.11
CA TYR D 94 0.86 -69.82 37.73
C TYR D 94 0.76 -69.73 39.25
N ASN D 95 1.08 -68.57 39.80
CA ASN D 95 1.09 -68.38 41.25
C ASN D 95 -0.24 -68.68 41.92
N ALA D 96 -1.33 -68.20 41.30
CA ALA D 96 -2.66 -68.42 41.85
C ALA D 96 -3.02 -69.91 41.81
N GLU D 97 -2.91 -70.52 40.62
CA GLU D 97 -3.19 -71.94 40.45
C GLU D 97 -2.40 -72.82 41.44
N LEU D 98 -1.08 -72.62 41.44
CA LEU D 98 -0.17 -73.40 42.26
C LEU D 98 -0.47 -73.25 43.75
N LEU D 99 -0.61 -72.00 44.21
CA LEU D 99 -0.97 -71.77 45.61
C LEU D 99 -2.25 -72.49 45.98
N VAL D 100 -3.27 -72.35 45.12
CA VAL D 100 -4.56 -73.00 45.36
C VAL D 100 -4.40 -74.52 45.51
N LEU D 101 -3.71 -75.15 44.56
CA LEU D 101 -3.46 -76.59 44.62
C LEU D 101 -2.80 -77.00 45.93
N MET D 102 -1.65 -76.37 46.19
CA MET D 102 -0.86 -76.70 47.37
C MET D 102 -1.71 -76.61 48.63
N GLU D 103 -2.41 -75.50 48.79
CA GLU D 103 -3.18 -75.31 50.01
C GLU D 103 -4.44 -76.17 50.08
N ASN D 104 -4.94 -76.62 48.93
CA ASN D 104 -6.00 -77.60 48.92
C ASN D 104 -5.48 -78.88 49.58
N GLU D 105 -4.31 -79.33 49.12
CA GLU D 105 -3.67 -80.50 49.70
C GLU D 105 -3.38 -80.34 51.20
N ARG D 106 -2.72 -79.25 51.55
CA ARG D 106 -2.39 -78.95 52.93
C ARG D 106 -3.64 -78.97 53.80
N THR D 107 -4.74 -78.47 53.23
CA THR D 107 -6.02 -78.42 53.94
C THR D 107 -6.58 -79.81 54.20
N LEU D 108 -6.61 -80.65 53.17
CA LEU D 108 -7.15 -81.99 53.32
C LEU D 108 -6.34 -82.79 54.34
N ASP D 109 -5.02 -82.72 54.22
CA ASP D 109 -4.16 -83.41 55.17
C ASP D 109 -4.31 -82.80 56.57
N PHE D 110 -4.73 -81.54 56.61
CA PHE D 110 -4.99 -80.86 57.89
C PHE D 110 -6.22 -81.41 58.58
N HIS D 111 -7.30 -81.60 57.82
CA HIS D 111 -8.51 -82.21 58.36
C HIS D 111 -8.18 -83.63 58.85
N ASP D 112 -7.40 -84.34 58.06
CA ASP D 112 -6.93 -85.67 58.41
C ASP D 112 -6.24 -85.63 59.78
N SER D 113 -5.34 -84.66 59.95
CA SER D 113 -4.62 -84.47 61.20
C SER D 113 -5.57 -84.19 62.36
N ASN D 114 -6.61 -83.41 62.11
CA ASN D 114 -7.58 -83.07 63.14
C ASN D 114 -8.32 -84.31 63.64
N VAL D 115 -8.75 -85.15 62.70
CA VAL D 115 -9.42 -86.40 63.06
C VAL D 115 -8.48 -87.27 63.89
N LYS D 116 -7.28 -87.51 63.37
CA LYS D 116 -6.24 -88.25 64.10
C LYS D 116 -6.07 -87.76 65.55
N ASN D 117 -5.84 -86.46 65.70
CA ASN D 117 -5.60 -85.87 67.01
C ASN D 117 -6.80 -85.92 67.97
N LEU D 118 -8.01 -85.77 67.44
CA LEU D 118 -9.21 -85.94 68.26
C LEU D 118 -9.29 -87.37 68.77
N TYR D 119 -9.09 -88.33 67.86
CA TYR D 119 -9.03 -89.73 68.23
C TYR D 119 -7.99 -89.97 69.32
N ASP D 120 -6.90 -89.21 69.29
CA ASP D 120 -5.87 -89.31 70.31
C ASP D 120 -6.33 -88.68 71.63
N LYS D 121 -7.16 -87.64 71.53
CA LYS D 121 -7.75 -87.02 72.71
C LYS D 121 -8.58 -88.05 73.45
N VAL D 122 -9.31 -88.88 72.70
CA VAL D 122 -10.14 -89.92 73.31
C VAL D 122 -9.34 -91.13 73.79
N ARG D 123 -8.37 -91.55 72.98
CA ARG D 123 -7.53 -92.72 73.31
C ARG D 123 -6.82 -92.61 74.65
N LEU D 124 -6.29 -91.43 74.95
CA LEU D 124 -5.59 -91.21 76.21
C LEU D 124 -6.53 -91.08 77.41
N GLN D 125 -7.80 -90.84 77.14
CA GLN D 125 -8.81 -90.74 78.20
C GLN D 125 -9.27 -92.11 78.70
N LEU D 126 -9.56 -93.00 77.78
CA LEU D 126 -10.02 -94.34 78.12
C LEU D 126 -8.89 -95.34 77.90
N ARG D 127 -7.83 -95.16 78.70
CA ARG D 127 -6.62 -95.98 78.60
C ARG D 127 -6.93 -97.47 78.67
N ASP D 128 -7.20 -97.97 79.88
CA ASP D 128 -7.53 -99.36 80.08
C ASP D 128 -9.03 -99.60 79.97
N ASN D 129 -9.79 -98.54 80.25
CA ASN D 129 -11.25 -98.62 80.37
C ASN D 129 -12.08 -98.85 79.10
N ALA D 130 -11.44 -99.21 77.98
CA ALA D 130 -12.16 -99.43 76.74
C ALA D 130 -11.32 -100.18 75.70
N LYS D 131 -11.99 -100.88 74.78
CA LYS D 131 -11.29 -101.60 73.72
C LYS D 131 -11.53 -101.02 72.32
N GLU D 132 -10.50 -101.05 71.49
CA GLU D 132 -10.60 -100.56 70.12
C GLU D 132 -11.44 -101.47 69.23
N LEU D 133 -12.55 -100.93 68.73
CA LEU D 133 -13.44 -101.66 67.84
C LEU D 133 -12.74 -101.88 66.49
N GLY D 134 -11.76 -101.03 66.21
CA GLY D 134 -10.96 -101.12 64.99
C GLY D 134 -11.19 -100.03 63.97
N ASN D 135 -12.42 -99.54 63.85
CA ASN D 135 -12.73 -98.48 62.91
C ASN D 135 -12.61 -97.11 63.57
N GLY D 136 -11.97 -97.09 64.73
CA GLY D 136 -11.80 -95.86 65.49
C GLY D 136 -12.81 -95.75 66.61
N CYS D 137 -13.43 -96.87 66.94
CA CYS D 137 -14.46 -96.88 67.99
C CYS D 137 -14.01 -97.67 69.22
N PHE D 138 -14.56 -97.31 70.36
CA PHE D 138 -14.27 -97.98 71.62
C PHE D 138 -15.49 -98.56 72.33
N GLU D 139 -15.39 -99.83 72.72
CA GLU D 139 -16.42 -100.43 73.55
C GLU D 139 -16.01 -100.25 75.00
N PHE D 140 -16.98 -99.93 75.86
CA PHE D 140 -16.71 -99.57 77.24
C PHE D 140 -16.54 -100.80 78.14
N TYR D 141 -15.54 -100.75 79.02
CA TYR D 141 -15.40 -101.77 80.05
C TYR D 141 -16.23 -101.42 81.29
N HIS D 142 -16.48 -100.13 81.50
CA HIS D 142 -17.39 -99.69 82.55
C HIS D 142 -18.51 -98.86 81.93
N LYS D 143 -19.55 -98.55 82.71
CA LYS D 143 -20.69 -97.81 82.19
C LYS D 143 -20.55 -96.29 82.29
N CYS D 144 -20.90 -95.61 81.19
CA CYS D 144 -20.72 -94.16 81.10
C CYS D 144 -22.01 -93.46 80.69
N ASP D 145 -22.65 -92.76 81.64
CA ASP D 145 -23.87 -91.99 81.33
C ASP D 145 -23.53 -90.79 80.44
N ASN D 146 -24.54 -90.04 80.01
CA ASN D 146 -24.32 -88.93 79.06
C ASN D 146 -23.42 -87.81 79.61
N GLU D 147 -23.42 -87.64 80.93
CA GLU D 147 -22.57 -86.62 81.54
C GLU D 147 -21.12 -87.13 81.70
N CYS D 148 -20.96 -88.44 81.84
CA CYS D 148 -19.63 -89.05 81.78
C CYS D 148 -19.14 -88.97 80.34
N MET D 149 -20.06 -89.19 79.40
CA MET D 149 -19.80 -88.99 77.99
C MET D 149 -19.24 -87.60 77.80
N GLU D 150 -19.90 -86.61 78.42
CA GLU D 150 -19.42 -85.24 78.37
C GLU D 150 -18.06 -85.10 79.03
N SER D 151 -17.83 -85.85 80.12
CA SER D 151 -16.54 -85.81 80.80
C SER D 151 -15.43 -86.25 79.85
N ILE D 152 -15.74 -87.20 78.97
CA ILE D 152 -14.80 -87.62 77.94
C ILE D 152 -14.72 -86.55 76.84
N ARG D 153 -15.85 -85.91 76.58
CA ARG D 153 -15.94 -84.86 75.57
C ARG D 153 -15.09 -83.64 75.95
N ASN D 154 -15.32 -83.09 77.14
CA ASN D 154 -14.58 -81.91 77.60
C ASN D 154 -13.21 -82.23 78.18
N GLY D 155 -12.86 -83.50 78.19
CA GLY D 155 -11.55 -83.95 78.63
C GLY D 155 -11.50 -84.22 80.12
N THR D 156 -12.62 -84.00 80.80
CA THR D 156 -12.68 -84.16 82.25
C THR D 156 -13.14 -85.55 82.63
N TYR D 157 -12.75 -86.54 81.83
CA TYR D 157 -13.12 -87.93 82.12
C TYR D 157 -12.42 -88.43 83.38
N ASN D 158 -13.20 -88.65 84.43
CA ASN D 158 -12.65 -89.20 85.66
C ASN D 158 -12.17 -90.63 85.46
N TYR D 159 -10.87 -90.78 85.17
CA TYR D 159 -10.27 -92.10 85.03
C TYR D 159 -10.33 -92.96 86.31
N PRO D 160 -10.13 -92.37 87.50
CA PRO D 160 -10.32 -93.14 88.74
C PRO D 160 -11.62 -93.94 88.75
N GLN D 161 -11.63 -95.04 88.00
CA GLN D 161 -12.76 -95.95 87.93
C GLN D 161 -12.25 -97.36 87.68
N TYR D 162 -13.02 -98.36 88.10
CA TYR D 162 -12.71 -99.75 87.77
C TYR D 162 -12.92 -99.97 86.26
N SER D 163 -12.68 -101.20 85.80
CA SER D 163 -13.01 -101.55 84.42
C SER D 163 -13.07 -103.05 84.16
N GLU D 164 -13.25 -103.83 85.23
CA GLU D 164 -13.45 -105.26 85.09
C GLU D 164 -14.39 -105.77 86.18
N GLN E 1 -53.28 -176.38 176.67
CA GLN E 1 -53.14 -177.05 175.38
C GLN E 1 -52.37 -176.18 174.40
N ASP E 2 -51.50 -176.80 173.61
CA ASP E 2 -50.77 -176.07 172.59
C ASP E 2 -51.74 -175.75 171.45
N GLN E 3 -51.50 -174.64 170.75
CA GLN E 3 -52.25 -174.32 169.53
C GLN E 3 -51.45 -173.39 168.64
N ILE E 4 -51.87 -173.27 167.38
CA ILE E 4 -51.14 -172.46 166.41
C ILE E 4 -52.11 -171.73 165.49
N CYS E 5 -51.73 -170.53 165.08
CA CYS E 5 -52.60 -169.70 164.24
C CYS E 5 -51.82 -169.09 163.08
N ILE E 6 -52.49 -168.94 161.96
CA ILE E 6 -51.89 -168.32 160.78
C ILE E 6 -52.51 -166.93 160.63
N GLY E 7 -51.71 -165.95 160.23
CA GLY E 7 -52.21 -164.60 160.07
C GLY E 7 -51.38 -163.80 159.07
N TYR E 8 -51.63 -162.50 159.01
CA TYR E 8 -50.94 -161.65 158.04
C TYR E 8 -50.47 -160.35 158.66
N HIS E 9 -49.60 -159.64 157.95
CA HIS E 9 -49.02 -158.41 158.45
C HIS E 9 -50.04 -157.29 158.46
N ALA E 10 -50.06 -156.53 159.55
CA ALA E 10 -50.81 -155.28 159.61
C ALA E 10 -49.89 -154.21 160.16
N ASN E 11 -50.30 -152.95 160.06
CA ASN E 11 -49.51 -151.87 160.62
C ASN E 11 -50.30 -150.60 160.92
N ASN E 12 -49.59 -149.52 161.21
CA ASN E 12 -50.21 -148.23 161.47
C ASN E 12 -49.93 -147.30 160.29
N SER E 13 -50.49 -147.65 159.13
CA SER E 13 -50.28 -146.85 157.93
C SER E 13 -51.60 -146.37 157.34
N THR E 14 -51.56 -145.21 156.69
CA THR E 14 -52.75 -144.60 156.13
C THR E 14 -52.68 -144.55 154.61
N GLU E 15 -51.62 -145.13 154.04
CA GLU E 15 -51.42 -145.10 152.60
C GLU E 15 -52.57 -145.83 151.91
N GLN E 16 -53.36 -145.09 151.14
CA GLN E 16 -54.50 -145.64 150.44
C GLN E 16 -54.26 -145.84 148.94
N VAL E 17 -54.95 -146.81 148.36
CA VAL E 17 -54.96 -147.00 146.90
C VAL E 17 -56.38 -147.18 146.42
N ASP E 18 -56.57 -147.25 145.10
CA ASP E 18 -57.89 -147.50 144.54
C ASP E 18 -57.87 -148.71 143.61
N THR E 19 -58.96 -149.48 143.65
CA THR E 19 -59.14 -150.61 142.75
C THR E 19 -60.37 -150.33 141.89
N ILE E 20 -60.72 -151.26 141.01
CA ILE E 20 -61.87 -151.08 140.13
C ILE E 20 -63.18 -151.10 140.92
N MET E 21 -63.21 -151.87 142.00
CA MET E 21 -64.41 -152.02 142.80
C MET E 21 -64.45 -151.16 144.05
N GLU E 22 -63.30 -150.64 144.47
CA GLU E 22 -63.21 -149.98 145.77
C GLU E 22 -62.25 -148.79 145.77
N LYS E 23 -62.73 -147.65 146.26
CA LYS E 23 -61.95 -146.42 146.29
C LYS E 23 -61.43 -146.15 147.70
N ASN E 24 -60.32 -145.43 147.79
CA ASN E 24 -59.75 -145.06 149.08
C ASN E 24 -59.54 -146.28 149.97
N VAL E 25 -58.95 -147.32 149.41
CA VAL E 25 -58.71 -148.58 150.12
C VAL E 25 -57.44 -148.50 150.96
N THR E 26 -57.57 -148.76 152.26
CA THR E 26 -56.41 -148.65 153.15
C THR E 26 -55.58 -149.93 153.06
N VAL E 27 -54.26 -149.77 153.00
CA VAL E 27 -53.35 -150.91 152.89
C VAL E 27 -52.12 -150.72 153.76
N THR E 28 -51.38 -151.79 153.99
CA THR E 28 -50.21 -151.76 154.86
C THR E 28 -49.04 -151.09 154.15
N HIS E 29 -48.90 -151.38 152.86
CA HIS E 29 -47.82 -150.81 152.06
C HIS E 29 -48.34 -150.31 150.72
N ALA E 30 -47.76 -149.21 150.23
CA ALA E 30 -48.18 -148.62 148.96
C ALA E 30 -47.06 -147.79 148.37
N GLN E 31 -47.10 -147.57 147.05
CA GLN E 31 -46.04 -146.84 146.36
C GLN E 31 -46.56 -145.77 145.40
N ASP E 32 -46.27 -144.51 145.70
CA ASP E 32 -46.57 -143.44 144.76
C ASP E 32 -45.54 -143.52 143.64
N ILE E 33 -46.01 -143.39 142.40
CA ILE E 33 -45.13 -143.42 141.25
C ILE E 33 -45.36 -142.17 140.40
N LEU E 34 -45.88 -141.13 141.04
CA LEU E 34 -46.21 -139.88 140.35
C LEU E 34 -45.48 -138.70 140.98
N GLU E 35 -44.53 -138.12 140.25
CA GLU E 35 -43.81 -136.95 140.74
C GLU E 35 -44.58 -135.68 140.43
N LYS E 36 -44.85 -134.89 141.46
CA LYS E 36 -45.76 -133.76 141.33
C LYS E 36 -45.15 -132.43 141.78
N THR E 37 -43.82 -132.39 141.90
CA THR E 37 -43.14 -131.21 142.44
C THR E 37 -41.88 -130.88 141.62
N HIS E 38 -41.69 -129.58 141.35
CA HIS E 38 -40.54 -129.11 140.58
C HIS E 38 -39.83 -128.01 141.36
N ASN E 39 -38.74 -127.49 140.80
CA ASN E 39 -37.94 -126.48 141.50
C ASN E 39 -38.36 -125.05 141.19
N GLY E 40 -39.25 -124.92 140.21
CA GLY E 40 -39.77 -123.61 139.82
C GLY E 40 -38.72 -122.79 139.09
N LYS E 41 -37.64 -123.43 138.70
CA LYS E 41 -36.53 -122.74 138.03
C LYS E 41 -36.23 -123.38 136.69
N LEU E 42 -35.79 -122.57 135.73
CA LEU E 42 -35.28 -123.10 134.48
C LEU E 42 -33.77 -123.29 134.65
N CYS E 43 -33.32 -124.55 134.65
CA CYS E 43 -31.95 -124.87 135.03
C CYS E 43 -31.07 -125.24 133.83
N ASP E 44 -29.77 -125.36 134.08
CA ASP E 44 -28.88 -125.95 133.07
C ASP E 44 -29.35 -127.37 132.80
N LEU E 45 -29.17 -127.84 131.58
CA LEU E 45 -29.56 -129.20 131.26
C LEU E 45 -28.33 -130.08 131.06
N ASP E 46 -28.01 -130.86 132.09
CA ASP E 46 -26.82 -131.71 132.10
C ASP E 46 -25.53 -130.94 131.81
N GLY E 47 -25.39 -129.79 132.46
CA GLY E 47 -24.16 -129.02 132.38
C GLY E 47 -24.09 -127.94 131.32
N VAL E 48 -24.88 -128.07 130.25
CA VAL E 48 -24.90 -127.06 129.20
C VAL E 48 -26.07 -126.09 129.37
N LYS E 49 -25.77 -124.79 129.41
CA LYS E 49 -26.75 -123.75 129.66
C LYS E 49 -27.64 -123.48 128.45
N PRO E 50 -28.95 -123.26 128.67
CA PRO E 50 -29.86 -122.90 127.58
C PRO E 50 -29.74 -121.44 127.16
N LEU E 51 -30.04 -121.16 125.89
CA LEU E 51 -30.14 -119.78 125.41
C LEU E 51 -31.51 -119.23 125.78
N ILE E 52 -31.53 -118.26 126.69
CA ILE E 52 -32.80 -117.66 127.11
C ILE E 52 -32.98 -116.26 126.53
N LEU E 53 -33.86 -116.15 125.54
CA LEU E 53 -34.23 -114.86 124.99
C LEU E 53 -35.16 -114.22 126.00
N ARG E 54 -34.91 -112.97 126.36
CA ARG E 54 -35.69 -112.32 127.38
C ARG E 54 -37.06 -111.94 126.82
N ASP E 55 -37.16 -110.71 126.34
CA ASP E 55 -38.37 -110.26 125.67
C ASP E 55 -38.06 -110.20 124.18
N CYS E 56 -36.97 -110.87 123.81
CA CYS E 56 -36.62 -111.01 122.41
C CYS E 56 -37.22 -112.28 121.84
N SER E 57 -37.69 -112.20 120.61
CA SER E 57 -38.11 -113.38 119.87
C SER E 57 -36.95 -113.86 119.03
N VAL E 58 -37.14 -114.96 118.32
CA VAL E 58 -36.11 -115.48 117.44
C VAL E 58 -35.82 -114.52 116.28
N ALA E 59 -36.86 -113.88 115.76
CA ALA E 59 -36.67 -112.91 114.69
C ALA E 59 -35.72 -111.78 115.08
N GLY E 60 -36.02 -111.11 116.20
CA GLY E 60 -35.23 -109.98 116.65
C GLY E 60 -33.80 -110.39 116.94
N TRP E 61 -33.65 -111.58 117.51
CA TRP E 61 -32.34 -112.15 117.78
C TRP E 61 -31.53 -112.36 116.50
N LEU E 62 -32.04 -113.19 115.60
CA LEU E 62 -31.30 -113.55 114.39
C LEU E 62 -31.05 -112.38 113.45
N LEU E 63 -32.00 -111.46 113.39
CA LEU E 63 -31.87 -110.32 112.48
C LEU E 63 -31.05 -109.22 113.12
N GLY E 64 -30.86 -109.32 114.43
CA GLY E 64 -30.12 -108.29 115.15
C GLY E 64 -30.98 -107.08 115.44
N ASN E 65 -32.07 -107.30 116.14
CA ASN E 65 -32.82 -106.20 116.74
C ASN E 65 -31.88 -105.54 117.71
N PRO E 66 -31.71 -104.21 117.61
CA PRO E 66 -30.81 -103.48 118.51
C PRO E 66 -31.18 -103.72 119.96
N MET E 67 -32.48 -103.74 120.24
CA MET E 67 -33.00 -104.03 121.57
C MET E 67 -32.65 -105.47 122.00
N CYS E 68 -32.08 -106.25 121.08
CA CYS E 68 -31.71 -107.62 121.37
C CYS E 68 -30.20 -107.80 121.28
N ASP E 69 -29.48 -106.69 121.44
CA ASP E 69 -28.00 -106.73 121.38
C ASP E 69 -27.39 -107.56 122.53
N GLU E 70 -28.21 -107.94 123.49
CA GLU E 70 -27.83 -108.87 124.54
C GLU E 70 -27.40 -110.19 123.93
N PHE E 71 -27.89 -110.48 122.74
CA PHE E 71 -27.67 -111.76 122.09
C PHE E 71 -26.94 -111.62 120.76
N ILE E 72 -26.06 -110.62 120.64
CA ILE E 72 -25.29 -110.45 119.42
C ILE E 72 -24.45 -111.70 119.14
N ASN E 73 -23.89 -112.30 120.19
CA ASN E 73 -23.07 -113.49 120.01
C ASN E 73 -23.38 -114.58 121.01
N VAL E 74 -24.19 -115.54 120.60
CA VAL E 74 -24.70 -116.56 121.50
C VAL E 74 -23.82 -117.81 121.46
N PRO E 75 -23.39 -118.27 122.64
CA PRO E 75 -22.56 -119.48 122.76
C PRO E 75 -23.40 -120.74 122.60
N GLU E 76 -22.77 -121.91 122.61
CA GLU E 76 -23.47 -123.19 122.57
C GLU E 76 -24.56 -123.26 123.64
N TRP E 77 -25.75 -123.69 123.23
CA TRP E 77 -26.89 -123.78 124.12
C TRP E 77 -27.45 -125.20 124.17
N SER E 78 -28.25 -125.48 125.20
CA SER E 78 -28.91 -126.76 125.30
C SER E 78 -30.31 -126.65 124.67
N TYR E 79 -31.12 -125.74 125.21
CA TYR E 79 -32.44 -125.48 124.65
C TYR E 79 -32.71 -123.97 124.53
N ILE E 80 -33.84 -123.61 123.94
CA ILE E 80 -34.19 -122.20 123.75
C ILE E 80 -35.51 -121.83 124.44
N VAL E 81 -35.47 -120.78 125.25
CA VAL E 81 -36.67 -120.30 125.93
C VAL E 81 -37.13 -118.98 125.32
N GLU E 82 -38.35 -118.98 124.78
CA GLU E 82 -38.97 -117.77 124.24
C GLU E 82 -40.25 -117.53 125.02
N LYS E 83 -40.58 -116.27 125.26
CA LYS E 83 -41.83 -115.94 125.94
C LYS E 83 -43.01 -116.12 125.00
N ALA E 84 -44.22 -116.09 125.55
CA ALA E 84 -45.43 -116.20 124.75
C ALA E 84 -45.52 -115.06 123.75
N ASN E 85 -45.36 -113.84 124.25
CA ASN E 85 -45.36 -112.65 123.41
C ASN E 85 -44.12 -111.81 123.65
N PRO E 86 -43.01 -112.16 122.98
CA PRO E 86 -41.82 -111.30 123.12
C PRO E 86 -42.17 -109.93 122.58
N THR E 87 -41.91 -108.90 123.39
CA THR E 87 -42.28 -107.54 123.00
C THR E 87 -41.37 -107.01 121.90
N ASN E 88 -40.11 -107.44 121.94
CA ASN E 88 -39.15 -107.02 120.94
C ASN E 88 -38.98 -108.09 119.85
N ASP E 89 -39.60 -107.84 118.70
CA ASP E 89 -39.67 -108.82 117.62
C ASP E 89 -39.16 -108.16 116.33
N LEU E 90 -40.08 -107.77 115.44
CA LEU E 90 -39.71 -107.05 114.23
C LEU E 90 -39.88 -105.55 114.48
N CYS E 91 -38.87 -104.94 115.11
CA CYS E 91 -38.90 -103.51 115.46
C CYS E 91 -39.40 -102.63 114.30
N TYR E 92 -38.96 -102.92 113.09
CA TYR E 92 -39.55 -102.29 111.90
C TYR E 92 -40.52 -103.29 111.29
N PRO E 93 -41.77 -102.84 111.06
CA PRO E 93 -42.89 -103.71 110.67
C PRO E 93 -42.68 -104.48 109.36
N GLY E 94 -43.38 -105.60 109.25
CA GLY E 94 -43.31 -106.44 108.07
C GLY E 94 -43.48 -107.89 108.46
N SER E 95 -42.79 -108.78 107.74
CA SER E 95 -42.97 -110.21 107.92
C SER E 95 -41.65 -110.97 107.84
N PHE E 96 -41.71 -112.25 108.20
CA PHE E 96 -40.58 -113.15 108.14
C PHE E 96 -41.07 -114.46 107.52
N ASN E 97 -40.73 -114.68 106.24
CA ASN E 97 -41.20 -115.86 105.51
C ASN E 97 -40.74 -117.18 106.13
N ASP E 98 -41.70 -118.08 106.34
CA ASP E 98 -41.44 -119.42 106.90
C ASP E 98 -40.71 -119.38 108.24
N TYR E 99 -41.11 -118.41 109.07
CA TYR E 99 -40.56 -118.22 110.41
C TYR E 99 -40.68 -119.47 111.25
N GLU E 100 -41.86 -120.07 111.25
CA GLU E 100 -42.11 -121.25 112.05
C GLU E 100 -41.21 -122.42 111.58
N GLU E 101 -41.02 -122.51 110.26
CA GLU E 101 -40.15 -123.53 109.68
C GLU E 101 -38.70 -123.34 110.14
N LEU E 102 -38.31 -122.09 110.31
CA LEU E 102 -36.97 -121.77 110.78
C LEU E 102 -36.82 -122.15 112.25
N LYS E 103 -37.83 -121.83 113.06
CA LYS E 103 -37.85 -122.26 114.45
C LYS E 103 -37.68 -123.79 114.54
N HIS E 104 -38.34 -124.47 113.61
CA HIS E 104 -38.26 -125.92 113.54
C HIS E 104 -36.83 -126.35 113.23
N LEU E 105 -36.15 -125.61 112.35
CA LEU E 105 -34.73 -125.87 112.11
C LEU E 105 -33.89 -125.66 113.34
N LEU E 106 -34.22 -124.62 114.10
CA LEU E 106 -33.50 -124.29 115.34
C LEU E 106 -33.68 -125.36 116.40
N SER E 107 -34.75 -126.15 116.27
CA SER E 107 -34.98 -127.23 117.20
C SER E 107 -33.92 -128.33 117.14
N ARG E 108 -33.07 -128.29 116.11
CA ARG E 108 -32.01 -129.28 115.95
C ARG E 108 -30.61 -128.65 115.90
N ILE E 109 -30.48 -127.47 116.49
CA ILE E 109 -29.22 -126.72 116.47
C ILE E 109 -28.84 -126.20 117.85
N ASN E 110 -27.57 -126.33 118.22
CA ASN E 110 -27.10 -125.90 119.54
C ASN E 110 -26.13 -124.71 119.51
N HIS E 111 -25.63 -124.35 118.33
CA HIS E 111 -24.70 -123.21 118.22
C HIS E 111 -24.54 -122.62 116.82
N PHE E 112 -24.83 -121.33 116.69
CA PHE E 112 -24.43 -120.57 115.51
C PHE E 112 -23.15 -119.83 115.83
N GLU E 113 -22.33 -119.57 114.81
CA GLU E 113 -21.32 -118.53 114.97
C GLU E 113 -21.47 -117.49 113.86
N LYS E 114 -21.73 -116.27 114.29
CA LYS E 114 -21.97 -115.16 113.38
C LYS E 114 -20.67 -114.78 112.67
N ILE E 115 -20.75 -114.57 111.36
CA ILE E 115 -19.60 -114.09 110.61
C ILE E 115 -20.06 -113.05 109.60
N GLN E 116 -19.24 -112.02 109.40
CA GLN E 116 -19.55 -110.98 108.44
C GLN E 116 -19.29 -111.54 107.05
N ILE E 117 -20.35 -111.67 106.25
CA ILE E 117 -20.21 -112.21 104.90
C ILE E 117 -20.20 -111.10 103.86
N ILE E 118 -20.71 -109.94 104.24
CA ILE E 118 -20.67 -108.75 103.39
C ILE E 118 -20.37 -107.53 104.27
N PRO E 119 -19.11 -107.09 104.28
CA PRO E 119 -18.76 -105.89 105.04
C PRO E 119 -19.50 -104.66 104.52
N LYS E 120 -19.98 -103.82 105.42
CA LYS E 120 -20.71 -102.60 105.08
C LYS E 120 -19.84 -101.66 104.24
N SER E 121 -18.53 -101.87 104.32
CA SER E 121 -17.57 -101.05 103.61
C SER E 121 -17.56 -101.34 102.12
N SER E 122 -18.21 -102.44 101.74
CA SER E 122 -18.15 -102.88 100.36
C SER E 122 -19.13 -102.13 99.46
N TRP E 123 -20.02 -101.35 100.06
CA TRP E 123 -21.03 -100.65 99.27
C TRP E 123 -20.51 -99.29 98.79
N SER E 124 -19.46 -99.33 98.00
CA SER E 124 -18.83 -98.14 97.44
C SER E 124 -19.80 -97.24 96.67
N ASP E 125 -20.70 -97.85 95.91
CA ASP E 125 -21.53 -97.11 94.96
C ASP E 125 -22.96 -96.92 95.47
N HIS E 126 -23.16 -97.17 96.77
CA HIS E 126 -24.45 -96.93 97.41
C HIS E 126 -24.22 -96.44 98.84
N GLU E 127 -25.30 -96.01 99.50
CA GLU E 127 -25.21 -95.62 100.91
C GLU E 127 -25.61 -96.77 101.82
N ALA E 128 -24.72 -97.14 102.73
CA ALA E 128 -24.98 -98.26 103.62
C ALA E 128 -24.99 -97.81 105.07
N SER E 129 -24.83 -96.51 105.29
CA SER E 129 -24.75 -95.97 106.64
C SER E 129 -25.91 -95.04 106.99
N SER E 130 -26.89 -94.94 106.08
CA SER E 130 -28.03 -94.07 106.33
C SER E 130 -29.34 -94.85 106.26
N GLY E 131 -29.22 -96.17 106.22
CA GLY E 131 -30.40 -97.02 106.16
C GLY E 131 -30.96 -97.30 107.54
N VAL E 132 -31.55 -96.28 108.16
CA VAL E 132 -32.08 -96.36 109.52
C VAL E 132 -33.54 -95.92 109.59
N SER E 133 -34.17 -96.18 110.73
CA SER E 133 -35.55 -95.76 111.01
C SER E 133 -35.74 -95.55 112.50
N SER E 134 -36.72 -94.71 112.84
CA SER E 134 -37.11 -94.49 114.24
C SER E 134 -37.99 -95.61 114.77
N ALA E 135 -38.25 -96.60 113.91
CA ALA E 135 -39.07 -97.73 114.30
C ALA E 135 -38.18 -98.69 115.06
N CYS E 136 -36.88 -98.55 114.83
CA CYS E 136 -35.87 -99.28 115.57
C CYS E 136 -34.92 -98.29 116.22
N PRO E 137 -35.38 -97.65 117.30
CA PRO E 137 -34.45 -96.72 117.98
C PRO E 137 -33.43 -97.50 118.80
N TYR E 138 -32.15 -97.12 118.69
CA TYR E 138 -31.14 -97.57 119.64
C TYR E 138 -30.64 -96.37 120.45
N LEU E 139 -30.78 -96.46 121.77
CA LEU E 139 -30.43 -95.34 122.66
C LEU E 139 -31.00 -94.02 122.16
N GLY E 140 -32.28 -94.04 121.81
CA GLY E 140 -33.03 -92.85 121.46
C GLY E 140 -32.68 -92.19 120.14
N SER E 141 -31.98 -92.92 119.27
CA SER E 141 -31.67 -92.42 117.93
C SER E 141 -31.90 -93.52 116.89
N PRO E 142 -32.48 -93.15 115.73
CA PRO E 142 -32.94 -94.10 114.71
C PRO E 142 -31.89 -95.10 114.27
N SER E 143 -32.25 -96.38 114.31
CA SER E 143 -31.33 -97.46 113.95
C SER E 143 -32.02 -98.49 113.08
N PHE E 144 -31.51 -99.72 113.06
CA PHE E 144 -32.11 -100.78 112.27
C PHE E 144 -31.58 -102.15 112.70
N PHE E 145 -32.08 -103.21 112.07
CA PHE E 145 -31.58 -104.55 112.30
C PHE E 145 -30.08 -104.61 111.96
N ARG E 146 -29.29 -105.17 112.87
CA ARG E 146 -27.83 -105.10 112.73
C ARG E 146 -27.27 -106.08 111.70
N ASN E 147 -27.81 -107.29 111.66
CA ASN E 147 -27.29 -108.32 110.77
C ASN E 147 -27.52 -108.05 109.28
N VAL E 148 -28.35 -107.06 108.98
CA VAL E 148 -28.58 -106.69 107.58
C VAL E 148 -28.34 -105.20 107.40
N VAL E 149 -28.19 -104.78 106.14
CA VAL E 149 -27.89 -103.39 105.82
C VAL E 149 -28.87 -102.84 104.78
N TRP E 150 -29.43 -101.69 105.11
CA TRP E 150 -30.46 -101.06 104.30
C TRP E 150 -29.82 -100.06 103.33
N LEU E 151 -29.48 -100.55 102.14
CA LEU E 151 -28.86 -99.72 101.13
C LEU E 151 -29.87 -98.76 100.51
N ILE E 152 -29.43 -97.54 100.22
CA ILE E 152 -30.23 -96.59 99.45
C ILE E 152 -29.35 -95.87 98.44
N LYS E 153 -29.98 -95.12 97.55
CA LYS E 153 -29.31 -94.49 96.40
C LYS E 153 -28.22 -93.54 96.83
N LYS E 154 -27.26 -93.28 95.95
CA LYS E 154 -26.17 -92.37 96.25
C LYS E 154 -25.98 -91.36 95.11
N ASN E 155 -26.09 -90.08 95.45
CA ASN E 155 -25.98 -89.00 94.46
C ASN E 155 -26.95 -89.16 93.29
N SER E 156 -28.24 -89.29 93.62
CA SER E 156 -29.31 -89.45 92.62
C SER E 156 -29.03 -90.62 91.68
N THR E 157 -28.58 -91.73 92.24
CA THR E 157 -28.20 -92.88 91.44
C THR E 157 -28.18 -94.19 92.23
N TYR E 158 -28.98 -95.16 91.79
CA TYR E 158 -28.95 -96.49 92.38
C TYR E 158 -28.58 -97.47 91.29
N PRO E 159 -27.26 -97.68 91.08
CA PRO E 159 -26.82 -98.61 90.04
C PRO E 159 -27.25 -100.04 90.38
N THR E 160 -27.37 -100.90 89.38
CA THR E 160 -27.78 -102.27 89.66
C THR E 160 -26.66 -102.99 90.42
N ILE E 161 -27.05 -103.77 91.43
CA ILE E 161 -26.11 -104.45 92.30
C ILE E 161 -26.06 -105.91 91.88
N LYS E 162 -24.85 -106.46 91.78
CA LYS E 162 -24.65 -107.86 91.44
C LYS E 162 -23.67 -108.42 92.45
N LYS E 163 -24.17 -108.80 93.62
CA LYS E 163 -23.30 -109.26 94.69
C LYS E 163 -23.48 -110.76 94.88
N SER E 164 -22.38 -111.47 95.10
CA SER E 164 -22.45 -112.90 95.30
C SER E 164 -21.53 -113.35 96.44
N TYR E 165 -21.84 -114.49 97.04
CA TYR E 165 -21.01 -115.04 98.10
C TYR E 165 -20.90 -116.56 98.02
N ASN E 166 -19.66 -117.07 97.92
CA ASN E 166 -19.40 -118.49 97.87
C ASN E 166 -19.13 -118.99 99.28
N ASN E 167 -20.01 -119.85 99.79
CA ASN E 167 -19.84 -120.42 101.12
C ASN E 167 -18.65 -121.36 101.13
N THR E 168 -17.48 -120.80 101.45
CA THR E 168 -16.24 -121.56 101.44
C THR E 168 -16.04 -122.35 102.74
N ASN E 169 -16.81 -122.00 103.75
CA ASN E 169 -16.79 -122.71 105.03
C ASN E 169 -17.24 -124.15 104.82
N GLN E 170 -17.00 -125.02 105.80
CA GLN E 170 -17.50 -126.39 105.71
C GLN E 170 -18.81 -126.55 106.47
N GLU E 171 -19.36 -125.45 106.94
CA GLU E 171 -20.64 -125.49 107.65
C GLU E 171 -21.76 -124.90 106.80
N ASP E 172 -22.99 -125.36 107.06
CA ASP E 172 -24.17 -124.80 106.41
C ASP E 172 -24.39 -123.37 106.88
N LEU E 173 -24.89 -122.52 105.99
CA LEU E 173 -25.07 -121.11 106.30
C LEU E 173 -26.53 -120.67 106.23
N LEU E 174 -27.05 -120.20 107.36
CA LEU E 174 -28.35 -119.57 107.36
C LEU E 174 -28.12 -118.13 106.92
N VAL E 175 -28.62 -117.80 105.73
CA VAL E 175 -28.46 -116.45 105.21
C VAL E 175 -29.82 -115.76 105.18
N LEU E 176 -29.84 -114.55 105.74
CA LEU E 176 -31.08 -113.80 105.91
C LEU E 176 -30.94 -112.51 105.14
N TRP E 177 -32.02 -112.10 104.48
CA TRP E 177 -32.03 -110.82 103.78
C TRP E 177 -33.44 -110.35 103.69
N GLY E 178 -33.66 -109.25 102.98
CA GLY E 178 -35.00 -108.71 102.90
C GLY E 178 -35.28 -107.78 101.75
N ILE E 179 -36.53 -107.34 101.68
CA ILE E 179 -36.99 -106.42 100.66
C ILE E 179 -37.78 -105.35 101.37
N HIS E 180 -37.69 -104.12 100.87
CA HIS E 180 -38.45 -103.01 101.42
C HIS E 180 -39.69 -102.72 100.60
N HIS E 181 -40.85 -102.87 101.23
CA HIS E 181 -42.10 -102.44 100.62
C HIS E 181 -42.40 -101.02 101.08
N PRO E 182 -42.29 -100.03 100.17
CA PRO E 182 -42.60 -98.63 100.50
C PRO E 182 -44.08 -98.36 100.56
N ASN E 183 -44.48 -97.14 100.92
CA ASN E 183 -45.90 -96.83 101.07
C ASN E 183 -46.45 -95.85 100.01
N ASP E 184 -45.55 -95.26 99.22
CA ASP E 184 -45.93 -94.58 97.97
C ASP E 184 -44.80 -94.62 96.92
N ALA E 185 -45.16 -94.42 95.65
CA ALA E 185 -44.19 -94.46 94.55
C ALA E 185 -43.13 -93.37 94.65
N ALA E 186 -43.55 -92.20 95.13
CA ALA E 186 -42.65 -91.06 95.30
C ALA E 186 -41.54 -91.43 96.29
N GLU E 187 -41.91 -92.16 97.33
CA GLU E 187 -40.94 -92.66 98.31
C GLU E 187 -39.98 -93.67 97.69
N GLN E 188 -40.52 -94.59 96.91
CA GLN E 188 -39.72 -95.58 96.18
C GLN E 188 -38.64 -94.89 95.35
N THR E 189 -39.04 -93.86 94.62
CA THR E 189 -38.10 -93.07 93.83
C THR E 189 -37.11 -92.35 94.74
N ARG E 190 -37.61 -91.83 95.86
CA ARG E 190 -36.80 -91.05 96.81
C ARG E 190 -35.63 -91.85 97.37
N LEU E 191 -35.87 -93.11 97.69
CA LEU E 191 -34.85 -93.95 98.33
C LEU E 191 -33.97 -94.62 97.27
N TYR E 192 -34.59 -95.06 96.19
CA TYR E 192 -33.90 -95.81 95.15
C TYR E 192 -34.34 -95.32 93.78
N GLN E 193 -33.72 -94.23 93.28
CA GLN E 193 -34.08 -93.56 92.02
C GLN E 193 -34.93 -94.39 91.05
N ASN E 194 -34.54 -95.64 90.87
CA ASN E 194 -35.24 -96.58 89.98
C ASN E 194 -36.69 -96.82 90.40
N PRO E 195 -37.64 -96.48 89.51
CA PRO E 195 -39.06 -96.59 89.86
C PRO E 195 -39.56 -98.02 89.90
N THR E 196 -39.06 -98.87 89.01
CA THR E 196 -39.52 -100.24 88.95
C THR E 196 -38.39 -101.17 89.30
N THR E 197 -38.37 -101.65 90.54
CA THR E 197 -37.24 -102.44 91.03
C THR E 197 -37.58 -103.92 91.29
N TYR E 198 -36.54 -104.66 91.63
CA TYR E 198 -36.63 -106.10 91.85
C TYR E 198 -35.41 -106.57 92.63
N ILE E 199 -35.44 -107.80 93.12
CA ILE E 199 -34.27 -108.45 93.67
C ILE E 199 -34.34 -109.92 93.26
N SER E 200 -33.43 -110.34 92.38
CA SER E 200 -33.34 -111.74 92.00
C SER E 200 -32.31 -112.43 92.88
N ILE E 201 -32.66 -113.62 93.34
CA ILE E 201 -31.81 -114.38 94.26
C ILE E 201 -31.73 -115.83 93.81
N GLY E 202 -30.50 -116.31 93.61
CA GLY E 202 -30.31 -117.68 93.16
C GLY E 202 -29.25 -118.45 93.91
N THR E 203 -29.46 -119.76 94.06
CA THR E 203 -28.44 -120.68 94.56
C THR E 203 -28.43 -121.92 93.66
N SER E 204 -28.15 -123.08 94.24
CA SER E 204 -28.23 -124.34 93.51
C SER E 204 -29.67 -124.74 93.35
N THR E 205 -30.46 -124.40 94.36
CA THR E 205 -31.83 -124.85 94.46
C THR E 205 -32.78 -123.67 94.53
N LEU E 206 -32.26 -122.48 94.80
CA LEU E 206 -33.10 -121.31 94.99
C LEU E 206 -33.08 -120.44 93.74
N ASN E 207 -34.26 -119.98 93.32
CA ASN E 207 -34.41 -119.17 92.11
C ASN E 207 -35.65 -118.29 92.26
N GLN E 208 -35.52 -117.18 92.96
CA GLN E 208 -36.70 -116.36 93.25
C GLN E 208 -36.52 -114.89 92.88
N ARG E 209 -37.62 -114.20 92.64
CA ARG E 209 -37.53 -112.83 92.15
C ARG E 209 -38.53 -111.94 92.87
N LEU E 210 -38.05 -111.20 93.86
CA LEU E 210 -38.93 -110.34 94.63
C LEU E 210 -39.13 -109.03 93.89
N VAL E 211 -40.32 -108.45 94.00
CA VAL E 211 -40.55 -107.08 93.57
C VAL E 211 -41.29 -106.37 94.70
N PRO E 212 -40.99 -105.09 94.92
CA PRO E 212 -41.64 -104.46 96.08
C PRO E 212 -43.13 -104.26 95.87
N LYS E 213 -43.87 -104.30 96.97
CA LYS E 213 -45.32 -104.20 96.92
C LYS E 213 -45.70 -102.86 97.50
N ILE E 214 -45.85 -101.88 96.62
CA ILE E 214 -46.28 -100.55 97.02
C ILE E 214 -47.79 -100.59 97.29
N ALA E 215 -48.19 -100.10 98.47
CA ALA E 215 -49.57 -100.19 98.94
C ALA E 215 -49.77 -99.26 100.13
N THR E 216 -51.00 -98.79 100.31
CA THR E 216 -51.32 -97.87 101.41
C THR E 216 -51.69 -98.66 102.66
N ARG E 217 -50.89 -98.52 103.72
CA ARG E 217 -51.10 -99.28 104.95
C ARG E 217 -51.07 -98.37 106.18
N SER E 218 -51.55 -98.89 107.30
CA SER E 218 -51.58 -98.15 108.55
C SER E 218 -50.21 -98.09 109.22
N LYS E 219 -50.08 -97.27 110.25
CA LYS E 219 -48.79 -97.10 110.90
C LYS E 219 -48.58 -98.18 111.96
N VAL E 220 -47.51 -98.96 111.81
CA VAL E 220 -47.08 -99.88 112.84
C VAL E 220 -45.70 -99.43 113.28
N ASN E 221 -45.53 -99.24 114.59
CA ASN E 221 -44.37 -98.57 115.14
C ASN E 221 -44.03 -97.27 114.38
N GLY E 222 -45.07 -96.54 114.00
CA GLY E 222 -44.95 -95.25 113.34
C GLY E 222 -44.58 -95.26 111.88
N GLN E 223 -44.53 -96.45 111.27
CA GLN E 223 -44.16 -96.54 109.86
C GLN E 223 -45.17 -97.36 109.07
N SER E 224 -45.57 -96.84 107.91
CA SER E 224 -46.47 -97.55 107.00
C SER E 224 -45.68 -98.38 106.02
N GLY E 225 -44.35 -98.25 106.08
CA GLY E 225 -43.47 -99.04 105.25
C GLY E 225 -43.36 -100.43 105.84
N ARG E 226 -42.87 -101.37 105.06
CA ARG E 226 -42.73 -102.75 105.50
C ARG E 226 -41.38 -103.34 105.13
N MET E 227 -40.92 -104.28 105.94
CA MET E 227 -39.77 -105.09 105.58
C MET E 227 -40.21 -106.53 105.50
N GLU E 228 -39.89 -107.21 104.40
CA GLU E 228 -40.21 -108.62 104.31
C GLU E 228 -38.92 -109.40 104.24
N PHE E 229 -38.74 -110.32 105.18
CA PHE E 229 -37.47 -111.02 105.28
C PHE E 229 -37.52 -112.45 104.74
N PHE E 230 -36.47 -112.86 104.06
CA PHE E 230 -36.38 -114.22 103.57
C PHE E 230 -35.08 -114.82 104.02
N TRP E 231 -35.01 -116.15 104.01
CA TRP E 231 -33.82 -116.84 104.46
C TRP E 231 -33.55 -118.05 103.59
N THR E 232 -32.38 -118.64 103.74
CA THR E 232 -32.04 -119.86 103.01
C THR E 232 -30.85 -120.54 103.67
N ILE E 233 -30.62 -121.80 103.31
CA ILE E 233 -29.46 -122.52 103.80
C ILE E 233 -28.45 -122.82 102.69
N LEU E 234 -27.38 -122.02 102.63
CA LEU E 234 -26.31 -122.24 101.68
C LEU E 234 -25.46 -123.43 102.14
N LYS E 235 -25.33 -124.42 101.27
CA LYS E 235 -24.50 -125.58 101.57
C LYS E 235 -23.04 -125.14 101.49
N PRO E 236 -22.13 -125.89 102.15
CA PRO E 236 -20.71 -125.61 101.94
C PRO E 236 -20.34 -125.82 100.47
N ASN E 237 -19.56 -124.89 99.92
CA ASN E 237 -19.12 -124.89 98.52
C ASN E 237 -20.18 -124.35 97.55
N ASP E 238 -21.39 -124.16 98.07
CA ASP E 238 -22.46 -123.51 97.32
C ASP E 238 -22.33 -122.00 97.39
N ALA E 239 -22.92 -121.30 96.42
CA ALA E 239 -22.85 -119.83 96.39
C ALA E 239 -24.23 -119.20 96.23
N ILE E 240 -24.38 -117.99 96.78
CA ILE E 240 -25.64 -117.26 96.71
C ILE E 240 -25.48 -115.99 95.87
N ASN E 241 -26.48 -115.70 95.05
CA ASN E 241 -26.38 -114.60 94.10
C ASN E 241 -27.55 -113.62 94.20
N PHE E 242 -27.21 -112.37 94.47
CA PHE E 242 -28.18 -111.30 94.60
C PHE E 242 -27.98 -110.30 93.46
N GLU E 243 -29.05 -109.97 92.75
CA GLU E 243 -29.01 -108.87 91.79
C GLU E 243 -30.22 -107.96 91.96
N SER E 244 -30.00 -106.66 92.19
CA SER E 244 -31.12 -105.78 92.46
C SER E 244 -30.89 -104.33 92.06
N ASN E 245 -31.93 -103.67 91.56
CA ASN E 245 -31.83 -102.26 91.20
C ASN E 245 -32.60 -101.38 92.18
N GLY E 246 -32.91 -101.93 93.36
CA GLY E 246 -33.58 -101.18 94.40
C GLY E 246 -34.21 -102.06 95.49
N ASN E 247 -34.75 -101.42 96.52
CA ASN E 247 -35.47 -102.10 97.61
C ASN E 247 -34.79 -103.34 98.18
N PHE E 248 -33.47 -103.40 98.10
CA PHE E 248 -32.74 -104.59 98.53
C PHE E 248 -32.11 -104.38 99.91
N ILE E 249 -32.54 -105.21 100.86
CA ILE E 249 -31.98 -105.22 102.21
C ILE E 249 -30.91 -106.29 102.29
N ALA E 250 -29.65 -105.90 102.16
CA ALA E 250 -28.58 -106.89 101.96
C ALA E 250 -28.20 -107.57 103.27
N PRO E 251 -27.76 -108.84 103.20
CA PRO E 251 -27.21 -109.45 104.41
C PRO E 251 -25.84 -108.83 104.73
N GLU E 252 -25.38 -108.98 105.97
CA GLU E 252 -24.05 -108.53 106.33
C GLU E 252 -23.41 -109.57 107.25
N TYR E 253 -24.17 -110.02 108.24
CA TYR E 253 -23.75 -111.10 109.10
C TYR E 253 -24.64 -112.32 108.84
N ALA E 254 -24.03 -113.51 108.84
CA ALA E 254 -24.77 -114.74 108.64
C ALA E 254 -24.34 -115.70 109.73
N TYR E 255 -25.09 -116.78 109.92
CA TYR E 255 -24.84 -117.67 111.05
C TYR E 255 -24.39 -119.07 110.63
N LYS E 256 -23.22 -119.49 111.09
CA LYS E 256 -22.74 -120.85 110.80
C LYS E 256 -23.26 -121.87 111.82
N ILE E 257 -23.98 -122.86 111.31
CA ILE E 257 -24.48 -123.96 112.13
C ILE E 257 -23.30 -124.86 112.47
N VAL E 258 -22.67 -124.62 113.61
CA VAL E 258 -21.44 -125.32 113.96
C VAL E 258 -21.70 -126.43 114.97
N LYS E 259 -22.94 -126.54 115.42
CA LYS E 259 -23.28 -127.56 116.40
C LYS E 259 -24.73 -128.01 116.31
N LYS E 260 -24.92 -129.21 115.76
CA LYS E 260 -26.24 -129.82 115.65
C LYS E 260 -26.55 -130.61 116.92
N GLY E 261 -27.75 -131.19 116.98
CA GLY E 261 -28.10 -132.06 118.08
C GLY E 261 -29.52 -131.86 118.54
N ASP E 262 -29.96 -132.70 119.49
CA ASP E 262 -31.29 -132.57 120.05
C ASP E 262 -31.40 -131.26 120.82
N SER E 263 -32.21 -130.34 120.29
CA SER E 263 -32.51 -129.12 121.01
C SER E 263 -34.02 -129.07 121.16
N ALA E 264 -34.55 -127.88 121.43
CA ALA E 264 -35.99 -127.67 121.49
C ALA E 264 -36.23 -126.18 121.62
N ILE E 265 -37.48 -125.76 121.49
CA ILE E 265 -37.84 -124.39 121.80
C ILE E 265 -38.91 -124.39 122.87
N MET E 266 -38.56 -123.85 124.03
CA MET E 266 -39.50 -123.75 125.14
C MET E 266 -40.25 -122.43 125.15
N LYS E 267 -41.53 -122.49 125.48
CA LYS E 267 -42.30 -121.30 125.80
C LYS E 267 -42.40 -121.19 127.31
N SER E 268 -41.88 -120.11 127.87
CA SER E 268 -41.88 -119.92 129.31
C SER E 268 -41.65 -118.47 129.67
N GLU E 269 -42.39 -117.98 130.65
CA GLU E 269 -42.21 -116.61 131.12
C GLU E 269 -41.09 -116.58 132.16
N LEU E 270 -40.70 -117.76 132.61
CA LEU E 270 -39.67 -117.88 133.63
C LEU E 270 -38.31 -117.41 133.09
N GLU E 271 -37.47 -116.91 134.00
CA GLU E 271 -36.12 -116.48 133.64
C GLU E 271 -35.15 -117.51 134.21
N TYR E 272 -33.87 -117.30 133.93
CA TYR E 272 -32.84 -118.24 134.35
C TYR E 272 -32.66 -118.29 135.87
N GLY E 273 -32.96 -119.44 136.47
CA GLY E 273 -32.50 -119.69 137.83
C GLY E 273 -31.10 -120.23 137.69
N ASN E 274 -30.30 -120.18 138.75
CA ASN E 274 -28.94 -120.71 138.66
C ASN E 274 -28.83 -122.14 139.17
N CYS E 275 -29.35 -123.08 138.39
CA CYS E 275 -29.40 -124.48 138.78
C CYS E 275 -29.00 -125.43 137.63
N ASN E 276 -29.18 -126.72 137.86
CA ASN E 276 -28.87 -127.74 136.85
C ASN E 276 -29.82 -128.94 137.02
N THR E 277 -30.31 -129.48 135.90
CA THR E 277 -31.25 -130.59 135.96
C THR E 277 -31.07 -131.63 134.86
N LYS E 278 -31.73 -132.77 135.01
CA LYS E 278 -31.74 -133.81 133.99
C LYS E 278 -33.10 -133.81 133.27
N CYS E 279 -34.02 -133.01 133.76
CA CYS E 279 -35.36 -132.92 133.21
C CYS E 279 -35.94 -131.53 133.44
N GLN E 280 -36.45 -130.91 132.39
CA GLN E 280 -36.90 -129.53 132.45
C GLN E 280 -38.29 -129.34 131.83
N THR E 281 -39.15 -128.62 132.54
CA THR E 281 -40.47 -128.26 132.05
C THR E 281 -40.50 -126.74 131.87
N PRO E 282 -41.52 -126.22 131.16
CA PRO E 282 -41.55 -124.76 130.97
C PRO E 282 -41.84 -124.02 132.27
N MET E 283 -42.30 -124.74 133.28
CA MET E 283 -42.61 -124.11 134.56
C MET E 283 -41.69 -124.53 135.71
N GLY E 284 -40.70 -125.39 135.43
CA GLY E 284 -39.73 -125.80 136.44
C GLY E 284 -39.02 -127.11 136.11
N ALA E 285 -37.90 -127.36 136.77
CA ALA E 285 -37.09 -128.55 136.49
C ALA E 285 -37.44 -129.71 137.43
N ILE E 286 -37.03 -130.92 137.06
CA ILE E 286 -37.38 -132.11 137.85
C ILE E 286 -36.17 -132.95 138.27
N ASN E 287 -36.15 -133.36 139.54
CA ASN E 287 -35.18 -134.32 140.06
C ASN E 287 -35.92 -135.42 140.79
N SER E 288 -36.17 -136.54 140.11
CA SER E 288 -36.98 -137.61 140.68
C SER E 288 -36.64 -138.95 140.06
N SER E 289 -36.87 -140.03 140.82
CA SER E 289 -36.67 -141.38 140.33
C SER E 289 -38.02 -141.94 139.90
N MET E 290 -39.06 -141.17 140.21
CA MET E 290 -40.43 -141.48 139.81
C MET E 290 -40.50 -141.73 138.31
N PRO E 291 -41.29 -142.73 137.89
CA PRO E 291 -41.39 -143.01 136.46
C PRO E 291 -42.40 -142.13 135.74
N PHE E 292 -43.31 -141.53 136.50
CA PHE E 292 -44.38 -140.70 135.93
C PHE E 292 -44.38 -139.31 136.57
N HIS E 293 -45.07 -138.37 135.92
CA HIS E 293 -45.26 -137.02 136.45
C HIS E 293 -46.45 -136.32 135.82
N ASN E 294 -46.87 -135.21 136.42
CA ASN E 294 -48.04 -134.48 135.94
C ASN E 294 -47.81 -132.96 135.93
N ILE E 295 -46.60 -132.56 135.57
CA ILE E 295 -46.23 -131.15 135.63
C ILE E 295 -46.53 -130.44 134.31
N HIS E 296 -45.96 -130.95 133.22
CA HIS E 296 -46.17 -130.33 131.90
C HIS E 296 -45.87 -131.33 130.79
N PRO E 297 -46.63 -131.25 129.69
CA PRO E 297 -46.41 -132.10 128.52
C PRO E 297 -45.07 -131.79 127.87
N LEU E 298 -44.88 -130.53 127.47
CA LEU E 298 -43.67 -130.12 126.78
C LEU E 298 -42.48 -130.25 127.73
N THR E 299 -41.76 -131.36 127.61
CA THR E 299 -40.67 -131.68 128.52
C THR E 299 -39.37 -131.86 127.73
N ILE E 300 -38.25 -131.50 128.35
CA ILE E 300 -36.97 -131.73 127.69
C ILE E 300 -36.00 -132.45 128.61
N GLY E 301 -35.25 -133.38 128.05
CA GLY E 301 -34.23 -134.09 128.81
C GLY E 301 -34.61 -135.53 129.06
N GLU E 302 -34.02 -136.13 130.09
CA GLU E 302 -34.38 -137.49 130.49
C GLU E 302 -35.43 -137.38 131.60
N CYS E 303 -36.69 -137.49 131.20
CA CYS E 303 -37.80 -137.19 132.08
C CYS E 303 -38.76 -138.34 132.27
N PRO E 304 -39.47 -138.34 133.40
CA PRO E 304 -40.59 -139.26 133.58
C PRO E 304 -41.65 -139.00 132.51
N LYS E 305 -42.60 -139.91 132.35
CA LYS E 305 -43.59 -139.77 131.30
C LYS E 305 -44.76 -138.94 131.81
N TYR E 306 -45.12 -137.88 131.08
CA TYR E 306 -46.17 -136.99 131.55
C TYR E 306 -47.55 -137.64 131.46
N VAL E 307 -48.38 -137.36 132.45
CA VAL E 307 -49.71 -137.94 132.56
C VAL E 307 -50.63 -136.93 133.26
N LYS E 308 -51.89 -136.86 132.84
CA LYS E 308 -52.83 -135.85 133.36
C LYS E 308 -53.32 -136.13 134.79
N SER E 309 -53.14 -137.35 135.27
CA SER E 309 -53.64 -137.74 136.60
C SER E 309 -53.15 -136.83 137.72
N ASN E 310 -53.93 -136.76 138.79
CA ASN E 310 -53.57 -135.94 139.93
C ASN E 310 -52.80 -136.72 141.01
N ARG E 311 -53.09 -138.01 141.12
CA ARG E 311 -52.45 -138.85 142.14
C ARG E 311 -52.49 -140.31 141.71
N LEU E 312 -51.31 -140.95 141.69
CA LEU E 312 -51.23 -142.36 141.34
C LEU E 312 -50.41 -143.15 142.35
N VAL E 313 -51.09 -144.02 143.10
CA VAL E 313 -50.45 -144.85 144.09
C VAL E 313 -50.70 -146.31 143.78
N LEU E 314 -49.64 -147.11 143.81
CA LEU E 314 -49.73 -148.53 143.49
C LEU E 314 -49.67 -149.34 144.77
N ALA E 315 -50.52 -150.37 144.85
CA ALA E 315 -50.60 -151.18 146.07
C ALA E 315 -49.50 -152.23 146.12
N THR E 316 -48.58 -152.09 147.07
CA THR E 316 -47.52 -153.06 147.25
C THR E 316 -47.89 -154.08 148.35
N GLY E 317 -48.40 -153.57 149.47
CA GLY E 317 -48.81 -154.42 150.57
C GLY E 317 -50.26 -154.86 150.45
N LEU E 318 -50.76 -155.58 151.46
CA LEU E 318 -52.14 -156.05 151.47
C LEU E 318 -53.01 -155.19 152.39
N ARG E 319 -54.25 -155.64 152.60
CA ARG E 319 -55.23 -154.86 153.35
C ARG E 319 -54.88 -154.71 154.82
N ASN E 320 -55.06 -153.50 155.33
CA ASN E 320 -54.76 -153.20 156.73
C ASN E 320 -56.05 -152.89 157.49
N SER E 321 -55.96 -152.87 158.81
CA SER E 321 -57.11 -152.56 159.66
C SER E 321 -56.69 -152.10 161.05
N GLY F 1 -62.78 -159.74 150.36
CA GLY F 1 -61.78 -160.76 150.15
C GLY F 1 -62.20 -161.80 149.12
N LEU F 2 -61.46 -161.91 148.03
CA LEU F 2 -61.79 -162.84 146.96
C LEU F 2 -61.70 -164.30 147.41
N PHE F 3 -60.72 -164.61 148.24
CA PHE F 3 -60.50 -165.98 148.71
C PHE F 3 -61.04 -166.19 150.12
N GLY F 4 -61.60 -165.13 150.70
CA GLY F 4 -62.27 -165.24 151.98
C GLY F 4 -61.36 -165.11 153.18
N ALA F 5 -60.06 -165.20 152.94
CA ALA F 5 -59.07 -165.13 154.02
C ALA F 5 -59.02 -163.75 154.67
N ILE F 6 -58.29 -162.84 154.05
CA ILE F 6 -58.13 -161.48 154.55
C ILE F 6 -59.48 -160.79 154.71
N ALA F 7 -59.71 -160.23 155.90
CA ALA F 7 -61.00 -159.62 156.26
C ALA F 7 -62.17 -160.59 156.12
N GLY F 8 -61.90 -161.86 156.41
CA GLY F 8 -62.92 -162.90 156.38
C GLY F 8 -62.93 -163.74 157.64
N PHE F 9 -62.46 -164.98 157.54
CA PHE F 9 -62.39 -165.84 158.73
C PHE F 9 -61.24 -165.42 159.63
N ILE F 10 -60.21 -164.82 159.02
CA ILE F 10 -59.22 -164.07 159.78
C ILE F 10 -59.67 -162.61 159.76
N GLU F 11 -60.35 -162.19 160.82
CA GLU F 11 -61.03 -160.90 160.85
C GLU F 11 -60.12 -159.69 160.82
N GLY F 12 -58.85 -159.88 161.19
CA GLY F 12 -57.91 -158.78 161.25
C GLY F 12 -56.45 -159.18 161.08
N GLY F 13 -55.58 -158.18 161.01
CA GLY F 13 -54.17 -158.42 160.81
C GLY F 13 -53.35 -158.34 162.09
N TRP F 14 -52.14 -158.87 162.03
CA TRP F 14 -51.25 -158.89 163.20
C TRP F 14 -50.20 -157.79 163.15
N GLN F 15 -50.30 -156.85 164.09
CA GLN F 15 -49.31 -155.80 164.24
C GLN F 15 -47.98 -156.40 164.71
N GLY F 16 -48.08 -157.54 165.40
CA GLY F 16 -46.92 -158.18 166.01
C GLY F 16 -46.06 -159.03 165.09
N MET F 17 -46.54 -159.29 163.89
CA MET F 17 -45.74 -160.02 162.90
C MET F 17 -45.00 -159.02 162.03
N VAL F 18 -43.71 -158.85 162.30
CA VAL F 18 -42.93 -157.77 161.70
C VAL F 18 -41.78 -158.24 160.79
N ASP F 19 -41.61 -159.54 160.65
CA ASP F 19 -40.50 -160.07 159.87
C ASP F 19 -40.96 -160.48 158.47
N GLY F 20 -42.00 -159.82 157.97
CA GLY F 20 -42.58 -160.16 156.69
C GLY F 20 -44.08 -159.94 156.63
N TRP F 21 -44.71 -160.45 155.58
CA TRP F 21 -46.15 -160.26 155.37
C TRP F 21 -46.98 -161.45 155.84
N TYR F 22 -46.52 -162.66 155.55
CA TYR F 22 -47.22 -163.84 156.01
C TYR F 22 -46.37 -164.51 157.08
N GLY F 23 -46.98 -165.40 157.86
CA GLY F 23 -46.24 -166.13 158.87
C GLY F 23 -47.17 -166.88 159.81
N TYR F 24 -46.66 -167.19 160.99
CA TYR F 24 -47.39 -168.01 161.95
C TYR F 24 -47.27 -167.42 163.34
N HIS F 25 -48.23 -167.74 164.20
CA HIS F 25 -48.10 -167.45 165.62
C HIS F 25 -48.20 -168.73 166.41
N HIS F 26 -47.12 -169.10 167.09
CA HIS F 26 -47.14 -170.30 167.91
C HIS F 26 -47.19 -169.95 169.39
N SER F 27 -47.85 -170.80 170.18
CA SER F 27 -48.04 -170.53 171.60
C SER F 27 -48.15 -171.84 172.39
N ASN F 28 -47.02 -172.35 172.87
CA ASN F 28 -47.04 -173.63 173.56
C ASN F 28 -46.51 -173.56 174.99
N GLU F 29 -46.13 -174.72 175.52
CA GLU F 29 -45.68 -174.86 176.90
C GLU F 29 -44.27 -174.32 177.16
N GLN F 30 -43.55 -174.03 176.08
CA GLN F 30 -42.17 -173.55 176.18
C GLN F 30 -42.04 -172.11 175.67
N GLY F 31 -43.14 -171.38 175.74
CA GLY F 31 -43.19 -169.97 175.36
C GLY F 31 -44.09 -169.67 174.18
N SER F 32 -44.23 -168.38 173.90
CA SER F 32 -45.10 -167.91 172.81
C SER F 32 -44.41 -166.90 171.92
N GLY F 33 -44.64 -166.99 170.61
CA GLY F 33 -43.99 -166.07 169.69
C GLY F 33 -44.52 -166.06 168.27
N TYR F 34 -44.13 -165.02 167.54
CA TYR F 34 -44.51 -164.84 166.14
C TYR F 34 -43.32 -165.18 165.25
N ALA F 35 -43.57 -165.99 164.23
CA ALA F 35 -42.54 -166.33 163.26
C ALA F 35 -42.98 -165.92 161.86
N ALA F 36 -42.03 -165.67 160.97
CA ALA F 36 -42.34 -165.26 159.61
C ALA F 36 -42.03 -166.34 158.57
N ASP F 37 -43.03 -166.66 157.74
CA ASP F 37 -42.87 -167.66 156.71
C ASP F 37 -42.02 -167.12 155.56
N LYS F 38 -40.80 -167.65 155.43
CA LYS F 38 -39.83 -167.10 154.48
C LYS F 38 -40.25 -167.13 153.01
N GLU F 39 -40.42 -168.33 152.47
CA GLU F 39 -40.57 -168.49 151.02
C GLU F 39 -41.85 -167.95 150.41
N SER F 40 -42.96 -168.04 151.13
CA SER F 40 -44.22 -167.51 150.62
C SER F 40 -44.13 -165.99 150.51
N THR F 41 -43.75 -165.35 151.62
CA THR F 41 -43.49 -163.92 151.65
C THR F 41 -42.54 -163.50 150.54
N GLN F 42 -41.40 -164.17 150.45
CA GLN F 42 -40.39 -163.85 149.46
C GLN F 42 -40.88 -163.95 148.02
N LYS F 43 -41.45 -165.09 147.65
CA LYS F 43 -41.94 -165.29 146.28
C LYS F 43 -43.09 -164.33 145.95
N ALA F 44 -43.89 -163.99 146.95
CA ALA F 44 -44.95 -163.01 146.74
C ALA F 44 -44.36 -161.63 146.44
N ILE F 45 -43.46 -161.18 147.32
CA ILE F 45 -42.75 -159.91 147.14
C ILE F 45 -42.06 -159.84 145.78
N ASP F 46 -41.39 -160.92 145.39
CA ASP F 46 -40.77 -161.02 144.07
C ASP F 46 -41.80 -160.86 142.97
N GLY F 47 -42.92 -161.57 143.10
CA GLY F 47 -44.00 -161.46 142.14
C GLY F 47 -44.45 -160.03 141.93
N VAL F 48 -44.71 -159.32 143.03
CA VAL F 48 -45.25 -157.97 142.94
C VAL F 48 -44.21 -156.90 142.56
N THR F 49 -42.96 -157.11 142.96
CA THR F 49 -41.87 -156.20 142.58
C THR F 49 -41.60 -156.35 141.09
N ASN F 50 -41.51 -157.60 140.65
CA ASN F 50 -41.37 -157.90 139.23
C ASN F 50 -42.56 -157.33 138.47
N LYS F 51 -43.71 -157.28 139.14
CA LYS F 51 -44.91 -156.66 138.58
C LYS F 51 -44.75 -155.16 138.39
N VAL F 52 -44.22 -154.50 139.42
CA VAL F 52 -43.98 -153.06 139.38
C VAL F 52 -43.01 -152.71 138.26
N ASN F 53 -41.84 -153.35 138.30
CA ASN F 53 -40.83 -153.14 137.27
C ASN F 53 -41.36 -153.50 135.88
N SER F 54 -42.28 -154.45 135.83
CA SER F 54 -42.94 -154.82 134.57
C SER F 54 -43.77 -153.65 134.06
N ILE F 55 -44.55 -153.05 134.96
CA ILE F 55 -45.38 -151.90 134.64
C ILE F 55 -44.51 -150.77 134.11
N ILE F 56 -43.37 -150.55 134.77
CA ILE F 56 -42.40 -149.57 134.30
C ILE F 56 -41.96 -149.91 132.87
N ASP F 57 -41.56 -151.16 132.68
CA ASP F 57 -41.07 -151.66 131.39
C ASP F 57 -42.10 -151.54 130.26
N LYS F 58 -43.38 -151.56 130.62
CA LYS F 58 -44.43 -151.44 129.61
C LYS F 58 -44.74 -149.99 129.23
N MET F 59 -44.09 -149.05 129.89
CA MET F 59 -44.40 -147.64 129.66
C MET F 59 -43.14 -146.78 129.66
N ASN F 60 -42.07 -147.33 129.10
CA ASN F 60 -40.85 -146.58 128.87
C ASN F 60 -40.90 -146.07 127.43
N THR F 61 -41.72 -146.73 126.63
CA THR F 61 -42.02 -146.31 125.28
C THR F 61 -43.42 -145.69 125.25
N GLN F 62 -43.56 -144.51 125.83
CA GLN F 62 -44.87 -143.85 125.88
C GLN F 62 -44.98 -142.90 124.68
N PHE F 63 -45.45 -141.69 124.91
CA PHE F 63 -45.52 -140.70 123.86
C PHE F 63 -44.94 -139.40 124.39
N GLU F 64 -44.04 -138.77 123.63
CA GLU F 64 -43.50 -137.48 124.02
C GLU F 64 -44.47 -136.39 123.61
N ALA F 65 -44.02 -135.14 123.61
CA ALA F 65 -44.90 -134.03 123.27
C ALA F 65 -44.13 -132.79 122.87
N VAL F 66 -43.60 -132.79 121.65
CA VAL F 66 -42.87 -131.63 121.16
C VAL F 66 -43.87 -130.53 120.81
N GLY F 67 -43.49 -129.29 121.02
CA GLY F 67 -44.37 -128.18 120.74
C GLY F 67 -44.10 -127.68 119.35
N ARG F 68 -45.15 -127.28 118.64
CA ARG F 68 -45.02 -126.78 117.28
C ARG F 68 -45.82 -125.51 117.09
N GLU F 69 -45.30 -124.60 116.28
CA GLU F 69 -45.99 -123.34 116.05
C GLU F 69 -46.62 -123.30 114.66
N PHE F 70 -47.73 -122.60 114.55
CA PHE F 70 -48.43 -122.44 113.29
C PHE F 70 -48.94 -121.01 113.22
N ASN F 71 -48.88 -120.41 112.04
CA ASN F 71 -49.21 -118.99 111.88
C ASN F 71 -50.70 -118.66 111.86
N ASN F 72 -51.03 -117.44 111.43
CA ASN F 72 -52.40 -116.95 111.49
C ASN F 72 -53.30 -117.62 110.44
N LEU F 73 -52.69 -118.20 109.41
CA LEU F 73 -53.43 -118.96 108.40
C LEU F 73 -53.12 -120.45 108.40
N GLU F 74 -52.72 -120.98 109.55
CA GLU F 74 -52.52 -122.41 109.70
C GLU F 74 -53.32 -122.91 110.90
N ARG F 75 -54.52 -122.35 111.07
CA ARG F 75 -55.34 -122.64 112.24
C ARG F 75 -55.86 -124.08 112.24
N ARG F 76 -56.04 -124.62 111.04
CA ARG F 76 -56.64 -125.94 110.85
C ARG F 76 -55.70 -127.05 111.35
N ILE F 77 -54.47 -127.04 110.86
CA ILE F 77 -53.48 -128.02 111.27
C ILE F 77 -52.93 -127.75 112.67
N GLU F 78 -53.02 -126.50 113.11
CA GLU F 78 -52.63 -126.16 114.48
C GLU F 78 -53.61 -126.83 115.45
N ASN F 79 -54.90 -126.63 115.18
CA ASN F 79 -55.95 -127.31 115.92
C ASN F 79 -55.80 -128.82 115.81
N LEU F 80 -55.39 -129.30 114.63
CA LEU F 80 -55.19 -130.74 114.43
C LEU F 80 -54.07 -131.32 115.31
N ASN F 81 -52.91 -130.67 115.28
CA ASN F 81 -51.75 -131.08 116.07
C ASN F 81 -52.07 -131.06 117.55
N LYS F 82 -52.71 -129.98 117.98
CA LYS F 82 -53.15 -129.84 119.36
C LYS F 82 -54.05 -131.02 119.73
N LYS F 83 -55.09 -131.19 118.92
CA LYS F 83 -56.07 -132.26 119.11
C LYS F 83 -55.43 -133.65 119.19
N MET F 84 -54.35 -133.84 118.45
CA MET F 84 -53.72 -135.15 118.36
C MET F 84 -52.77 -135.45 119.53
N GLU F 85 -52.00 -134.46 119.95
CA GLU F 85 -51.13 -134.65 121.11
C GLU F 85 -51.98 -134.78 122.37
N ASP F 86 -53.06 -134.00 122.43
CA ASP F 86 -54.03 -134.10 123.51
C ASP F 86 -54.66 -135.48 123.48
N GLY F 87 -54.94 -135.97 122.28
CA GLY F 87 -55.49 -137.31 122.11
C GLY F 87 -54.61 -138.36 122.74
N PHE F 88 -53.36 -138.43 122.29
CA PHE F 88 -52.40 -139.38 122.84
C PHE F 88 -52.25 -139.23 124.36
N LEU F 89 -52.24 -137.99 124.82
CA LEU F 89 -52.12 -137.69 126.24
C LEU F 89 -53.26 -138.38 127.01
N ASP F 90 -54.48 -138.18 126.52
CA ASP F 90 -55.66 -138.81 127.11
C ASP F 90 -55.54 -140.33 127.12
N VAL F 91 -55.18 -140.92 125.97
CA VAL F 91 -55.10 -142.38 125.88
C VAL F 91 -54.04 -143.01 126.79
N TRP F 92 -52.88 -142.36 126.93
CA TRP F 92 -51.82 -142.89 127.77
C TRP F 92 -52.12 -142.70 129.26
N THR F 93 -52.74 -141.57 129.60
CA THR F 93 -53.15 -141.33 130.98
C THR F 93 -54.17 -142.41 131.38
N TYR F 94 -55.14 -142.63 130.49
CA TYR F 94 -56.09 -143.72 130.64
C TYR F 94 -55.38 -145.03 130.90
N ASN F 95 -54.42 -145.34 130.03
CA ASN F 95 -53.71 -146.61 130.11
C ASN F 95 -53.06 -146.83 131.47
N ALA F 96 -52.39 -145.79 131.96
CA ALA F 96 -51.68 -145.86 133.23
C ALA F 96 -52.67 -146.07 134.39
N GLU F 97 -53.66 -145.20 134.45
CA GLU F 97 -54.70 -145.29 135.49
C GLU F 97 -55.36 -146.66 135.55
N LEU F 98 -55.87 -147.10 134.41
CA LEU F 98 -56.61 -148.36 134.29
C LEU F 98 -55.71 -149.53 134.70
N LEU F 99 -54.49 -149.54 134.17
CA LEU F 99 -53.50 -150.55 134.55
C LEU F 99 -53.33 -150.59 136.08
N VAL F 100 -53.19 -149.42 136.68
CA VAL F 100 -53.04 -149.29 138.12
C VAL F 100 -54.20 -149.94 138.89
N LEU F 101 -55.43 -149.58 138.53
CA LEU F 101 -56.62 -150.16 139.17
C LEU F 101 -56.62 -151.69 139.08
N MET F 102 -56.53 -152.18 137.84
CA MET F 102 -56.59 -153.61 137.59
C MET F 102 -55.55 -154.36 138.41
N GLU F 103 -54.30 -153.93 138.33
CA GLU F 103 -53.25 -154.65 139.02
C GLU F 103 -53.25 -154.47 140.54
N ASN F 104 -53.87 -153.40 141.03
CA ASN F 104 -54.12 -153.28 142.45
C ASN F 104 -55.07 -154.38 142.92
N GLU F 105 -56.19 -154.53 142.21
CA GLU F 105 -57.13 -155.60 142.53
C GLU F 105 -56.45 -156.98 142.47
N ARG F 106 -55.77 -157.23 141.35
CA ARG F 106 -55.04 -158.48 141.16
C ARG F 106 -54.06 -158.74 142.31
N THR F 107 -53.43 -157.66 142.78
CA THR F 107 -52.45 -157.74 143.86
C THR F 107 -53.10 -158.16 145.18
N LEU F 108 -54.20 -157.48 145.52
CA LEU F 108 -54.87 -157.77 146.79
C LEU F 108 -55.38 -159.22 146.80
N ASP F 109 -56.01 -159.63 145.70
CA ASP F 109 -56.49 -161.00 145.61
C ASP F 109 -55.32 -162.00 145.59
N PHE F 110 -54.15 -161.53 145.17
CA PHE F 110 -52.93 -162.35 145.18
C PHE F 110 -52.45 -162.62 146.61
N HIS F 111 -52.46 -161.56 147.43
CA HIS F 111 -52.12 -161.71 148.84
C HIS F 111 -53.12 -162.66 149.53
N ASP F 112 -54.39 -162.46 149.23
CA ASP F 112 -55.47 -163.31 149.71
C ASP F 112 -55.16 -164.78 149.38
N SER F 113 -54.78 -165.00 148.12
CA SER F 113 -54.42 -166.33 147.63
C SER F 113 -53.25 -166.95 148.40
N ASN F 114 -52.22 -166.16 148.68
CA ASN F 114 -51.08 -166.69 149.43
C ASN F 114 -51.46 -167.10 150.84
N VAL F 115 -52.27 -166.27 151.50
CA VAL F 115 -52.74 -166.57 152.85
C VAL F 115 -53.53 -167.89 152.86
N LYS F 116 -54.56 -167.96 152.02
CA LYS F 116 -55.32 -169.20 151.82
C LYS F 116 -54.42 -170.42 151.63
N ASN F 117 -53.48 -170.32 150.69
CA ASN F 117 -52.61 -171.43 150.34
C ASN F 117 -51.71 -171.91 151.48
N LEU F 118 -51.19 -170.96 152.27
CA LEU F 118 -50.44 -171.32 153.46
C LEU F 118 -51.32 -172.07 154.46
N TYR F 119 -52.49 -171.49 154.72
CA TYR F 119 -53.46 -172.10 155.62
C TYR F 119 -53.79 -173.54 155.20
N ASP F 120 -53.81 -173.78 153.90
CA ASP F 120 -54.05 -175.13 153.38
C ASP F 120 -52.83 -176.03 153.51
N LYS F 121 -51.63 -175.46 153.40
CA LYS F 121 -50.40 -176.22 153.59
C LYS F 121 -50.32 -176.77 155.02
N VAL F 122 -50.69 -175.92 155.98
CA VAL F 122 -50.65 -176.34 157.38
C VAL F 122 -51.82 -177.28 157.69
N ARG F 123 -53.00 -176.96 157.16
CA ARG F 123 -54.17 -177.83 157.35
C ARG F 123 -53.90 -179.24 156.81
N LEU F 124 -53.18 -179.33 155.69
CA LEU F 124 -52.77 -180.62 155.15
C LEU F 124 -51.60 -181.25 155.91
N GLN F 125 -50.87 -180.44 156.69
CA GLN F 125 -49.82 -181.01 157.55
C GLN F 125 -50.39 -181.63 158.83
N LEU F 126 -51.30 -180.92 159.46
CA LEU F 126 -51.89 -181.34 160.73
C LEU F 126 -53.32 -181.84 160.54
N ARG F 127 -53.48 -182.95 159.82
CA ARG F 127 -54.80 -183.47 159.48
C ARG F 127 -55.72 -183.73 160.67
N ASP F 128 -55.55 -184.90 161.29
CA ASP F 128 -56.36 -185.28 162.44
C ASP F 128 -55.67 -184.85 163.73
N ASN F 129 -54.35 -184.70 163.66
CA ASN F 129 -53.55 -184.43 164.85
C ASN F 129 -53.75 -183.02 165.42
N ALA F 130 -54.73 -182.33 164.88
CA ALA F 130 -55.12 -180.99 165.31
C ALA F 130 -56.47 -180.69 164.68
N LYS F 131 -57.27 -179.84 165.31
CA LYS F 131 -58.57 -179.49 164.75
C LYS F 131 -58.62 -178.05 164.31
N GLU F 132 -59.43 -177.80 163.29
CA GLU F 132 -59.67 -176.45 162.81
C GLU F 132 -60.42 -175.73 163.90
N LEU F 133 -59.77 -174.73 164.50
CA LEU F 133 -60.41 -173.94 165.54
C LEU F 133 -61.51 -173.08 164.94
N GLY F 134 -61.39 -172.80 163.65
CA GLY F 134 -62.40 -172.09 162.89
C GLY F 134 -62.07 -170.66 162.45
N ASN F 135 -61.33 -169.93 163.28
CA ASN F 135 -60.98 -168.56 162.98
C ASN F 135 -59.65 -168.44 162.23
N GLY F 136 -59.18 -169.56 161.70
CA GLY F 136 -57.93 -169.61 160.98
C GLY F 136 -56.81 -170.14 161.86
N CYS F 137 -57.21 -170.74 162.98
CA CYS F 137 -56.27 -171.29 163.94
C CYS F 137 -56.44 -172.80 164.07
N PHE F 138 -55.38 -173.48 164.51
CA PHE F 138 -55.45 -174.91 164.75
C PHE F 138 -55.18 -175.25 166.22
N GLU F 139 -56.10 -175.99 166.82
CA GLU F 139 -55.95 -176.44 168.20
C GLU F 139 -55.31 -177.81 168.20
N PHE F 140 -54.33 -178.02 169.07
CA PHE F 140 -53.60 -179.28 169.07
C PHE F 140 -54.25 -180.33 169.96
N TYR F 141 -54.29 -181.57 169.46
CA TYR F 141 -54.74 -182.72 170.24
C TYR F 141 -53.58 -183.28 171.05
N HIS F 142 -52.37 -183.01 170.58
CA HIS F 142 -51.15 -183.40 171.29
C HIS F 142 -50.34 -182.17 171.69
N LYS F 143 -49.30 -182.39 172.49
CA LYS F 143 -48.44 -181.29 172.91
C LYS F 143 -47.32 -181.12 171.88
N CYS F 144 -47.09 -179.87 171.47
CA CYS F 144 -46.14 -179.58 170.40
C CYS F 144 -45.08 -178.57 170.83
N ASP F 145 -43.86 -179.06 171.01
CA ASP F 145 -42.72 -178.23 171.39
C ASP F 145 -42.34 -177.28 170.25
N ASN F 146 -41.42 -176.36 170.53
CA ASN F 146 -41.01 -175.35 169.55
C ASN F 146 -40.35 -175.92 168.31
N GLU F 147 -39.77 -177.12 168.45
CA GLU F 147 -39.11 -177.79 167.33
C GLU F 147 -40.14 -178.43 166.40
N CYS F 148 -41.28 -178.84 166.96
CA CYS F 148 -42.39 -179.30 166.15
C CYS F 148 -43.00 -178.12 165.41
N MET F 149 -43.09 -176.99 166.11
CA MET F 149 -43.54 -175.74 165.52
C MET F 149 -42.67 -175.40 164.32
N GLU F 150 -41.36 -175.46 164.51
CA GLU F 150 -40.40 -175.18 163.45
C GLU F 150 -40.55 -176.19 162.32
N SER F 151 -40.82 -177.44 162.67
CA SER F 151 -41.02 -178.48 161.69
C SER F 151 -42.23 -178.15 160.81
N ILE F 152 -43.24 -177.51 161.41
CA ILE F 152 -44.41 -177.05 160.67
C ILE F 152 -44.05 -175.84 159.80
N ARG F 153 -43.17 -174.98 160.32
CA ARG F 153 -42.74 -173.79 159.58
C ARG F 153 -41.99 -174.16 158.30
N ASN F 154 -40.93 -174.96 158.43
CA ASN F 154 -40.14 -175.35 157.28
C ASN F 154 -40.76 -176.50 156.49
N GLY F 155 -41.90 -177.00 156.98
CA GLY F 155 -42.67 -178.01 156.28
C GLY F 155 -42.22 -179.42 156.63
N THR F 156 -41.21 -179.51 157.48
CA THR F 156 -40.62 -180.79 157.84
C THR F 156 -41.31 -181.37 159.06
N TYR F 157 -42.62 -181.15 159.14
CA TYR F 157 -43.43 -181.64 160.26
C TYR F 157 -43.55 -183.15 160.30
N ASN F 158 -42.90 -183.76 161.28
CA ASN F 158 -43.04 -185.19 161.52
C ASN F 158 -44.44 -185.57 162.01
N TYR F 159 -45.27 -186.04 161.06
CA TYR F 159 -46.63 -186.50 161.37
C TYR F 159 -46.80 -187.63 162.41
N PRO F 160 -45.91 -188.64 162.40
CA PRO F 160 -46.02 -189.74 163.38
C PRO F 160 -46.31 -189.36 164.84
N GLN F 161 -47.57 -189.05 165.14
CA GLN F 161 -48.03 -188.81 166.51
C GLN F 161 -49.48 -189.26 166.66
N TYR F 162 -49.87 -189.65 167.87
CA TYR F 162 -51.27 -189.97 168.19
C TYR F 162 -52.12 -188.70 168.21
N SER F 163 -53.42 -188.84 168.45
CA SER F 163 -54.29 -187.69 168.72
C SER F 163 -55.66 -188.01 169.32
N GLU F 164 -55.80 -189.19 169.90
CA GLU F 164 -57.01 -189.53 170.65
C GLU F 164 -56.70 -190.48 171.80
N GLN G 1 31.39 88.99 -79.09
CA GLN G 1 32.62 88.91 -79.87
C GLN G 1 32.90 90.20 -80.62
N ASP G 2 34.18 90.59 -80.65
CA ASP G 2 34.60 91.76 -81.42
C ASP G 2 34.59 91.44 -82.92
N GLN G 3 34.48 92.47 -83.75
CA GLN G 3 34.60 92.30 -85.20
C GLN G 3 35.13 93.57 -85.86
N ILE G 4 35.60 93.46 -87.10
CA ILE G 4 36.19 94.60 -87.80
C ILE G 4 35.87 94.59 -89.30
N CYS G 5 35.69 95.78 -89.86
CA CYS G 5 35.39 95.94 -91.29
C CYS G 5 36.22 97.07 -91.88
N ILE G 6 36.66 96.91 -93.12
CA ILE G 6 37.43 97.94 -93.81
C ILE G 6 36.63 98.57 -94.96
N GLY G 7 36.77 99.87 -95.15
CA GLY G 7 36.05 100.56 -96.22
C GLY G 7 36.78 101.82 -96.65
N TYR G 8 36.12 102.62 -97.50
CA TYR G 8 36.72 103.82 -98.05
C TYR G 8 35.75 105.00 -98.07
N HIS G 9 36.29 106.19 -98.31
CA HIS G 9 35.47 107.41 -98.29
C HIS G 9 34.58 107.58 -99.52
N ALA G 10 33.33 107.96 -99.25
CA ALA G 10 32.40 108.47 -100.26
C ALA G 10 31.82 109.73 -99.64
N ASN G 11 31.06 110.51 -100.42
CA ASN G 11 30.42 111.70 -99.86
C ASN G 11 29.19 112.20 -100.64
N ASN G 12 28.79 113.44 -100.36
CA ASN G 12 27.63 114.04 -101.01
C ASN G 12 28.02 115.04 -102.09
N SER G 13 28.62 114.53 -103.17
CA SER G 13 29.04 115.36 -104.28
C SER G 13 28.41 114.91 -105.59
N THR G 14 28.22 115.84 -106.52
CA THR G 14 27.63 115.55 -107.82
C THR G 14 28.65 115.80 -108.91
N GLU G 15 29.87 116.13 -108.51
CA GLU G 15 30.95 116.44 -109.44
C GLU G 15 31.26 115.27 -110.36
N GLN G 16 31.06 115.49 -111.66
CA GLN G 16 31.31 114.44 -112.65
C GLN G 16 32.65 114.57 -113.36
N VAL G 17 33.16 113.43 -113.82
CA VAL G 17 34.34 113.37 -114.67
C VAL G 17 34.06 112.47 -115.85
N ASP G 18 34.99 112.39 -116.79
CA ASP G 18 34.85 111.49 -117.93
C ASP G 18 36.06 110.56 -118.02
N THR G 19 35.80 109.29 -118.34
CA THR G 19 36.89 108.34 -118.60
C THR G 19 36.74 107.82 -120.02
N ILE G 20 37.68 106.99 -120.45
CA ILE G 20 37.65 106.45 -121.81
C ILE G 20 36.49 105.46 -122.01
N MET G 21 36.16 104.73 -120.95
CA MET G 21 35.14 103.69 -121.00
C MET G 21 33.78 104.16 -120.45
N GLU G 22 33.79 105.26 -119.70
CA GLU G 22 32.62 105.66 -118.95
C GLU G 22 32.44 107.18 -118.91
N LYS G 23 31.22 107.64 -119.19
CA LYS G 23 30.94 109.08 -119.27
C LYS G 23 30.22 109.55 -118.02
N ASN G 24 30.40 110.83 -117.70
CA ASN G 24 29.70 111.46 -116.59
C ASN G 24 29.82 110.70 -115.25
N VAL G 25 31.03 110.31 -114.89
CA VAL G 25 31.26 109.57 -113.65
C VAL G 25 31.34 110.50 -112.45
N THR G 26 30.48 110.27 -111.46
CA THR G 26 30.43 111.13 -110.29
C THR G 26 31.55 110.75 -109.33
N VAL G 27 32.19 111.74 -108.72
CA VAL G 27 33.31 111.49 -107.83
C VAL G 27 33.18 112.34 -106.56
N THR G 28 33.91 111.94 -105.52
CA THR G 28 33.81 112.59 -104.22
C THR G 28 34.56 113.91 -104.22
N HIS G 29 35.74 113.91 -104.83
CA HIS G 29 36.54 115.12 -104.93
C HIS G 29 37.06 115.26 -106.36
N ALA G 30 37.11 116.49 -106.85
CA ALA G 30 37.51 116.74 -108.23
C ALA G 30 38.08 118.14 -108.37
N GLN G 31 38.87 118.36 -109.42
CA GLN G 31 39.53 119.64 -109.63
C GLN G 31 39.35 120.13 -111.06
N ASP G 32 38.65 121.24 -111.20
CA ASP G 32 38.50 121.90 -112.50
C ASP G 32 39.82 122.55 -112.85
N ILE G 33 40.24 122.40 -114.10
CA ILE G 33 41.51 122.97 -114.55
C ILE G 33 41.35 123.83 -115.81
N LEU G 34 40.11 124.26 -116.09
CA LEU G 34 39.84 125.04 -117.28
C LEU G 34 39.13 126.33 -116.91
N GLU G 35 39.81 127.46 -117.03
CA GLU G 35 39.19 128.74 -116.70
C GLU G 35 38.42 129.26 -117.91
N LYS G 36 37.15 129.58 -117.69
CA LYS G 36 36.24 129.90 -118.79
C LYS G 36 35.61 131.28 -118.62
N THR G 37 36.24 132.14 -117.82
CA THR G 37 35.67 133.44 -117.49
C THR G 37 36.69 134.57 -117.57
N HIS G 38 36.28 135.67 -118.18
CA HIS G 38 37.13 136.86 -118.33
C HIS G 38 36.39 138.10 -117.82
N ASN G 39 37.08 139.24 -117.80
CA ASN G 39 36.48 140.46 -117.24
C ASN G 39 35.78 141.35 -118.27
N GLY G 40 35.97 141.03 -119.54
CA GLY G 40 35.33 141.77 -120.62
C GLY G 40 35.92 143.14 -120.86
N LYS G 41 37.07 143.43 -120.25
CA LYS G 41 37.73 144.71 -120.42
C LYS G 41 39.16 144.56 -120.93
N LEU G 42 39.61 145.53 -121.70
CA LEU G 42 41.01 145.59 -122.11
C LEU G 42 41.75 146.39 -121.03
N CYS G 43 42.61 145.71 -120.29
CA CYS G 43 43.23 146.30 -119.11
C CYS G 43 44.68 146.67 -119.34
N ASP G 44 45.26 147.39 -118.40
CA ASP G 44 46.71 147.60 -118.38
C ASP G 44 47.36 146.23 -118.24
N LEU G 45 48.56 146.08 -118.79
CA LEU G 45 49.29 144.83 -118.64
C LEU G 45 50.44 145.04 -117.69
N ASP G 46 50.28 144.55 -116.46
CA ASP G 46 51.27 144.76 -115.40
C ASP G 46 51.57 146.23 -115.15
N GLY G 47 50.51 147.05 -115.12
CA GLY G 47 50.65 148.45 -114.76
C GLY G 47 50.84 149.43 -115.91
N VAL G 48 51.34 148.95 -117.05
CA VAL G 48 51.53 149.81 -118.22
C VAL G 48 50.34 149.72 -119.17
N LYS G 49 49.76 150.87 -119.50
CA LYS G 49 48.56 150.95 -120.32
C LYS G 49 48.86 150.66 -121.78
N PRO G 50 47.96 149.93 -122.47
CA PRO G 50 48.10 149.70 -123.90
C PRO G 50 47.70 150.93 -124.71
N LEU G 51 48.25 151.09 -125.91
CA LEU G 51 47.77 152.12 -126.81
C LEU G 51 46.56 151.59 -127.56
N ILE G 52 45.39 152.16 -127.27
CA ILE G 52 44.18 151.72 -127.96
C ILE G 52 43.72 152.77 -128.97
N LEU G 53 43.91 152.46 -130.25
CA LEU G 53 43.42 153.29 -131.34
C LEU G 53 41.92 153.11 -131.41
N ARG G 54 41.17 154.21 -131.52
CA ARG G 54 39.72 154.12 -131.49
C ARG G 54 39.21 153.56 -132.81
N ASP G 55 38.86 154.45 -133.73
CA ASP G 55 38.52 154.02 -135.07
C ASP G 55 39.64 154.43 -135.99
N CYS G 56 40.79 154.74 -135.40
CA CYS G 56 41.98 155.07 -136.16
C CYS G 56 42.76 153.79 -136.40
N SER G 57 43.33 153.67 -137.60
CA SER G 57 44.23 152.56 -137.88
C SER G 57 45.67 152.97 -137.63
N VAL G 58 46.59 152.03 -137.81
CA VAL G 58 48.00 152.34 -137.66
C VAL G 58 48.42 153.30 -138.77
N ALA G 59 47.89 153.10 -139.97
CA ALA G 59 48.14 154.02 -141.08
C ALA G 59 47.72 155.44 -140.71
N GLY G 60 46.47 155.59 -140.29
CA GLY G 60 45.93 156.89 -139.97
C GLY G 60 46.68 157.54 -138.83
N TRP G 61 47.03 156.75 -137.83
CA TRP G 61 47.80 157.24 -136.70
C TRP G 61 49.18 157.74 -137.13
N LEU G 62 49.99 156.82 -137.65
CA LEU G 62 51.39 157.09 -137.96
C LEU G 62 51.58 158.15 -139.05
N LEU G 63 50.63 158.24 -139.97
CA LEU G 63 50.71 159.23 -141.03
C LEU G 63 50.16 160.56 -140.55
N GLY G 64 49.41 160.51 -139.45
CA GLY G 64 48.79 161.69 -138.87
C GLY G 64 47.52 162.11 -139.57
N ASN G 65 46.56 161.19 -139.63
CA ASN G 65 45.20 161.50 -140.06
C ASN G 65 44.63 162.49 -139.05
N PRO G 66 44.03 163.58 -139.53
CA PRO G 66 43.43 164.58 -138.63
C PRO G 66 42.39 163.97 -137.71
N MET G 67 41.55 163.08 -138.24
CA MET G 67 40.58 162.38 -137.41
C MET G 67 41.24 161.51 -136.33
N CYS G 68 42.56 161.43 -136.38
CA CYS G 68 43.30 160.64 -135.42
C CYS G 68 44.21 161.53 -134.58
N ASP G 69 43.89 162.83 -134.51
CA ASP G 69 44.70 163.78 -133.73
C ASP G 69 44.65 163.49 -132.24
N GLU G 70 43.72 162.62 -131.86
CA GLU G 70 43.65 162.08 -130.52
C GLU G 70 44.95 161.40 -130.14
N PHE G 71 45.71 160.99 -131.15
CA PHE G 71 46.92 160.21 -130.93
C PHE G 71 48.19 160.90 -131.47
N ILE G 72 48.20 162.23 -131.49
CA ILE G 72 49.39 162.98 -131.90
C ILE G 72 50.60 162.67 -131.01
N ASN G 73 50.36 162.49 -129.71
CA ASN G 73 51.46 162.23 -128.79
C ASN G 73 51.22 161.00 -127.92
N VAL G 74 51.76 159.87 -128.37
CA VAL G 74 51.50 158.59 -127.72
C VAL G 74 52.62 158.19 -126.78
N PRO G 75 52.28 157.94 -125.51
CA PRO G 75 53.27 157.52 -124.52
C PRO G 75 53.62 156.05 -124.68
N GLU G 76 54.60 155.58 -123.90
CA GLU G 76 54.96 154.17 -123.87
C GLU G 76 53.73 153.29 -123.62
N TRP G 77 53.56 152.28 -124.46
CA TRP G 77 52.40 151.40 -124.37
C TRP G 77 52.80 149.94 -124.17
N SER G 78 51.86 149.13 -123.71
CA SER G 78 52.13 147.71 -123.48
C SER G 78 51.79 146.90 -124.73
N TYR G 79 50.53 146.98 -125.16
CA TYR G 79 50.10 146.34 -126.39
C TYR G 79 49.27 147.31 -127.22
N ILE G 80 48.91 146.92 -128.45
CA ILE G 80 48.13 147.80 -129.31
C ILE G 80 46.81 147.16 -129.73
N VAL G 81 45.70 147.87 -129.51
CA VAL G 81 44.37 147.37 -129.86
C VAL G 81 43.81 148.13 -131.06
N GLU G 82 43.53 147.37 -132.12
CA GLU G 82 42.93 147.93 -133.32
C GLU G 82 41.60 147.25 -133.58
N LYS G 83 40.63 147.99 -134.10
CA LYS G 83 39.34 147.40 -134.45
C LYS G 83 39.45 146.56 -135.71
N ALA G 84 38.41 145.78 -136.00
CA ALA G 84 38.40 144.96 -137.21
C ALA G 84 38.51 145.84 -138.45
N ASN G 85 37.63 146.83 -138.58
CA ASN G 85 37.68 147.77 -139.70
C ASN G 85 37.65 149.22 -139.22
N PRO G 86 38.83 149.78 -138.86
CA PRO G 86 38.93 151.17 -138.41
C PRO G 86 38.40 152.14 -139.47
N THR G 87 37.53 153.05 -139.07
CA THR G 87 36.90 154.00 -140.00
C THR G 87 37.89 155.06 -140.48
N ASN G 88 38.81 155.41 -139.59
CA ASN G 88 39.82 156.42 -139.87
C ASN G 88 41.15 155.79 -140.29
N ASP G 89 41.40 155.74 -141.59
CA ASP G 89 42.56 155.06 -142.12
C ASP G 89 43.32 155.97 -143.08
N LEU G 90 43.20 155.71 -144.37
CA LEU G 90 43.82 156.58 -145.38
C LEU G 90 42.76 157.55 -145.89
N CYS G 91 42.52 158.62 -145.14
CA CYS G 91 41.52 159.63 -145.49
C CYS G 91 41.61 160.06 -146.96
N TYR G 92 42.81 160.27 -147.46
CA TYR G 92 42.99 160.50 -148.89
C TYR G 92 43.38 159.17 -149.53
N PRO G 93 42.64 158.78 -150.58
CA PRO G 93 42.72 157.44 -151.17
C PRO G 93 44.11 157.07 -151.69
N GLY G 94 44.39 155.77 -151.67
CA GLY G 94 45.67 155.27 -152.14
C GLY G 94 46.11 154.02 -151.38
N SER G 95 47.42 153.86 -151.22
CA SER G 95 47.97 152.63 -150.67
C SER G 95 49.16 152.86 -149.72
N PHE G 96 49.55 151.80 -149.01
CA PHE G 96 50.67 151.83 -148.06
C PHE G 96 51.54 150.58 -148.26
N ASN G 97 52.72 150.77 -148.84
CA ASN G 97 53.65 149.66 -149.10
C ASN G 97 54.09 148.94 -147.83
N ASP G 98 53.94 147.61 -147.83
CA ASP G 98 54.41 146.76 -146.74
C ASP G 98 53.86 147.18 -145.37
N TYR G 99 52.59 147.56 -145.35
CA TYR G 99 51.88 147.99 -144.14
C TYR G 99 51.94 146.90 -143.09
N GLU G 100 51.67 145.68 -143.53
CA GLU G 100 51.67 144.52 -142.64
C GLU G 100 53.05 144.26 -142.04
N GLU G 101 54.08 144.43 -142.85
CA GLU G 101 55.46 144.25 -142.38
C GLU G 101 55.78 145.26 -141.29
N LEU G 102 55.22 146.47 -141.44
CA LEU G 102 55.43 147.52 -140.45
C LEU G 102 54.68 147.20 -139.16
N LYS G 103 53.45 146.73 -139.27
CA LYS G 103 52.73 146.28 -138.08
C LYS G 103 53.53 145.20 -137.34
N HIS G 104 54.16 144.32 -138.11
CA HIS G 104 54.99 143.29 -137.51
C HIS G 104 56.17 143.94 -136.77
N LEU G 105 56.72 145.02 -137.34
CA LEU G 105 57.75 145.78 -136.64
C LEU G 105 57.21 146.37 -135.34
N LEU G 106 55.96 146.82 -135.36
CA LEU G 106 55.31 147.37 -134.17
C LEU G 106 55.15 146.30 -133.10
N SER G 107 55.10 145.05 -133.53
CA SER G 107 54.98 143.94 -132.58
C SER G 107 56.20 143.80 -131.65
N ARG G 108 57.27 144.51 -131.97
CA ARG G 108 58.47 144.52 -131.13
C ARG G 108 58.85 145.93 -130.66
N ILE G 109 57.89 146.84 -130.62
CA ILE G 109 58.14 148.23 -130.24
C ILE G 109 57.12 148.72 -129.21
N ASN G 110 57.60 149.39 -128.16
CA ASN G 110 56.74 149.86 -127.08
C ASN G 110 56.62 151.38 -127.03
N HIS G 111 57.50 152.09 -127.75
CA HIS G 111 57.46 153.54 -127.74
C HIS G 111 58.19 154.19 -128.92
N PHE G 112 57.44 154.97 -129.69
CA PHE G 112 58.04 155.89 -130.64
C PHE G 112 58.06 157.23 -129.93
N GLU G 113 59.01 158.09 -130.27
CA GLU G 113 58.86 159.49 -129.94
C GLU G 113 59.00 160.35 -131.20
N LYS G 114 57.93 161.07 -131.50
CA LYS G 114 57.81 161.86 -132.71
C LYS G 114 58.76 163.06 -132.67
N ILE G 115 59.47 163.28 -133.77
CA ILE G 115 60.36 164.45 -133.89
C ILE G 115 60.29 165.06 -135.29
N GLN G 116 60.39 166.38 -135.34
CA GLN G 116 60.39 167.11 -136.62
C GLN G 116 61.75 166.95 -137.28
N ILE G 117 61.79 166.26 -138.42
CA ILE G 117 63.05 166.06 -139.15
C ILE G 117 63.17 167.00 -140.35
N ILE G 118 62.04 167.52 -140.81
CA ILE G 118 62.04 168.53 -141.85
C ILE G 118 60.95 169.54 -141.51
N PRO G 119 61.34 170.69 -140.95
CA PRO G 119 60.37 171.75 -140.62
C PRO G 119 59.69 172.27 -141.87
N LYS G 120 58.38 172.47 -141.80
CA LYS G 120 57.62 172.96 -142.94
C LYS G 120 58.10 174.34 -143.40
N SER G 121 58.76 175.07 -142.50
CA SER G 121 59.23 176.41 -142.79
C SER G 121 60.45 176.41 -143.70
N SER G 122 61.06 175.24 -143.87
CA SER G 122 62.31 175.13 -144.62
C SER G 122 62.09 175.10 -146.13
N TRP G 123 60.83 174.99 -146.55
CA TRP G 123 60.51 174.90 -147.97
C TRP G 123 60.37 176.27 -148.62
N SER G 124 61.47 177.00 -148.65
CA SER G 124 61.55 178.34 -149.21
C SER G 124 61.04 178.44 -150.65
N ASP G 125 61.42 177.45 -151.46
CA ASP G 125 61.24 177.56 -152.91
C ASP G 125 60.07 176.74 -153.42
N HIS G 126 59.20 176.31 -152.52
CA HIS G 126 57.99 175.58 -152.92
C HIS G 126 56.84 175.95 -152.00
N GLU G 127 55.63 175.51 -152.34
CA GLU G 127 54.49 175.75 -151.45
C GLU G 127 54.23 174.53 -150.56
N ALA G 128 54.29 174.74 -149.26
CA ALA G 128 54.14 173.66 -148.30
C ALA G 128 52.94 173.90 -147.40
N SER G 129 52.20 174.98 -147.69
CA SER G 129 51.07 175.38 -146.86
C SER G 129 49.76 175.30 -147.63
N SER G 130 49.83 174.73 -148.83
CA SER G 130 48.67 174.61 -149.69
C SER G 130 48.37 173.15 -150.06
N GLY G 131 49.01 172.23 -149.35
CA GLY G 131 48.79 170.82 -149.60
C GLY G 131 47.60 170.31 -148.82
N VAL G 132 46.40 170.68 -149.26
CA VAL G 132 45.18 170.32 -148.55
C VAL G 132 44.19 169.57 -149.45
N SER G 133 43.22 168.91 -148.83
CA SER G 133 42.17 168.18 -149.54
C SER G 133 40.91 168.06 -148.71
N SER G 134 39.79 167.93 -149.40
CA SER G 134 38.49 167.71 -148.78
C SER G 134 38.33 166.24 -148.37
N ALA G 135 39.34 165.44 -148.69
CA ALA G 135 39.31 164.02 -148.36
C ALA G 135 39.76 163.82 -146.93
N CYS G 136 40.45 164.80 -146.39
CA CYS G 136 40.88 164.76 -144.99
C CYS G 136 40.34 165.96 -144.25
N PRO G 137 39.03 165.96 -143.96
CA PRO G 137 38.50 167.13 -143.25
C PRO G 137 38.87 167.13 -141.77
N TYR G 138 39.46 168.23 -141.31
CA TYR G 138 39.58 168.50 -139.89
C TYR G 138 38.73 169.72 -139.58
N LEU G 139 37.79 169.55 -138.64
CA LEU G 139 36.86 170.60 -138.24
C LEU G 139 36.20 171.33 -139.42
N GLY G 140 35.70 170.54 -140.38
CA GLY G 140 34.89 171.09 -141.45
C GLY G 140 35.64 171.93 -142.47
N SER G 141 36.96 171.80 -142.48
CA SER G 141 37.78 172.48 -143.47
C SER G 141 38.85 171.53 -143.99
N PRO G 142 39.12 171.59 -145.30
CA PRO G 142 40.04 170.68 -145.98
C PRO G 142 41.44 170.64 -145.37
N SER G 143 41.91 169.44 -145.05
CA SER G 143 43.24 169.29 -144.46
C SER G 143 44.00 168.12 -145.10
N PHE G 144 44.97 167.57 -144.37
CA PHE G 144 45.77 166.46 -144.87
C PHE G 144 46.47 165.80 -143.69
N PHE G 145 47.25 164.76 -143.98
CA PHE G 145 48.07 164.10 -142.98
C PHE G 145 49.06 165.08 -142.35
N ARG G 146 49.15 165.08 -141.03
CA ARG G 146 49.96 166.06 -140.30
C ARG G 146 51.45 165.72 -140.36
N ASN G 147 51.74 164.43 -140.29
CA ASN G 147 53.12 163.95 -140.25
C ASN G 147 53.87 164.15 -141.58
N VAL G 148 53.16 164.49 -142.64
CA VAL G 148 53.80 164.78 -143.93
C VAL G 148 53.31 166.11 -144.50
N VAL G 149 54.00 166.59 -145.53
CA VAL G 149 53.64 167.84 -146.18
C VAL G 149 53.58 167.65 -147.70
N TRP G 150 52.47 168.07 -148.28
CA TRP G 150 52.18 167.90 -149.70
C TRP G 150 52.65 169.13 -150.49
N LEU G 151 53.87 169.10 -150.98
CA LEU G 151 54.43 170.24 -151.71
C LEU G 151 53.84 170.37 -153.11
N ILE G 152 53.56 171.60 -153.52
CA ILE G 152 53.14 171.90 -154.88
C ILE G 152 53.88 173.13 -155.40
N LYS G 153 53.74 173.41 -156.69
CA LYS G 153 54.55 174.43 -157.36
C LYS G 153 54.35 175.82 -156.75
N LYS G 154 55.36 176.67 -156.91
CA LYS G 154 55.30 178.05 -156.42
C LYS G 154 55.71 179.00 -157.55
N ASN G 155 54.81 179.93 -157.87
CA ASN G 155 55.01 180.86 -158.97
C ASN G 155 55.30 180.14 -160.29
N SER G 156 54.44 179.18 -160.59
CA SER G 156 54.52 178.39 -161.82
C SER G 156 55.90 177.75 -162.04
N THR G 157 56.49 177.24 -160.97
CA THR G 157 57.83 176.64 -161.03
C THR G 157 58.08 175.69 -159.86
N TYR G 158 58.40 174.45 -160.20
CA TYR G 158 58.75 173.44 -159.19
C TYR G 158 60.17 172.95 -159.44
N PRO G 159 61.16 173.66 -158.89
CA PRO G 159 62.57 173.30 -159.05
C PRO G 159 62.84 171.95 -158.39
N THR G 160 63.88 171.26 -158.81
CA THR G 160 64.19 169.96 -158.23
C THR G 160 64.65 170.14 -156.78
N ILE G 161 64.21 169.22 -155.93
CA ILE G 161 64.46 169.27 -154.50
C ILE G 161 65.55 168.25 -154.18
N LYS G 162 66.51 168.66 -153.35
CA LYS G 162 67.57 167.77 -152.90
C LYS G 162 67.68 167.89 -151.39
N LYS G 163 66.87 167.13 -150.67
CA LYS G 163 66.85 167.23 -149.22
C LYS G 163 67.45 165.96 -148.60
N SER G 164 68.21 166.10 -147.53
CA SER G 164 68.77 164.94 -146.85
C SER G 164 68.64 165.08 -145.34
N TYR G 165 68.65 163.95 -144.62
CA TYR G 165 68.60 163.99 -143.16
C TYR G 165 69.49 162.91 -142.53
N ASN G 166 70.44 163.34 -141.70
CA ASN G 166 71.36 162.45 -141.00
C ASN G 166 70.82 162.10 -139.62
N ASN G 167 70.54 160.82 -139.40
CA ASN G 167 70.12 160.36 -138.08
C ASN G 167 71.27 160.45 -137.10
N THR G 168 71.35 161.58 -136.40
CA THR G 168 72.42 161.81 -135.44
C THR G 168 72.08 161.17 -134.10
N ASN G 169 70.82 160.81 -133.92
CA ASN G 169 70.37 160.13 -132.70
C ASN G 169 71.00 158.75 -132.57
N GLN G 170 70.91 158.17 -131.38
CA GLN G 170 71.37 156.79 -131.17
C GLN G 170 70.22 155.79 -131.23
N GLU G 171 69.05 156.28 -131.64
CA GLU G 171 67.88 155.42 -131.78
C GLU G 171 67.53 155.18 -133.25
N ASP G 172 66.85 154.07 -133.52
CA ASP G 172 66.36 153.76 -134.86
C ASP G 172 65.26 154.73 -135.25
N LEU G 173 65.20 155.09 -136.53
CA LEU G 173 64.22 156.08 -136.99
C LEU G 173 63.23 155.54 -138.03
N LEU G 174 61.95 155.57 -137.72
CA LEU G 174 60.92 155.27 -138.70
C LEU G 174 60.64 156.53 -139.51
N VAL G 175 60.97 156.47 -140.81
CA VAL G 175 60.76 157.59 -141.72
C VAL G 175 59.70 157.25 -142.77
N LEU G 176 58.76 158.17 -142.96
CA LEU G 176 57.63 157.97 -143.85
C LEU G 176 57.60 159.04 -144.93
N TRP G 177 57.22 158.66 -146.14
CA TRP G 177 57.05 159.64 -147.22
C TRP G 177 56.03 159.10 -148.21
N GLY G 178 55.77 159.82 -149.29
CA GLY G 178 54.79 159.35 -150.24
C GLY G 178 54.88 159.96 -151.61
N ILE G 179 54.01 159.49 -152.51
CA ILE G 179 53.96 160.02 -153.87
C ILE G 179 52.49 160.24 -154.21
N HIS G 180 52.23 161.29 -154.97
CA HIS G 180 50.89 161.58 -155.45
C HIS G 180 50.70 161.19 -156.91
N HIS G 181 49.80 160.25 -157.16
CA HIS G 181 49.42 159.88 -158.51
C HIS G 181 48.16 160.66 -158.90
N PRO G 182 48.30 161.60 -159.85
CA PRO G 182 47.17 162.40 -160.36
C PRO G 182 46.31 161.62 -161.36
N ASN G 183 45.22 162.22 -161.84
CA ASN G 183 44.30 161.51 -162.72
C ASN G 183 44.24 162.01 -164.17
N ASP G 184 44.88 163.15 -164.44
CA ASP G 184 45.18 163.57 -165.81
C ASP G 184 46.44 164.43 -165.88
N ALA G 185 47.02 164.53 -167.07
CA ALA G 185 48.26 165.29 -167.26
C ALA G 185 48.11 166.77 -166.93
N ALA G 186 46.93 167.32 -167.22
CA ALA G 186 46.64 168.72 -166.96
C ALA G 186 46.79 169.01 -165.47
N GLU G 187 46.33 168.07 -164.64
CA GLU G 187 46.49 168.18 -163.20
C GLU G 187 47.96 168.14 -162.78
N GLN G 188 48.70 167.20 -163.38
CA GLN G 188 50.12 167.06 -163.12
C GLN G 188 50.85 168.38 -163.36
N THR G 189 50.57 169.03 -164.49
CA THR G 189 51.19 170.34 -164.77
C THR G 189 50.69 171.39 -163.79
N ARG G 190 49.39 171.35 -163.50
CA ARG G 190 48.73 172.34 -162.66
C ARG G 190 49.34 172.41 -161.26
N LEU G 191 49.65 171.25 -160.71
CA LEU G 191 50.17 171.17 -159.34
C LEU G 191 51.69 171.29 -159.30
N TYR G 192 52.36 170.60 -160.22
CA TYR G 192 53.81 170.55 -160.27
C TYR G 192 54.28 170.70 -161.72
N GLN G 193 54.38 171.93 -162.20
CA GLN G 193 54.73 172.27 -163.60
C GLN G 193 55.37 171.18 -164.45
N ASN G 194 56.35 170.49 -163.86
CA ASN G 194 57.07 169.42 -164.52
C ASN G 194 56.18 168.24 -164.94
N PRO G 195 56.20 167.92 -166.25
CA PRO G 195 55.38 166.85 -166.83
C PRO G 195 55.90 165.46 -166.48
N THR G 196 57.23 165.32 -166.44
CA THR G 196 57.86 164.04 -166.18
C THR G 196 58.63 164.10 -164.87
N THR G 197 58.01 163.60 -163.79
CA THR G 197 58.61 163.71 -162.46
C THR G 197 59.03 162.37 -161.86
N TYR G 198 59.69 162.44 -160.71
CA TYR G 198 60.24 161.26 -160.04
C TYR G 198 60.56 161.61 -158.60
N ILE G 199 60.86 160.59 -157.80
CA ILE G 199 61.39 160.77 -156.45
C ILE G 199 62.46 159.71 -156.21
N SER G 200 63.72 160.16 -156.09
CA SER G 200 64.82 159.28 -155.76
C SER G 200 65.07 159.30 -154.25
N ILE G 201 65.20 158.11 -153.68
CA ILE G 201 65.36 157.93 -152.24
C ILE G 201 66.52 156.99 -151.99
N GLY G 202 67.51 157.47 -151.25
CA GLY G 202 68.67 156.65 -150.97
C GLY G 202 69.06 156.67 -149.51
N THR G 203 69.56 155.53 -149.05
CA THR G 203 70.24 155.46 -147.76
C THR G 203 71.48 154.63 -148.01
N SER G 204 71.95 153.92 -146.99
CA SER G 204 73.05 152.99 -147.15
C SER G 204 72.58 151.70 -147.80
N THR G 205 71.32 151.36 -147.54
CA THR G 205 70.77 150.09 -147.98
C THR G 205 69.56 150.32 -148.89
N LEU G 206 69.00 151.53 -148.86
CA LEU G 206 67.82 151.84 -149.63
C LEU G 206 68.22 152.59 -150.89
N ASN G 207 67.66 152.19 -152.02
CA ASN G 207 68.05 152.75 -153.32
C ASN G 207 66.90 152.63 -154.31
N GLN G 208 65.93 153.54 -154.23
CA GLN G 208 64.80 153.45 -155.14
C GLN G 208 64.41 154.75 -155.84
N ARG G 209 63.75 154.62 -156.99
CA ARG G 209 63.41 155.77 -157.82
C ARG G 209 61.99 155.62 -158.33
N LEU G 210 61.06 156.28 -157.64
CA LEU G 210 59.64 156.19 -157.98
C LEU G 210 59.26 157.19 -159.07
N VAL G 211 58.28 156.83 -159.89
CA VAL G 211 57.66 157.78 -160.83
C VAL G 211 56.15 157.69 -160.69
N PRO G 212 55.44 158.84 -160.83
CA PRO G 212 53.98 158.84 -160.63
C PRO G 212 53.23 158.11 -161.72
N LYS G 213 52.06 157.59 -161.38
CA LYS G 213 51.25 156.84 -162.32
C LYS G 213 49.95 157.57 -162.60
N ILE G 214 49.93 158.38 -163.66
CA ILE G 214 48.70 159.04 -164.06
C ILE G 214 47.77 158.02 -164.71
N ALA G 215 46.53 158.00 -164.27
CA ALA G 215 45.55 156.99 -164.68
C ALA G 215 44.16 157.45 -164.27
N THR G 216 43.15 157.07 -165.05
CA THR G 216 41.79 157.46 -164.72
C THR G 216 41.16 156.40 -163.81
N ARG G 217 40.80 156.82 -162.60
CA ARG G 217 40.28 155.91 -161.58
C ARG G 217 38.99 156.49 -161.01
N SER G 218 38.23 155.65 -160.30
CA SER G 218 36.99 156.10 -159.70
C SER G 218 37.27 156.91 -158.43
N LYS G 219 36.22 157.55 -157.89
CA LYS G 219 36.37 158.41 -156.73
C LYS G 219 36.29 157.65 -155.41
N VAL G 220 37.31 157.79 -154.57
CA VAL G 220 37.24 157.30 -153.20
C VAL G 220 37.35 158.52 -152.29
N ASN G 221 36.42 158.64 -151.35
CA ASN G 221 36.24 159.86 -150.56
C ASN G 221 36.26 161.12 -151.42
N GLY G 222 35.59 161.05 -152.56
CA GLY G 222 35.42 162.17 -153.47
C GLY G 222 36.63 162.52 -154.31
N GLN G 223 37.66 161.67 -154.28
CA GLN G 223 38.87 161.96 -155.04
C GLN G 223 39.26 160.76 -155.88
N SER G 224 39.61 161.00 -157.14
CA SER G 224 40.10 159.93 -157.99
C SER G 224 41.62 159.86 -158.00
N GLY G 225 42.28 160.86 -157.40
CA GLY G 225 43.73 160.85 -157.29
C GLY G 225 44.13 159.93 -156.17
N ARG G 226 45.40 159.52 -156.15
CA ARG G 226 45.84 158.55 -155.13
C ARG G 226 47.13 158.99 -154.43
N MET G 227 47.27 158.57 -153.18
CA MET G 227 48.53 158.76 -152.47
C MET G 227 49.10 157.38 -152.14
N GLU G 228 50.36 157.15 -152.47
CA GLU G 228 50.98 155.90 -152.06
C GLU G 228 52.12 156.21 -151.11
N PHE G 229 52.06 155.63 -149.92
CA PHE G 229 53.07 155.93 -148.90
C PHE G 229 54.10 154.83 -148.71
N PHE G 230 55.34 155.24 -148.48
CA PHE G 230 56.44 154.34 -148.27
C PHE G 230 57.10 154.65 -146.95
N TRP G 231 57.88 153.71 -146.45
CA TRP G 231 58.57 153.86 -145.17
C TRP G 231 59.95 153.21 -145.18
N THR G 232 60.74 153.51 -144.17
CA THR G 232 62.04 152.85 -144.01
C THR G 232 62.53 153.06 -142.58
N ILE G 233 63.48 152.23 -142.17
CA ILE G 233 64.11 152.38 -140.86
C ILE G 233 65.56 152.82 -140.99
N LEU G 234 65.79 154.11 -140.74
CA LEU G 234 67.11 154.71 -140.76
C LEU G 234 67.89 154.31 -139.51
N LYS G 235 69.06 153.72 -139.70
CA LYS G 235 69.96 153.41 -138.60
C LYS G 235 70.61 154.69 -138.10
N PRO G 236 71.09 154.68 -136.83
CA PRO G 236 71.86 155.83 -136.36
C PRO G 236 73.10 156.05 -137.22
N ASN G 237 73.37 157.31 -137.56
CA ASN G 237 74.51 157.70 -138.41
C ASN G 237 74.26 157.47 -139.89
N ASP G 238 73.14 156.82 -140.21
CA ASP G 238 72.70 156.66 -141.59
C ASP G 238 71.98 157.95 -142.02
N ALA G 239 71.91 158.20 -143.32
CA ALA G 239 71.23 159.40 -143.80
C ALA G 239 70.24 159.05 -144.91
N ILE G 240 69.19 159.85 -145.03
CA ILE G 240 68.20 159.62 -146.09
C ILE G 240 68.24 160.76 -147.09
N ASN G 241 68.17 160.43 -148.38
CA ASN G 241 68.37 161.41 -149.43
C ASN G 241 67.23 161.39 -150.44
N PHE G 242 66.59 162.55 -150.59
CA PHE G 242 65.48 162.73 -151.51
C PHE G 242 65.89 163.67 -152.61
N GLU G 243 65.60 163.26 -153.85
CA GLU G 243 65.68 164.15 -155.00
C GLU G 243 64.41 164.04 -155.82
N SER G 244 63.72 165.16 -156.03
CA SER G 244 62.46 165.07 -156.78
C SER G 244 62.07 166.35 -157.49
N ASN G 245 61.52 166.23 -158.70
CA ASN G 245 61.05 167.41 -159.42
C ASN G 245 59.52 167.47 -159.49
N GLY G 246 58.85 166.72 -158.62
CA GLY G 246 57.40 166.74 -158.54
C GLY G 246 56.78 165.58 -157.77
N ASN G 247 55.46 165.63 -157.62
CA ASN G 247 54.69 164.56 -156.96
C ASN G 247 55.28 164.06 -155.64
N PHE G 248 56.02 164.93 -154.96
CA PHE G 248 56.76 164.55 -153.75
C PHE G 248 56.04 164.94 -152.47
N ILE G 249 55.64 163.93 -151.71
CA ILE G 249 55.01 164.14 -150.42
C ILE G 249 56.08 164.02 -149.35
N ALA G 250 56.59 165.17 -148.91
CA ALA G 250 57.76 165.18 -148.05
C ALA G 250 57.44 164.78 -146.62
N PRO G 251 58.40 164.18 -145.93
CA PRO G 251 58.21 163.91 -144.50
C PRO G 251 58.27 165.21 -143.71
N GLU G 252 57.77 165.18 -142.47
CA GLU G 252 57.88 166.31 -141.57
C GLU G 252 58.23 165.77 -140.18
N TYR G 253 57.49 164.75 -139.76
CA TYR G 253 57.76 164.06 -138.50
C TYR G 253 58.20 162.63 -138.72
N ALA G 254 59.16 162.17 -137.93
CA ALA G 254 59.61 160.79 -138.00
C ALA G 254 59.59 160.26 -136.58
N TYR G 255 59.64 158.94 -136.42
CA TYR G 255 59.44 158.35 -135.10
C TYR G 255 60.67 157.64 -134.55
N LYS G 256 61.18 158.07 -133.40
CA LYS G 256 62.33 157.39 -132.79
C LYS G 256 61.92 156.16 -131.97
N ILE G 257 62.38 154.98 -132.38
CA ILE G 257 62.11 153.77 -131.61
C ILE G 257 63.01 153.77 -130.38
N VAL G 258 62.49 154.30 -129.27
CA VAL G 258 63.30 154.49 -128.08
C VAL G 258 63.05 153.42 -127.05
N LYS G 259 62.08 152.55 -127.32
CA LYS G 259 61.76 151.47 -126.39
C LYS G 259 61.21 150.27 -127.14
N LYS G 260 62.06 149.28 -127.34
CA LYS G 260 61.68 148.02 -127.97
C LYS G 260 61.19 147.04 -126.91
N GLY G 261 60.79 145.85 -127.35
CA GLY G 261 60.43 144.80 -126.44
C GLY G 261 59.25 144.01 -126.95
N ASP G 262 58.91 142.93 -126.25
CA ASP G 262 57.78 142.10 -126.65
C ASP G 262 56.48 142.86 -126.48
N SER G 263 55.88 143.21 -127.61
CA SER G 263 54.57 143.84 -127.65
C SER G 263 53.69 142.98 -128.53
N ALA G 264 52.60 143.55 -129.04
CA ALA G 264 51.73 142.86 -129.99
C ALA G 264 50.70 143.84 -130.55
N ILE G 265 49.98 143.41 -131.57
CA ILE G 265 48.83 144.19 -132.05
C ILE G 265 47.57 143.33 -131.96
N MET G 266 46.66 143.76 -131.10
CA MET G 266 45.41 143.06 -130.89
C MET G 266 44.33 143.59 -131.80
N LYS G 267 43.52 142.68 -132.31
CA LYS G 267 42.28 143.06 -132.98
C LYS G 267 41.16 142.84 -131.98
N SER G 268 40.46 143.91 -131.63
CA SER G 268 39.39 143.84 -130.64
C SER G 268 38.47 145.04 -130.73
N GLU G 269 37.17 144.79 -130.64
CA GLU G 269 36.20 145.87 -130.67
C GLU G 269 35.98 146.45 -129.28
N LEU G 270 36.48 145.76 -128.25
CA LEU G 270 36.33 146.24 -126.88
C LEU G 270 37.12 147.52 -126.68
N GLU G 271 36.68 148.34 -125.72
CA GLU G 271 37.39 149.58 -125.41
C GLU G 271 38.06 149.49 -124.03
N TYR G 272 38.80 150.53 -123.67
CA TYR G 272 39.59 150.52 -122.44
C TYR G 272 38.71 150.50 -121.20
N GLY G 273 38.81 149.41 -120.43
CA GLY G 273 38.30 149.40 -119.08
C GLY G 273 39.41 149.96 -118.20
N ASN G 274 39.07 150.42 -117.00
CA ASN G 274 40.09 150.95 -116.11
C ASN G 274 40.58 149.89 -115.14
N CYS G 275 41.35 148.93 -115.66
CA CYS G 275 41.80 147.78 -114.88
C CYS G 275 43.28 147.44 -115.09
N ASN G 276 43.68 146.32 -114.52
CA ASN G 276 45.07 145.83 -114.63
C ASN G 276 45.08 144.30 -114.59
N THR G 277 45.87 143.69 -115.47
CA THR G 277 45.91 142.23 -115.54
C THR G 277 47.31 141.69 -115.85
N LYS G 278 47.47 140.38 -115.68
CA LYS G 278 48.71 139.70 -116.04
C LYS G 278 48.52 138.87 -117.31
N CYS G 279 47.27 138.84 -117.78
CA CYS G 279 46.90 138.07 -118.96
C CYS G 279 45.74 138.74 -119.67
N GLN G 280 45.89 138.95 -120.97
CA GLN G 280 44.90 139.72 -121.72
C GLN G 280 44.49 139.02 -123.01
N THR G 281 43.17 138.96 -123.25
CA THR G 281 42.63 138.45 -124.51
C THR G 281 41.90 139.60 -125.19
N PRO G 282 41.59 139.45 -126.49
CA PRO G 282 40.90 140.55 -127.18
C PRO G 282 39.45 140.72 -126.71
N MET G 283 38.94 139.73 -125.97
CA MET G 283 37.57 139.79 -125.49
C MET G 283 37.45 139.95 -123.98
N GLY G 284 38.58 140.05 -123.28
CA GLY G 284 38.60 140.27 -121.84
C GLY G 284 39.88 139.81 -121.17
N ALA G 285 40.12 140.27 -119.96
CA ALA G 285 41.34 139.90 -119.23
C ALA G 285 41.07 138.70 -118.33
N ILE G 286 42.14 138.04 -117.88
CA ILE G 286 42.00 136.85 -117.06
C ILE G 286 42.77 136.96 -115.75
N ASN G 287 42.15 136.51 -114.65
CA ASN G 287 42.82 136.39 -113.36
C ASN G 287 42.64 134.98 -112.84
N SER G 288 43.63 134.13 -113.11
CA SER G 288 43.54 132.71 -112.75
C SER G 288 44.90 132.07 -112.56
N SER G 289 44.94 131.03 -111.74
CA SER G 289 46.14 130.24 -111.54
C SER G 289 46.01 128.96 -112.35
N MET G 290 44.82 128.77 -112.91
CA MET G 290 44.49 127.65 -113.79
C MET G 290 45.51 127.54 -114.93
N PRO G 291 45.89 126.30 -115.29
CA PRO G 291 46.86 126.06 -116.34
C PRO G 291 46.23 126.11 -117.73
N PHE G 292 44.91 126.06 -117.80
CA PHE G 292 44.20 126.07 -119.08
C PHE G 292 43.15 127.17 -119.16
N HIS G 293 42.71 127.46 -120.39
CA HIS G 293 41.59 128.37 -120.63
C HIS G 293 41.02 128.11 -122.02
N ASN G 294 39.82 128.62 -122.27
CA ASN G 294 39.14 128.40 -123.55
C ASN G 294 38.48 129.67 -124.04
N ILE G 295 39.15 130.79 -123.82
CA ILE G 295 38.58 132.10 -124.12
C ILE G 295 38.97 132.55 -125.54
N HIS G 296 40.27 132.60 -125.82
CA HIS G 296 40.72 133.06 -127.14
C HIS G 296 42.13 132.58 -127.45
N PRO G 297 42.42 132.29 -128.72
CA PRO G 297 43.77 131.88 -129.11
C PRO G 297 44.78 133.00 -128.88
N LEU G 298 44.59 134.15 -129.52
CA LEU G 298 45.53 135.27 -129.41
C LEU G 298 45.58 135.83 -127.99
N THR G 299 46.59 135.42 -127.23
CA THR G 299 46.72 135.81 -125.84
C THR G 299 48.05 136.53 -125.63
N ILE G 300 48.06 137.53 -124.75
CA ILE G 300 49.30 138.23 -124.42
C ILE G 300 49.53 138.34 -122.91
N GLY G 301 50.78 138.16 -122.49
CA GLY G 301 51.15 138.29 -121.09
C GLY G 301 51.49 136.93 -120.53
N GLU G 302 51.46 136.83 -119.20
CA GLU G 302 51.67 135.55 -118.54
C GLU G 302 50.31 134.89 -118.34
N CYS G 303 49.94 134.06 -119.30
CA CYS G 303 48.60 133.52 -119.40
C CYS G 303 48.58 132.00 -119.45
N PRO G 304 47.45 131.40 -119.04
CA PRO G 304 47.18 129.98 -119.25
C PRO G 304 47.14 129.62 -120.73
N LYS G 305 47.19 128.32 -121.01
CA LYS G 305 47.26 127.81 -122.38
C LYS G 305 45.87 127.59 -122.97
N TYR G 306 45.62 128.11 -124.16
CA TYR G 306 44.29 128.01 -124.76
C TYR G 306 44.02 126.60 -125.29
N VAL G 307 42.77 126.16 -125.13
CA VAL G 307 42.33 124.84 -125.57
C VAL G 307 40.86 124.95 -125.97
N LYS G 308 40.45 124.22 -127.01
CA LYS G 308 39.12 124.36 -127.57
C LYS G 308 38.00 123.78 -126.71
N SER G 309 38.36 122.93 -125.75
CA SER G 309 37.39 122.20 -124.94
C SER G 309 36.37 123.08 -124.24
N ASN G 310 35.19 122.50 -124.03
CA ASN G 310 34.10 123.16 -123.32
C ASN G 310 34.15 122.78 -121.84
N ARG G 311 34.77 121.65 -121.56
CA ARG G 311 34.82 121.10 -120.22
C ARG G 311 36.09 120.29 -119.99
N LEU G 312 36.84 120.68 -118.97
CA LEU G 312 38.03 119.94 -118.56
C LEU G 312 37.99 119.79 -117.04
N VAL G 313 37.72 118.57 -116.59
CA VAL G 313 37.68 118.29 -115.15
C VAL G 313 38.59 117.11 -114.84
N LEU G 314 39.43 117.25 -113.82
CA LEU G 314 40.33 116.17 -113.44
C LEU G 314 39.83 115.47 -112.18
N ALA G 315 39.87 114.14 -112.19
CA ALA G 315 39.38 113.35 -111.07
C ALA G 315 40.46 113.21 -110.00
N THR G 316 40.24 113.81 -108.84
CA THR G 316 41.18 113.69 -107.74
C THR G 316 40.71 112.59 -106.79
N GLY G 317 39.41 112.60 -106.48
CA GLY G 317 38.84 111.62 -105.59
C GLY G 317 38.47 110.35 -106.35
N LEU G 318 37.89 109.39 -105.65
CA LEU G 318 37.53 108.12 -106.26
C LEU G 318 36.03 108.03 -106.55
N ARG G 319 35.59 106.83 -106.95
CA ARG G 319 34.23 106.62 -107.40
C ARG G 319 33.26 106.81 -106.24
N ASN G 320 32.13 107.46 -106.52
CA ASN G 320 31.16 107.78 -105.48
C ASN G 320 29.87 106.97 -105.60
N SER G 321 29.06 107.01 -104.53
CA SER G 321 27.78 106.30 -104.50
C SER G 321 26.85 106.89 -103.45
N GLY H 1 35.10 98.88 -111.96
CA GLY H 1 36.21 98.67 -111.06
C GLY H 1 37.22 97.67 -111.59
N LEU H 2 38.45 98.13 -111.80
CA LEU H 2 39.52 97.30 -112.34
C LEU H 2 39.97 96.18 -111.39
N PHE H 3 40.02 96.49 -110.10
CA PHE H 3 40.56 95.56 -109.10
C PHE H 3 39.50 94.82 -108.27
N GLY H 4 38.23 95.11 -108.54
CA GLY H 4 37.14 94.38 -107.94
C GLY H 4 36.70 94.88 -106.57
N ALA H 5 37.55 95.69 -105.94
CA ALA H 5 37.26 96.21 -104.61
C ALA H 5 36.08 97.18 -104.63
N ILE H 6 36.35 98.43 -104.96
CA ILE H 6 35.33 99.48 -105.00
C ILE H 6 34.19 99.13 -105.97
N ALA H 7 32.96 99.23 -105.47
CA ALA H 7 31.75 98.89 -106.23
C ALA H 7 31.77 97.48 -106.79
N GLY H 8 32.38 96.56 -106.03
CA GLY H 8 32.42 95.16 -106.39
C GLY H 8 31.99 94.34 -105.19
N PHE H 9 32.94 93.68 -104.53
CA PHE H 9 32.65 92.95 -103.31
C PHE H 9 32.48 93.89 -102.10
N ILE H 10 33.13 95.05 -102.15
CA ILE H 10 32.81 96.16 -101.25
C ILE H 10 31.85 97.11 -101.97
N GLU H 11 30.56 96.96 -101.67
CA GLU H 11 29.50 97.60 -102.46
C GLU H 11 29.40 99.13 -102.42
N GLY H 12 29.94 99.76 -101.37
CA GLY H 12 29.82 101.20 -101.27
C GLY H 12 30.86 101.91 -100.42
N GLY H 13 30.83 103.23 -100.47
CA GLY H 13 31.76 104.06 -99.75
C GLY H 13 31.17 104.67 -98.47
N TRP H 14 32.06 105.14 -97.60
CA TRP H 14 31.67 105.72 -96.32
C TRP H 14 31.67 107.24 -96.28
N GLN H 15 30.48 107.82 -96.15
CA GLN H 15 30.35 109.27 -95.96
C GLN H 15 30.90 109.64 -94.58
N GLY H 16 30.86 108.68 -93.66
CA GLY H 16 31.23 108.93 -92.28
C GLY H 16 32.72 108.89 -91.98
N MET H 17 33.52 108.41 -92.93
CA MET H 17 34.97 108.43 -92.76
C MET H 17 35.57 109.70 -93.38
N VAL H 18 35.90 110.66 -92.54
CA VAL H 18 36.31 111.99 -93.01
C VAL H 18 37.75 112.37 -92.62
N ASP H 19 38.46 111.45 -91.95
CA ASP H 19 39.79 111.75 -91.44
C ASP H 19 40.89 111.22 -92.38
N GLY H 20 40.56 111.13 -93.66
CA GLY H 20 41.46 110.56 -94.65
C GLY H 20 40.66 109.84 -95.74
N TRP H 21 41.36 109.08 -96.59
CA TRP H 21 40.68 108.39 -97.69
C TRP H 21 40.38 106.93 -97.36
N TYR H 22 41.37 106.22 -96.82
CA TYR H 22 41.20 104.82 -96.47
C TYR H 22 41.21 104.65 -94.96
N GLY H 23 40.75 103.51 -94.48
CA GLY H 23 40.74 103.23 -93.06
C GLY H 23 40.01 101.97 -92.67
N TYR H 24 39.55 101.94 -91.42
CA TYR H 24 38.99 100.74 -90.82
C TYR H 24 37.72 101.11 -90.05
N HIS H 25 36.84 100.14 -89.85
CA HIS H 25 35.72 100.31 -88.94
C HIS H 25 35.82 99.24 -87.85
N HIS H 26 35.97 99.68 -86.61
CA HIS H 26 36.13 98.76 -85.50
C HIS H 26 34.86 98.66 -84.66
N SER H 27 34.67 97.49 -84.04
CA SER H 27 33.51 97.21 -83.21
C SER H 27 33.94 96.26 -82.10
N ASN H 28 34.43 96.82 -81.01
CA ASN H 28 34.99 96.04 -79.91
C ASN H 28 34.36 96.32 -78.55
N GLU H 29 35.11 96.00 -77.49
CA GLU H 29 34.65 96.18 -76.12
C GLU H 29 34.64 97.65 -75.71
N GLN H 30 35.24 98.50 -76.53
CA GLN H 30 35.35 99.91 -76.22
C GLN H 30 34.57 100.80 -77.17
N GLY H 31 33.56 100.22 -77.83
CA GLY H 31 32.72 101.00 -78.72
C GLY H 31 32.91 100.64 -80.17
N SER H 32 32.19 101.33 -81.04
CA SER H 32 32.31 101.12 -82.48
C SER H 32 32.61 102.45 -83.15
N GLY H 33 33.53 102.45 -84.10
CA GLY H 33 33.94 103.70 -84.73
C GLY H 33 34.80 103.56 -85.97
N TYR H 34 34.96 104.67 -86.69
CA TYR H 34 35.77 104.70 -87.90
C TYR H 34 37.14 105.32 -87.65
N ALA H 35 38.17 104.66 -88.15
CA ALA H 35 39.53 105.19 -88.08
C ALA H 35 40.05 105.32 -89.50
N ALA H 36 40.96 106.27 -89.72
CA ALA H 36 41.50 106.50 -91.07
C ALA H 36 42.98 106.10 -91.17
N ASP H 37 43.30 105.30 -92.18
CA ASP H 37 44.66 104.82 -92.38
C ASP H 37 45.57 105.93 -92.90
N LYS H 38 46.50 106.38 -92.06
CA LYS H 38 47.35 107.53 -92.38
C LYS H 38 48.23 107.38 -93.61
N GLU H 39 49.16 106.42 -93.58
CA GLU H 39 50.23 106.35 -94.56
C GLU H 39 49.82 105.99 -95.99
N SER H 40 48.86 105.08 -96.14
CA SER H 40 48.37 104.72 -97.46
C SER H 40 47.65 105.91 -98.10
N THR H 41 46.70 106.47 -97.37
CA THR H 41 46.01 107.70 -97.76
C THR H 41 47.01 108.77 -98.19
N GLN H 42 48.01 108.98 -97.34
CA GLN H 42 49.05 109.97 -97.60
C GLN H 42 49.78 109.71 -98.91
N LYS H 43 50.22 108.47 -99.12
CA LYS H 43 50.94 108.10 -100.34
C LYS H 43 50.05 108.26 -101.58
N ALA H 44 48.75 108.06 -101.39
CA ALA H 44 47.77 108.31 -102.45
C ALA H 44 47.74 109.79 -102.79
N ILE H 45 47.61 110.63 -101.77
CA ILE H 45 47.65 112.08 -101.91
C ILE H 45 48.93 112.50 -102.65
N ASP H 46 50.05 111.89 -102.29
CA ASP H 46 51.32 112.11 -102.97
C ASP H 46 51.15 111.82 -104.46
N GLY H 47 50.58 110.65 -104.74
CA GLY H 47 50.33 110.22 -106.10
C GLY H 47 49.54 111.22 -106.92
N VAL H 48 48.41 111.68 -106.37
CA VAL H 48 47.52 112.57 -107.12
C VAL H 48 48.03 114.01 -107.23
N THR H 49 48.71 114.49 -106.19
CA THR H 49 49.27 115.84 -106.20
C THR H 49 50.42 115.91 -107.21
N ASN H 50 51.34 114.96 -107.11
CA ASN H 50 52.44 114.86 -108.05
C ASN H 50 51.94 114.61 -109.47
N LYS H 51 50.82 113.89 -109.59
CA LYS H 51 50.21 113.64 -110.89
C LYS H 51 49.66 114.92 -111.53
N VAL H 52 48.90 115.67 -110.74
CA VAL H 52 48.33 116.93 -111.23
C VAL H 52 49.43 117.90 -111.64
N ASN H 53 50.34 118.19 -110.70
CA ASN H 53 51.45 119.10 -111.01
C ASN H 53 52.34 118.61 -112.15
N SER H 54 52.47 117.30 -112.31
CA SER H 54 53.22 116.73 -113.43
C SER H 54 52.51 117.03 -114.74
N ILE H 55 51.20 116.80 -114.77
CA ILE H 55 50.40 117.05 -115.96
C ILE H 55 50.51 118.51 -116.36
N ILE H 56 50.41 119.41 -115.38
CA ILE H 56 50.61 120.83 -115.63
C ILE H 56 52.01 121.11 -116.21
N ASP H 57 53.04 120.60 -115.54
CA ASP H 57 54.43 120.80 -115.98
C ASP H 57 54.70 120.24 -117.38
N LYS H 58 53.89 119.28 -117.82
CA LYS H 58 54.04 118.72 -119.16
C LYS H 58 53.40 119.60 -120.22
N MET H 59 52.79 120.69 -119.78
CA MET H 59 52.06 121.58 -120.69
C MET H 59 52.26 123.04 -120.33
N ASN H 60 53.45 123.39 -119.87
CA ASN H 60 53.79 124.79 -119.64
C ASN H 60 54.55 125.32 -120.86
N THR H 61 55.16 124.39 -121.59
CA THR H 61 55.83 124.72 -122.85
C THR H 61 54.94 124.25 -124.00
N GLN H 62 53.82 124.93 -124.19
CA GLN H 62 52.84 124.55 -125.20
C GLN H 62 53.07 125.30 -126.50
N PHE H 63 52.00 125.90 -127.02
CA PHE H 63 52.05 126.66 -128.26
C PHE H 63 51.48 128.05 -128.02
N GLU H 64 52.18 129.07 -128.51
CA GLU H 64 51.71 130.44 -128.41
C GLU H 64 50.70 130.72 -129.50
N ALA H 65 50.43 131.99 -129.75
CA ALA H 65 49.47 132.37 -130.78
C ALA H 65 49.67 133.80 -131.22
N VAL H 66 50.72 134.04 -132.00
CA VAL H 66 50.93 135.37 -132.55
C VAL H 66 49.99 135.55 -133.73
N GLY H 67 49.49 136.78 -133.90
CA GLY H 67 48.57 137.08 -134.98
C GLY H 67 49.31 137.66 -136.17
N ARG H 68 48.86 137.33 -137.38
CA ARG H 68 49.55 137.82 -138.56
C ARG H 68 48.55 138.35 -139.58
N GLU H 69 48.92 139.46 -140.24
CA GLU H 69 48.06 140.16 -141.18
C GLU H 69 48.55 139.91 -142.61
N PHE H 70 47.62 139.86 -143.57
CA PHE H 70 47.98 139.62 -144.97
C PHE H 70 47.05 140.38 -145.90
N ASN H 71 47.57 140.85 -147.04
CA ASN H 71 46.76 141.64 -147.98
C ASN H 71 45.84 140.74 -148.82
N ASN H 72 45.17 141.33 -149.82
CA ASN H 72 44.22 140.57 -150.63
C ASN H 72 44.87 139.62 -151.62
N LEU H 73 46.15 139.83 -151.89
CA LEU H 73 46.90 138.94 -152.78
C LEU H 73 47.94 138.13 -152.01
N GLU H 74 47.69 137.95 -150.71
CA GLU H 74 48.48 137.06 -149.88
C GLU H 74 47.54 136.09 -149.17
N ARG H 75 46.51 135.66 -149.87
CA ARG H 75 45.49 134.81 -149.28
C ARG H 75 46.00 133.41 -148.98
N ARG H 76 46.98 132.96 -149.75
CA ARG H 76 47.50 131.59 -149.62
C ARG H 76 48.27 131.38 -148.32
N ILE H 77 49.25 132.23 -148.04
CA ILE H 77 50.03 132.10 -146.82
C ILE H 77 49.22 132.51 -145.59
N GLU H 78 48.18 133.30 -145.82
CA GLU H 78 47.23 133.65 -144.77
C GLU H 78 46.45 132.39 -144.38
N ASN H 79 45.91 131.72 -145.39
CA ASN H 79 45.22 130.45 -145.21
C ASN H 79 46.12 129.44 -144.53
N LEU H 80 47.40 129.43 -144.93
CA LEU H 80 48.37 128.53 -144.35
C LEU H 80 48.55 128.84 -142.87
N ASN H 81 48.70 130.11 -142.56
CA ASN H 81 48.90 130.56 -141.18
C ASN H 81 47.72 130.11 -140.30
N LYS H 82 46.51 130.38 -140.77
CA LYS H 82 45.31 129.97 -140.04
C LYS H 82 45.29 128.47 -139.85
N LYS H 83 45.37 127.75 -140.96
CA LYS H 83 45.32 126.29 -140.95
C LYS H 83 46.34 125.67 -140.00
N MET H 84 47.49 126.32 -139.86
CA MET H 84 48.56 125.78 -139.03
C MET H 84 48.32 126.06 -137.54
N GLU H 85 47.83 127.27 -137.25
CA GLU H 85 47.54 127.63 -135.86
C GLU H 85 46.34 126.82 -135.34
N ASP H 86 45.35 126.64 -136.20
CA ASP H 86 44.20 125.79 -135.93
C ASP H 86 44.64 124.34 -135.75
N GLY H 87 45.58 123.90 -136.60
CA GLY H 87 46.14 122.57 -136.49
C GLY H 87 46.71 122.34 -135.10
N PHE H 88 47.67 123.17 -134.72
CA PHE H 88 48.28 123.07 -133.39
C PHE H 88 47.24 123.13 -132.26
N LEU H 89 46.26 124.02 -132.41
CA LEU H 89 45.19 124.15 -131.42
C LEU H 89 44.47 122.82 -131.22
N ASP H 90 44.09 122.21 -132.34
CA ASP H 90 43.42 120.93 -132.32
C ASP H 90 44.29 119.86 -131.65
N VAL H 91 45.57 119.81 -132.03
CA VAL H 91 46.46 118.79 -131.45
C VAL H 91 46.65 118.94 -129.94
N TRP H 92 46.76 120.18 -129.46
CA TRP H 92 46.95 120.39 -128.03
C TRP H 92 45.67 120.16 -127.23
N THR H 93 44.53 120.51 -127.82
CA THR H 93 43.25 120.22 -127.20
C THR H 93 43.09 118.71 -127.07
N TYR H 94 43.42 118.00 -128.15
CA TYR H 94 43.47 116.54 -128.15
C TYR H 94 44.32 116.04 -127.00
N ASN H 95 45.53 116.58 -126.89
CA ASN H 95 46.48 116.15 -125.88
C ASN H 95 45.92 116.29 -124.47
N ALA H 96 45.32 117.45 -124.20
CA ALA H 96 44.76 117.73 -122.88
C ALA H 96 43.58 116.81 -122.55
N GLU H 97 42.60 116.77 -123.45
CA GLU H 97 41.43 115.92 -123.27
C GLU H 97 41.84 114.47 -123.01
N LEU H 98 42.65 113.92 -123.93
CA LEU H 98 43.06 112.52 -123.87
C LEU H 98 43.84 112.20 -122.61
N LEU H 99 44.85 113.03 -122.30
CA LEU H 99 45.63 112.84 -121.07
C LEU H 99 44.71 112.85 -119.85
N VAL H 100 43.80 113.81 -119.79
CA VAL H 100 42.84 113.90 -118.68
C VAL H 100 42.04 112.61 -118.53
N LEU H 101 41.50 112.11 -119.64
CA LEU H 101 40.75 110.86 -119.63
C LEU H 101 41.58 109.71 -119.07
N MET H 102 42.75 109.48 -119.69
CA MET H 102 43.63 108.39 -119.30
C MET H 102 43.98 108.45 -117.82
N GLU H 103 44.39 109.62 -117.35
CA GLU H 103 44.81 109.73 -115.96
C GLU H 103 43.65 109.71 -114.97
N ASN H 104 42.44 110.04 -115.44
CA ASN H 104 41.24 109.82 -114.64
C ASN H 104 41.04 108.33 -114.40
N GLU H 105 41.10 107.56 -115.49
CA GLU H 105 40.99 106.10 -115.36
C GLU H 105 42.06 105.53 -114.46
N ARG H 106 43.32 105.85 -114.75
CA ARG H 106 44.45 105.40 -113.95
C ARG H 106 44.29 105.78 -112.48
N THR H 107 43.74 106.96 -112.23
CA THR H 107 43.53 107.43 -110.85
C THR H 107 42.50 106.59 -110.12
N LEU H 108 41.35 106.39 -110.75
CA LEU H 108 40.27 105.63 -110.12
C LEU H 108 40.71 104.18 -109.87
N ASP H 109 41.31 103.57 -110.88
CA ASP H 109 41.81 102.21 -110.73
C ASP H 109 42.93 102.15 -109.70
N PHE H 110 43.62 103.28 -109.51
CA PHE H 110 44.67 103.35 -108.50
C PHE H 110 44.05 103.30 -107.11
N HIS H 111 42.96 104.03 -106.91
CA HIS H 111 42.23 103.98 -105.64
C HIS H 111 41.72 102.57 -105.36
N ASP H 112 41.15 101.96 -106.39
CA ASP H 112 40.66 100.57 -106.31
C ASP H 112 41.79 99.67 -105.82
N SER H 113 42.96 99.82 -106.45
CA SER H 113 44.16 99.06 -106.11
C SER H 113 44.55 99.29 -104.66
N ASN H 114 44.42 100.53 -104.19
CA ASN H 114 44.76 100.87 -102.80
C ASN H 114 43.84 100.18 -101.80
N VAL H 115 42.53 100.13 -102.11
CA VAL H 115 41.58 99.43 -101.27
C VAL H 115 41.94 97.95 -101.17
N LYS H 116 42.05 97.33 -102.35
CA LYS H 116 42.52 95.94 -102.46
C LYS H 116 43.75 95.67 -101.59
N ASN H 117 44.78 96.49 -101.79
CA ASN H 117 46.07 96.33 -101.10
C ASN H 117 46.03 96.53 -99.58
N LEU H 118 45.23 97.49 -99.10
CA LEU H 118 45.04 97.67 -97.66
C LEU H 118 44.38 96.42 -97.08
N TYR H 119 43.29 96.01 -97.72
CA TYR H 119 42.56 94.81 -97.33
C TYR H 119 43.50 93.60 -97.23
N ASP H 120 44.46 93.53 -98.15
CA ASP H 120 45.46 92.46 -98.11
C ASP H 120 46.54 92.67 -97.04
N LYS H 121 46.86 93.93 -96.74
CA LYS H 121 47.79 94.24 -95.66
C LYS H 121 47.26 93.70 -94.34
N VAL H 122 45.96 93.89 -94.12
CA VAL H 122 45.33 93.41 -92.89
C VAL H 122 45.12 91.89 -92.95
N ARG H 123 44.72 91.39 -94.12
CA ARG H 123 44.48 89.96 -94.32
C ARG H 123 45.66 89.06 -93.94
N LEU H 124 46.86 89.47 -94.31
CA LEU H 124 48.06 88.68 -94.01
C LEU H 124 48.44 88.76 -92.54
N GLN H 125 47.89 89.75 -91.84
CA GLN H 125 48.10 89.89 -90.41
C GLN H 125 47.17 88.96 -89.62
N LEU H 126 45.91 88.86 -90.05
CA LEU H 126 44.94 88.02 -89.36
C LEU H 126 44.67 86.72 -90.11
N ARG H 127 45.70 85.89 -90.21
CA ARG H 127 45.61 84.59 -90.89
C ARG H 127 44.49 83.71 -90.34
N ASP H 128 44.75 83.07 -89.21
CA ASP H 128 43.76 82.21 -88.58
C ASP H 128 42.86 82.96 -87.59
N ASN H 129 43.38 84.04 -87.01
CA ASN H 129 42.67 84.75 -85.94
C ASN H 129 41.43 85.53 -86.36
N ALA H 130 40.99 85.33 -87.59
CA ALA H 130 39.81 86.03 -88.12
C ALA H 130 39.32 85.39 -89.40
N LYS H 131 38.03 85.56 -89.69
CA LYS H 131 37.48 85.02 -90.93
C LYS H 131 37.06 86.12 -91.90
N GLU H 132 37.25 85.87 -93.19
CA GLU H 132 36.81 86.81 -94.22
C GLU H 132 35.29 86.79 -94.31
N LEU H 133 34.67 87.91 -93.95
CA LEU H 133 33.24 88.04 -94.00
C LEU H 133 32.72 88.10 -95.44
N GLY H 134 33.57 88.55 -96.35
CA GLY H 134 33.23 88.61 -97.76
C GLY H 134 33.00 90.02 -98.29
N ASN H 135 32.44 90.89 -97.45
CA ASN H 135 32.17 92.27 -97.87
C ASN H 135 33.31 93.22 -97.53
N GLY H 136 34.47 92.65 -97.23
CA GLY H 136 35.64 93.44 -96.89
C GLY H 136 35.82 93.55 -95.39
N CYS H 137 35.11 92.70 -94.65
CA CYS H 137 35.17 92.71 -93.19
C CYS H 137 35.77 91.42 -92.66
N PHE H 138 36.35 91.50 -91.46
CA PHE H 138 36.93 90.35 -90.78
C PHE H 138 36.24 90.10 -89.44
N GLU H 139 35.76 88.88 -89.21
CA GLU H 139 35.18 88.56 -87.91
C GLU H 139 36.22 87.95 -87.00
N PHE H 140 36.24 88.41 -85.75
CA PHE H 140 37.24 88.00 -84.77
C PHE H 140 36.91 86.73 -84.03
N TYR H 141 37.94 85.91 -83.79
CA TYR H 141 37.81 84.76 -82.91
C TYR H 141 38.05 85.15 -81.45
N HIS H 142 38.81 86.23 -81.23
CA HIS H 142 39.04 86.71 -79.86
C HIS H 142 38.58 88.16 -79.69
N LYS H 143 38.68 88.65 -78.45
CA LYS H 143 38.32 90.03 -78.12
C LYS H 143 39.52 90.96 -78.33
N CYS H 144 39.29 92.09 -79.00
CA CYS H 144 40.37 93.01 -79.35
C CYS H 144 40.11 94.44 -78.88
N ASP H 145 40.82 94.90 -77.85
CA ASP H 145 40.66 96.27 -77.37
C ASP H 145 41.18 97.28 -78.40
N ASN H 146 41.01 98.57 -78.13
CA ASN H 146 41.38 99.61 -79.10
C ASN H 146 42.88 99.65 -79.44
N GLU H 147 43.72 99.21 -78.52
CA GLU H 147 45.16 99.16 -78.79
C GLU H 147 45.57 97.91 -79.58
N CYS H 148 44.78 96.83 -79.46
CA CYS H 148 44.97 95.69 -80.34
C CYS H 148 44.53 96.12 -81.73
N MET H 149 43.44 96.87 -81.79
CA MET H 149 42.98 97.51 -83.02
C MET H 149 44.11 98.31 -83.64
N GLU H 150 44.75 99.14 -82.83
CA GLU H 150 45.88 99.94 -83.29
C GLU H 150 47.03 99.04 -83.75
N SER H 151 47.23 97.91 -83.06
CA SER H 151 48.27 96.97 -83.42
C SER H 151 48.01 96.40 -84.83
N ILE H 152 46.74 96.24 -85.16
CA ILE H 152 46.35 95.81 -86.50
C ILE H 152 46.57 96.98 -87.47
N ARG H 153 46.27 98.18 -87.00
CA ARG H 153 46.41 99.41 -87.79
C ARG H 153 47.86 99.76 -88.13
N ASN H 154 48.71 99.88 -87.12
CA ASN H 154 50.10 100.25 -87.33
C ASN H 154 50.99 99.09 -87.76
N GLY H 155 50.38 97.93 -87.90
CA GLY H 155 51.07 96.75 -88.40
C GLY H 155 51.71 95.92 -87.30
N THR H 156 51.57 96.37 -86.06
CA THR H 156 52.18 95.67 -84.94
C THR H 156 51.20 94.67 -84.33
N TYR H 157 50.38 94.05 -85.16
CA TYR H 157 49.43 93.06 -84.68
C TYR H 157 50.13 91.82 -84.17
N ASN H 158 50.12 91.66 -82.85
CA ASN H 158 50.67 90.46 -82.24
C ASN H 158 49.85 89.22 -82.56
N TYR H 159 50.26 88.49 -83.58
CA TYR H 159 49.60 87.23 -83.93
C TYR H 159 49.63 86.17 -82.79
N PRO H 160 50.74 86.08 -82.03
CA PRO H 160 50.78 85.14 -80.90
C PRO H 160 49.54 85.13 -80.00
N GLN H 161 48.47 84.52 -80.49
CA GLN H 161 47.25 84.27 -79.74
C GLN H 161 46.62 82.98 -80.26
N TYR H 162 45.84 82.32 -79.42
CA TYR H 162 45.05 81.18 -79.86
C TYR H 162 43.96 81.69 -80.82
N SER H 163 43.12 80.79 -81.32
CA SER H 163 41.96 81.22 -82.09
C SER H 163 40.87 80.16 -82.22
N GLU H 164 40.93 79.15 -81.37
CA GLU H 164 39.83 78.19 -81.26
C GLU H 164 39.73 77.64 -79.84
#